data_6IFN
#
_entry.id   6IFN
#
_cell.length_a   123.543
_cell.length_b   82.334
_cell.length_c   161.358
_cell.angle_alpha   90.00
_cell.angle_beta   99.32
_cell.angle_gamma   90.00
#
_symmetry.space_group_name_H-M   'P 1 21 1'
#
loop_
_entity.id
_entity.type
_entity.pdbx_description
1 polymer 'Type III-A CRISPR-associated protein Csm1'
2 polymer 'Type III-A CRISPR-associated RAMP protein Csm3'
3 polymer 'Type III-A CRISPR-associated RAMP protein Csm4'
4 polymer 'Type III-A CRISPR-associated protein Csm2'
5 polymer 'Type III-A CRISPR-associated RAMP protein Csm5'
6 polymer 'RNA (32-MER)'
7 non-polymer 'ZINC ION'
8 non-polymer 'MANGANESE (II) ION'
#
loop_
_entity_poly.entity_id
_entity_poly.type
_entity_poly.pdbx_seq_one_letter_code
_entity_poly.pdbx_strand_id
1 'polypeptide(L)'
;MKKEKIDLFYGALLHDIGKVIQRATGERKKHALVGADWFDEIADNQVISDQIRYHMANYQSDKLGNDHLAYITYIADNIA
SGVDRRQSNEESDEDTSAKIWDTYTNQADIFNVFGAQTDKRYFKPTVLNLKSKPNFASATYEPFSKGDYAAIATRIKNEL
AEFEFNQVQIDSLLNLFEATLSFVPSSTNTKEIADISLADHSRLTAAFALAIYDYLEDKGRHNYKEDLFTKVSAFYEEEA
FLLASFDLSGIQDFIYNINIATNGAAKQLKARSLYLDFMSEYIADSLLDKLGLNRANMLYVGGGHAYFVLANTEKTVETL
VQFEKDFNQFLLANFQTRLYVAFGWGSFAAKDIMSELNSPESYRQVYQKASRMISKKKISRYDYQTLMLLNRGGKSSERE
CEICHSVENLVSYHDQKVCDICRGLYQFSKEIAHDHFIITENEGLPIGPNACLKGVAFEKLSQEAFSRVYVKNDYKAGTV
KATHVFVGDYQCDEIYNYAALSKNENGLGIKRLAVVRLDVDDLGAAFMAGFSQQGNGQYSTLSRSATFSRSMSLFFKVYI
NQFASDKKLSIIYAGGDDVFAIGSWQDIIAFTVELRENFIKWTNGKLTLSAGIGLFADKTPISLMAHQTGELEEAAKGNE
KDSISLFSSDYTFKFDRFITNVYDDKLEQIRYFFNHQDERGKNFIYKLIELLRNHDRMNMARLAYYLTRLEELTRETDRD
KFKTFKNLFYSWYTNKNDKDRKEAELALLLYIYEIRKD
;
A
2 'polypeptide(L)'
;MTFAKIKFSAQIRLETGLHIGGSDAFAAIGAIDSPVIKDPITNLPIIPGSSLKGKMRTLLAKVYNEKVAEKPSDDSDILS
RLFGNSKDKRFKMGRLIFRDAFLSNADELDSLGVRSYTEVKFENTIDRITAEANPRQIERAIRNSTFDFELIYEITDENE
NQVEEDFKVIRDGLKLLELDYLGGSGSRGYGKVAFENLKATTVFGNYDVKTLNELLTAEV
;
F,E,G
3 'polypeptide(L)'
;MTYKLYIMTFQNAHFGSGTLDSSKLTFSADRIFSALVLEALKMGKLDAFLAEANQDKFTLTDAFPFQFGPFLPKPIGYPK
HDQIDQSVDVKEVRRQAKLSKKLQFLALENVDDYLNGELFENEEHAVIDTVTKNQPHKDDNLYQVATTRFSNDTSLYVIA
NESDLLNELMSSLQYSGLGGKRSSGFGRFELDIQNIPLELSDRLTKNHSDKVMSLTTALPVDADLEEAMEDGHYLLTKSS
GFAFSHATNENYRKQDLYKFASGSTFSKTFEGQIVDVRPLDFPHAVLNYAKPLFFKLEV
;
B
4 'polypeptide(L)'
;MTILTDENYVDIAEKAILKLERNTRNRKNPDAFFLTTSKLRNLLSLTSTLFDESKVKEYDALLDRIAYLRVQFVYQAGRE
IAVKDLIEKAQILEALKEIKDRETLQRFCRYMEALVAYFKFYGGKD
;
C,D
5 'polypeptide(L)'
;MKNDYRTFKLSLLTLAPIHIGNGEKYTSREFIYENKKFYFPDMGKFYNKMVEKRLAEKFEAFLIQTRPNARNNRLISFLN
DNRIAERSFGGYSISETGLESDKNPNSAGAINEVNKFIRDAFGNPYIPGSSLKGAIRTILMNTTPKWNNENAVNDFGRFP
KENKNLIPWGPKKGKEYDDLFNAIRVSDSKPFDNKSLILVQKWDYSAKTNKAKPLPLYRESISPLTKIEFEITTTTDEAG
RLIEELGKRAQAFYKDYKAFFLSEFPDDKIQANLQYPIYLGAGSGAWTKTLFKQADGILQRRYSRMKTKMVKKGVLKLTK
APLKTVKIPSGNHSLVKNHESFYEMGKANFMIKEIDK
;
H
6 'polyribonucleotide' ACGGAAACGCUUUCUAGCUCGCUAUAAUUACCCAUUCCUA N
#
# COMPACT_ATOMS: atom_id res chain seq x y z
N MET A 1 -27.27 -63.92 18.58
CA MET A 1 -27.36 -64.17 20.04
C MET A 1 -28.33 -65.35 20.25
N LYS A 2 -28.28 -65.98 21.44
CA LYS A 2 -29.30 -66.98 21.88
C LYS A 2 -30.65 -66.26 22.11
N LYS A 3 -31.76 -67.00 21.90
CA LYS A 3 -33.15 -66.45 21.98
C LYS A 3 -33.36 -65.78 23.36
N GLU A 4 -32.95 -66.49 24.41
CA GLU A 4 -33.05 -66.02 25.79
C GLU A 4 -32.44 -64.62 25.89
N LYS A 5 -31.36 -64.38 25.15
CA LYS A 5 -30.61 -63.12 25.19
C LYS A 5 -31.32 -62.04 24.39
N ILE A 6 -31.85 -62.43 23.22
CA ILE A 6 -32.59 -61.50 22.36
C ILE A 6 -33.78 -60.92 23.15
N ASP A 7 -34.50 -61.81 23.82
CA ASP A 7 -35.66 -61.44 24.62
C ASP A 7 -35.24 -60.51 25.76
N LEU A 8 -34.06 -60.75 26.35
CA LEU A 8 -33.58 -59.88 27.44
C LEU A 8 -33.39 -58.47 26.91
N PHE A 9 -32.71 -58.36 25.77
CA PHE A 9 -32.44 -57.08 25.18
C PHE A 9 -33.75 -56.32 24.99
N TYR A 10 -34.70 -56.95 24.30
CA TYR A 10 -35.93 -56.26 23.94
C TYR A 10 -36.71 -55.90 25.19
N GLY A 11 -36.66 -56.78 26.18
CA GLY A 11 -37.29 -56.50 27.43
C GLY A 11 -36.77 -55.21 28.00
N ALA A 12 -35.43 -55.11 28.05
CA ALA A 12 -34.76 -54.02 28.73
C ALA A 12 -34.99 -52.74 27.92
N LEU A 13 -34.85 -52.78 26.59
CA LEU A 13 -35.12 -51.59 25.78
C LEU A 13 -36.59 -51.14 25.92
N LEU A 14 -37.52 -52.09 25.97
CA LEU A 14 -38.97 -51.80 25.85
C LEU A 14 -39.67 -51.56 27.21
N HIS A 15 -39.05 -51.89 28.33
CA HIS A 15 -39.67 -51.58 29.61
C HIS A 15 -39.82 -50.07 29.66
N ASP A 16 -40.64 -49.56 30.57
CA ASP A 16 -40.79 -48.11 30.67
C ASP A 16 -41.09 -47.49 29.30
N ILE A 17 -41.66 -48.26 28.36
CA ILE A 17 -42.27 -47.70 27.13
C ILE A 17 -43.70 -47.26 27.43
N GLY A 18 -44.29 -47.82 28.48
CA GLY A 18 -45.60 -47.39 28.93
C GLY A 18 -45.64 -45.90 29.18
N LYS A 19 -44.51 -45.33 29.60
CA LYS A 19 -44.48 -43.94 29.97
C LYS A 19 -44.90 -43.10 28.78
N VAL A 20 -44.51 -43.52 27.58
CA VAL A 20 -44.82 -42.76 26.38
C VAL A 20 -46.32 -42.92 26.07
N ILE A 21 -46.76 -44.18 25.90
CA ILE A 21 -48.15 -44.49 25.52
C ILE A 21 -49.06 -43.77 26.51
N GLN A 22 -48.68 -43.79 27.80
CA GLN A 22 -49.50 -43.24 28.87
C GLN A 22 -49.40 -41.71 28.94
N ARG A 23 -48.29 -41.13 28.49
CA ARG A 23 -48.22 -39.70 28.49
C ARG A 23 -49.12 -39.15 27.39
N ALA A 24 -49.29 -39.90 26.31
CA ALA A 24 -50.17 -39.48 25.24
C ALA A 24 -51.62 -39.78 25.63
N THR A 25 -51.84 -41.01 26.13
CA THR A 25 -53.16 -41.52 26.56
C THR A 25 -53.66 -40.78 27.80
N GLY A 26 -52.80 -40.54 28.79
CA GLY A 26 -53.18 -39.91 30.06
C GLY A 26 -54.01 -40.80 30.97
N GLU A 27 -53.97 -42.12 30.76
CA GLU A 27 -54.75 -43.07 31.56
C GLU A 27 -54.18 -43.15 32.99
N ARG A 28 -55.07 -43.35 33.98
CA ARG A 28 -54.70 -43.43 35.39
C ARG A 28 -54.06 -44.79 35.72
N LYS A 29 -53.77 -45.59 34.67
CA LYS A 29 -53.16 -46.92 34.79
C LYS A 29 -51.63 -46.80 34.77
N LYS A 30 -50.98 -47.54 35.69
CA LYS A 30 -49.50 -47.57 35.81
C LYS A 30 -48.86 -47.99 34.47
N HIS A 31 -47.66 -47.45 34.20
CA HIS A 31 -47.01 -47.58 32.89
C HIS A 31 -46.54 -49.02 32.63
N ALA A 32 -46.22 -49.76 33.69
CA ALA A 32 -45.78 -51.12 33.52
C ALA A 32 -46.84 -51.92 32.77
N LEU A 33 -48.11 -51.66 33.10
CA LEU A 33 -49.20 -52.41 32.50
C LEU A 33 -49.61 -51.78 31.16
N VAL A 34 -49.59 -50.44 31.07
CA VAL A 34 -49.87 -49.79 29.80
C VAL A 34 -48.92 -50.41 28.76
N GLY A 35 -47.62 -50.31 29.05
CA GLY A 35 -46.59 -50.86 28.21
C GLY A 35 -46.86 -52.32 27.87
N ALA A 36 -46.84 -53.16 28.92
CA ALA A 36 -46.86 -54.60 28.74
C ALA A 36 -48.06 -55.02 27.90
N ASP A 37 -49.26 -54.52 28.26
CA ASP A 37 -50.53 -54.82 27.56
C ASP A 37 -50.40 -54.45 26.07
N TRP A 38 -49.92 -53.23 25.80
CA TRP A 38 -49.78 -52.74 24.44
C TRP A 38 -48.81 -53.61 23.65
N PHE A 39 -47.75 -54.08 24.29
CA PHE A 39 -46.84 -54.99 23.63
C PHE A 39 -47.58 -56.28 23.27
N ASP A 40 -48.45 -56.76 24.17
CA ASP A 40 -49.24 -57.98 23.95
C ASP A 40 -50.22 -57.80 22.78
N GLU A 41 -50.72 -56.55 22.59
CA GLU A 41 -51.55 -56.21 21.44
C GLU A 41 -50.86 -56.55 20.11
N ILE A 42 -49.54 -56.40 20.02
CA ILE A 42 -48.83 -56.39 18.71
C ILE A 42 -47.87 -57.59 18.54
N ALA A 43 -47.61 -58.38 19.59
CA ALA A 43 -46.78 -59.57 19.41
C ALA A 43 -46.91 -60.52 20.61
N ASP A 44 -46.58 -61.80 20.34
CA ASP A 44 -46.69 -62.89 21.29
C ASP A 44 -45.28 -63.26 21.75
N ASN A 45 -44.87 -62.75 22.92
CA ASN A 45 -43.58 -63.10 23.53
C ASN A 45 -43.68 -62.95 25.05
N GLN A 46 -43.78 -64.07 25.76
CA GLN A 46 -44.13 -64.01 27.15
C GLN A 46 -42.94 -63.42 27.92
N VAL A 47 -41.71 -63.85 27.58
CA VAL A 47 -40.53 -63.41 28.34
C VAL A 47 -40.39 -61.88 28.25
N ILE A 48 -40.68 -61.33 27.07
CA ILE A 48 -40.52 -59.89 26.79
C ILE A 48 -41.58 -59.07 27.56
N SER A 49 -42.86 -59.42 27.33
CA SER A 49 -43.97 -58.74 27.99
C SER A 49 -43.82 -58.83 29.50
N ASP A 50 -43.21 -59.94 29.96
CA ASP A 50 -43.00 -60.19 31.38
C ASP A 50 -42.00 -59.17 31.93
N GLN A 51 -40.92 -58.91 31.20
CA GLN A 51 -39.92 -57.99 31.66
C GLN A 51 -40.47 -56.55 31.63
N ILE A 52 -41.45 -56.29 30.75
CA ILE A 52 -42.11 -54.99 30.78
C ILE A 52 -43.02 -54.91 32.00
N ARG A 53 -43.78 -55.98 32.28
CA ARG A 53 -44.87 -55.95 33.26
C ARG A 53 -44.31 -55.86 34.68
N TYR A 54 -43.29 -56.67 34.97
CA TYR A 54 -42.75 -56.83 36.31
C TYR A 54 -41.38 -56.16 36.45
N HIS A 55 -41.02 -55.28 35.50
CA HIS A 55 -39.83 -54.44 35.65
C HIS A 55 -39.97 -53.61 36.94
N MET A 56 -41.22 -53.38 37.36
CA MET A 56 -41.56 -52.58 38.55
C MET A 56 -41.02 -53.27 39.81
N ALA A 57 -41.20 -54.58 39.91
CA ALA A 57 -40.73 -55.38 41.05
C ALA A 57 -41.13 -54.70 42.37
N ASP A 62 -43.35 -56.58 43.37
CA ASP A 62 -44.14 -57.47 42.55
C ASP A 62 -43.53 -58.89 42.56
N LYS A 63 -43.59 -59.55 43.73
CA LYS A 63 -42.99 -60.90 43.95
C LYS A 63 -43.96 -61.98 43.45
N LEU A 64 -44.12 -62.03 42.12
CA LEU A 64 -44.87 -63.05 41.41
C LEU A 64 -44.11 -64.36 41.57
N GLY A 65 -42.79 -64.19 41.61
CA GLY A 65 -41.85 -65.24 41.76
C GLY A 65 -41.08 -65.39 40.46
N ASN A 66 -40.38 -66.52 40.39
CA ASN A 66 -39.51 -66.94 39.29
C ASN A 66 -38.11 -66.33 39.50
N ASP A 67 -37.19 -66.83 38.68
CA ASP A 67 -35.89 -66.26 38.50
C ASP A 67 -35.83 -65.75 37.05
N HIS A 68 -36.72 -64.79 36.80
CA HIS A 68 -37.00 -64.33 35.47
C HIS A 68 -36.00 -63.25 35.09
N LEU A 69 -35.89 -63.03 33.79
CA LEU A 69 -34.99 -62.07 33.24
C LEU A 69 -35.43 -60.67 33.71
N ALA A 70 -36.67 -60.58 34.20
CA ALA A 70 -37.15 -59.38 34.82
C ALA A 70 -36.19 -58.94 35.93
N TYR A 71 -35.65 -59.90 36.69
CA TYR A 71 -34.80 -59.59 37.81
C TYR A 71 -33.50 -58.93 37.33
N ILE A 72 -33.06 -59.31 36.11
CA ILE A 72 -31.91 -58.67 35.43
C ILE A 72 -32.33 -57.24 35.07
N THR A 73 -33.35 -57.11 34.21
CA THR A 73 -33.80 -55.80 33.68
C THR A 73 -34.01 -54.80 34.81
N TYR A 74 -34.50 -55.28 35.97
CA TYR A 74 -34.77 -54.42 37.13
C TYR A 74 -33.48 -53.72 37.62
N ILE A 75 -32.45 -54.52 37.90
CA ILE A 75 -31.21 -54.04 38.51
C ILE A 75 -30.48 -53.17 37.48
N ALA A 76 -30.56 -53.55 36.20
CA ALA A 76 -29.95 -52.76 35.11
C ALA A 76 -30.66 -51.42 34.98
N ASP A 77 -32.00 -51.42 35.16
CA ASP A 77 -32.79 -50.21 35.19
C ASP A 77 -32.20 -49.28 36.27
N ASN A 78 -31.97 -49.83 37.48
CA ASN A 78 -31.45 -49.00 38.58
C ASN A 78 -30.02 -48.50 38.23
N ILE A 79 -29.17 -49.32 37.61
CA ILE A 79 -27.77 -48.92 37.34
C ILE A 79 -27.71 -47.90 36.20
N ALA A 80 -28.68 -47.98 35.28
CA ALA A 80 -28.72 -47.13 34.10
C ALA A 80 -29.03 -45.68 34.46
N SER A 81 -29.31 -45.41 35.73
CA SER A 81 -29.52 -44.06 36.22
C SER A 81 -28.66 -43.81 37.45
N GLY A 82 -28.45 -42.53 37.76
CA GLY A 82 -27.66 -42.15 38.94
C GLY A 82 -28.32 -42.55 40.26
N VAL A 83 -29.64 -42.77 40.25
CA VAL A 83 -30.40 -43.11 41.44
C VAL A 83 -30.23 -44.60 41.74
N ASP A 84 -30.40 -44.95 43.02
CA ASP A 84 -30.04 -46.26 43.58
C ASP A 84 -31.28 -47.05 44.04
N ARG A 85 -31.02 -48.26 44.56
CA ARG A 85 -32.00 -49.09 45.26
C ARG A 85 -31.63 -49.19 46.74
N THR A 103 -46.67 -30.51 39.18
CA THR A 103 -45.86 -31.63 39.63
C THR A 103 -44.91 -32.06 38.50
N TYR A 104 -45.46 -32.16 37.28
CA TYR A 104 -44.76 -32.74 36.10
C TYR A 104 -44.03 -31.65 35.30
N THR A 105 -42.85 -32.00 34.78
CA THR A 105 -42.03 -31.11 33.98
C THR A 105 -41.45 -31.86 32.76
N ASN A 106 -41.09 -31.07 31.75
CA ASN A 106 -40.48 -31.59 30.56
C ASN A 106 -39.02 -31.88 30.83
N GLN A 107 -38.31 -32.35 29.80
CA GLN A 107 -36.94 -32.77 29.92
C GLN A 107 -36.02 -31.57 30.11
N ALA A 108 -35.03 -31.74 30.98
CA ALA A 108 -34.12 -30.68 31.33
C ALA A 108 -32.88 -30.71 30.45
N ASP A 109 -32.37 -29.53 30.14
CA ASP A 109 -31.11 -29.35 29.49
C ASP A 109 -30.06 -30.12 30.31
N ILE A 110 -29.04 -30.64 29.63
CA ILE A 110 -27.94 -31.31 30.34
C ILE A 110 -27.12 -30.17 30.93
N PHE A 111 -27.09 -29.04 30.22
CA PHE A 111 -26.30 -27.90 30.60
C PHE A 111 -26.89 -27.16 31.80
N ASN A 112 -28.05 -27.59 32.29
CA ASN A 112 -28.56 -27.11 33.56
C ASN A 112 -27.50 -27.33 34.64
N VAL A 113 -27.13 -28.60 34.86
CA VAL A 113 -26.26 -28.96 35.99
C VAL A 113 -24.83 -29.07 35.50
N PHE A 114 -24.62 -28.77 34.23
CA PHE A 114 -23.28 -28.64 33.72
C PHE A 114 -22.70 -27.30 34.18
N GLY A 115 -21.51 -27.33 34.79
CA GLY A 115 -20.80 -26.09 35.17
C GLY A 115 -21.50 -25.29 36.26
N ALA A 116 -21.41 -23.97 36.17
CA ALA A 116 -21.98 -23.06 37.17
C ALA A 116 -23.50 -23.13 37.13
N GLN A 117 -24.12 -22.77 38.26
CA GLN A 117 -25.54 -22.59 38.33
C GLN A 117 -25.91 -21.24 37.69
N THR A 118 -26.87 -21.27 36.77
CA THR A 118 -27.37 -20.11 36.02
C THR A 118 -28.88 -20.35 35.86
N ASP A 119 -29.48 -19.84 34.79
CA ASP A 119 -30.87 -20.18 34.49
C ASP A 119 -30.94 -21.68 34.20
N LYS A 120 -32.11 -22.27 34.44
CA LYS A 120 -32.44 -23.64 34.05
C LYS A 120 -33.31 -23.59 32.80
N ARG A 121 -32.92 -24.37 31.77
CA ARG A 121 -33.65 -24.47 30.50
C ARG A 121 -34.19 -25.89 30.34
N TYR A 122 -35.18 -26.05 29.45
CA TYR A 122 -35.89 -27.33 29.27
C TYR A 122 -36.20 -27.55 27.79
N PHE A 123 -36.47 -28.81 27.45
CA PHE A 123 -36.58 -29.31 26.06
C PHE A 123 -38.02 -29.68 25.72
N LYS A 124 -38.56 -28.99 24.72
CA LYS A 124 -39.81 -29.38 24.12
C LYS A 124 -39.58 -30.70 23.40
N PRO A 125 -40.39 -31.73 23.64
CA PRO A 125 -40.25 -33.03 22.99
C PRO A 125 -40.63 -33.02 21.50
N THR A 126 -39.65 -33.37 20.67
CA THR A 126 -39.76 -33.47 19.25
C THR A 126 -39.12 -34.78 18.78
N VAL A 127 -39.51 -35.12 17.55
CA VAL A 127 -38.94 -36.15 16.76
C VAL A 127 -37.87 -35.52 15.87
N LEU A 128 -36.81 -36.29 15.61
CA LEU A 128 -35.63 -35.78 14.97
C LEU A 128 -35.84 -35.77 13.46
N ASN A 129 -35.55 -34.62 12.83
CA ASN A 129 -35.57 -34.49 11.37
C ASN A 129 -34.18 -34.01 10.93
N LEU A 130 -33.64 -34.59 9.86
CA LEU A 130 -32.36 -34.14 9.27
C LEU A 130 -32.41 -32.64 8.97
N LYS A 131 -33.29 -32.26 8.05
CA LYS A 131 -33.57 -30.87 7.79
C LYS A 131 -34.34 -30.31 9.00
N SER A 132 -33.68 -29.45 9.78
CA SER A 132 -34.22 -28.80 11.00
C SER A 132 -33.13 -27.94 11.66
N LYS A 133 -33.54 -26.83 12.27
CA LYS A 133 -32.65 -26.06 13.09
C LYS A 133 -32.53 -26.78 14.42
N PRO A 134 -31.55 -26.47 15.27
CA PRO A 134 -31.42 -27.11 16.56
C PRO A 134 -32.69 -26.94 17.41
N ASN A 135 -33.08 -28.02 18.10
CA ASN A 135 -34.19 -28.06 19.02
C ASN A 135 -33.76 -27.44 20.35
N PHE A 136 -33.64 -26.12 20.37
CA PHE A 136 -33.05 -25.40 21.52
C PHE A 136 -33.89 -25.61 22.78
N ALA A 137 -33.20 -25.74 23.90
CA ALA A 137 -33.87 -25.62 25.14
C ALA A 137 -34.26 -24.14 25.38
N SER A 138 -35.38 -23.94 26.09
CA SER A 138 -35.81 -22.61 26.54
C SER A 138 -36.18 -22.71 28.01
N ALA A 139 -36.08 -21.58 28.72
CA ALA A 139 -36.40 -21.52 30.15
C ALA A 139 -37.92 -21.58 30.35
N THR A 140 -38.63 -21.43 29.23
CA THR A 140 -40.05 -21.39 29.18
C THR A 140 -40.53 -22.57 28.35
N TYR A 141 -40.07 -23.78 28.70
CA TYR A 141 -40.72 -25.00 28.22
C TYR A 141 -40.88 -26.00 29.36
N GLU A 142 -40.75 -25.53 30.61
CA GLU A 142 -40.77 -26.41 31.76
C GLU A 142 -42.05 -27.24 31.74
N PRO A 143 -43.24 -26.62 31.65
CA PRO A 143 -44.51 -27.32 31.75
C PRO A 143 -44.69 -28.45 30.74
N PHE A 144 -45.00 -29.62 31.29
CA PHE A 144 -45.36 -30.82 30.56
C PHE A 144 -46.73 -30.63 29.88
N SER A 145 -46.86 -31.15 28.64
CA SER A 145 -48.13 -31.15 27.88
C SER A 145 -48.23 -32.44 27.05
N LYS A 146 -49.38 -33.10 27.18
CA LYS A 146 -49.71 -34.36 26.51
C LYS A 146 -49.71 -34.22 24.98
N GLY A 147 -49.98 -33.01 24.49
CA GLY A 147 -50.12 -32.75 23.06
C GLY A 147 -48.91 -33.26 22.30
N ASP A 148 -47.75 -32.85 22.82
CA ASP A 148 -46.50 -33.05 22.17
C ASP A 148 -46.25 -34.54 21.96
N TYR A 149 -46.95 -35.41 22.69
CA TYR A 149 -46.64 -36.81 22.66
C TYR A 149 -47.41 -37.57 21.60
N ALA A 150 -48.53 -37.00 21.12
CA ALA A 150 -49.39 -37.81 20.23
C ALA A 150 -48.60 -38.18 18.98
N ALA A 151 -48.05 -37.14 18.32
CA ALA A 151 -47.12 -37.25 17.19
C ALA A 151 -46.17 -38.44 17.38
N ILE A 152 -45.57 -38.52 18.57
CA ILE A 152 -44.52 -39.47 18.90
C ILE A 152 -45.13 -40.86 19.07
N ALA A 153 -46.10 -40.99 19.99
CA ALA A 153 -46.55 -42.32 20.44
C ALA A 153 -47.04 -43.11 19.23
N THR A 154 -47.82 -42.46 18.34
CA THR A 154 -48.37 -43.11 17.15
C THR A 154 -47.21 -43.56 16.25
N ARG A 155 -46.27 -42.65 15.98
CA ARG A 155 -45.13 -42.98 15.17
C ARG A 155 -44.41 -44.20 15.77
N ILE A 156 -44.36 -44.28 17.10
CA ILE A 156 -43.78 -45.44 17.73
C ILE A 156 -44.65 -46.66 17.40
N LYS A 157 -45.92 -46.61 17.82
CA LYS A 157 -46.74 -47.80 17.83
C LYS A 157 -46.89 -48.33 16.39
N ASN A 158 -47.16 -47.42 15.44
CA ASN A 158 -47.12 -47.68 14.00
C ASN A 158 -45.92 -48.56 13.66
N GLU A 159 -44.72 -48.04 13.89
CA GLU A 159 -43.52 -48.70 13.45
C GLU A 159 -43.29 -50.00 14.23
N LEU A 160 -43.82 -50.14 15.44
CA LEU A 160 -43.63 -51.43 16.09
C LEU A 160 -44.77 -52.39 15.76
N ALA A 161 -45.88 -51.87 15.21
CA ALA A 161 -47.08 -52.67 14.93
C ALA A 161 -46.68 -53.97 14.22
N GLU A 162 -46.23 -53.84 12.97
CA GLU A 162 -45.72 -54.98 12.21
C GLU A 162 -44.20 -54.97 12.30
N PHE A 163 -43.66 -55.67 13.30
CA PHE A 163 -42.25 -55.60 13.66
C PHE A 163 -41.82 -56.87 14.40
N GLU A 164 -40.94 -57.65 13.76
CA GLU A 164 -40.42 -58.90 14.34
C GLU A 164 -39.33 -58.55 15.37
N PHE A 165 -39.51 -58.97 16.62
CA PHE A 165 -38.47 -58.71 17.62
C PHE A 165 -37.41 -59.82 17.57
N ASN A 166 -36.37 -59.63 16.78
CA ASN A 166 -35.33 -60.62 16.61
C ASN A 166 -33.98 -59.89 16.49
N GLN A 167 -32.91 -60.69 16.37
CA GLN A 167 -31.54 -60.15 16.26
C GLN A 167 -31.47 -59.03 15.18
N VAL A 168 -31.82 -59.34 13.92
CA VAL A 168 -31.55 -58.44 12.77
C VAL A 168 -32.37 -57.13 12.83
N GLN A 169 -33.43 -57.10 13.65
CA GLN A 169 -34.29 -55.90 13.79
C GLN A 169 -33.70 -54.87 14.77
N ILE A 170 -32.74 -55.28 15.60
CA ILE A 170 -32.29 -54.52 16.77
C ILE A 170 -31.81 -53.10 16.39
N ASP A 171 -30.96 -52.96 15.37
CA ASP A 171 -30.33 -51.68 15.04
C ASP A 171 -31.32 -50.70 14.40
N SER A 172 -32.51 -51.19 14.05
CA SER A 172 -33.57 -50.33 13.55
C SER A 172 -34.35 -49.78 14.75
N LEU A 173 -34.64 -50.62 15.74
CA LEU A 173 -35.41 -50.19 16.92
C LEU A 173 -34.61 -49.09 17.66
N LEU A 174 -33.31 -49.32 17.84
CA LEU A 174 -32.44 -48.33 18.43
C LEU A 174 -32.70 -46.99 17.73
N ASN A 175 -32.62 -46.97 16.41
CA ASN A 175 -32.76 -45.75 15.64
C ASN A 175 -34.13 -45.15 15.92
N LEU A 176 -35.16 -45.99 16.01
CA LEU A 176 -36.47 -45.48 16.32
C LEU A 176 -36.42 -44.75 17.66
N PHE A 177 -35.91 -45.40 18.70
CA PHE A 177 -35.76 -44.74 19.99
C PHE A 177 -34.92 -43.48 19.85
N GLU A 178 -33.88 -43.51 19.02
CA GLU A 178 -33.04 -42.33 18.87
C GLU A 178 -33.85 -41.20 18.24
N ALA A 179 -34.80 -41.51 17.37
CA ALA A 179 -35.49 -40.53 16.56
C ALA A 179 -36.60 -39.85 17.35
N THR A 180 -37.37 -40.64 18.09
CA THR A 180 -38.60 -40.15 18.70
C THR A 180 -38.41 -39.78 20.18
N LEU A 181 -37.53 -40.49 20.89
CA LEU A 181 -37.42 -40.36 22.34
C LEU A 181 -36.13 -39.65 22.74
N SER A 182 -35.50 -38.89 21.83
CA SER A 182 -34.25 -38.27 22.24
C SER A 182 -34.56 -37.09 23.16
N PHE A 183 -35.77 -36.54 23.06
CA PHE A 183 -36.17 -35.40 23.88
C PHE A 183 -37.35 -35.72 24.83
N VAL A 184 -37.69 -37.02 24.95
CA VAL A 184 -38.57 -37.45 25.98
C VAL A 184 -37.76 -37.81 27.22
N PRO A 185 -38.07 -37.18 28.39
CA PRO A 185 -37.33 -37.43 29.62
C PRO A 185 -37.70 -38.78 30.23
N SER A 186 -36.72 -39.41 30.90
CA SER A 186 -36.83 -40.72 31.53
C SER A 186 -37.92 -40.70 32.60
N SER A 187 -37.98 -39.61 33.35
CA SER A 187 -39.05 -39.47 34.35
C SER A 187 -39.59 -38.04 34.28
N THR A 188 -40.90 -37.91 34.35
CA THR A 188 -41.58 -36.60 34.28
C THR A 188 -41.46 -35.91 35.64
N ASN A 189 -41.53 -36.67 36.73
CA ASN A 189 -41.41 -36.05 38.07
C ASN A 189 -40.31 -36.67 38.89
N THR A 190 -39.14 -36.04 38.82
CA THR A 190 -37.88 -36.32 39.56
C THR A 190 -36.87 -35.28 39.05
N LYS A 191 -36.08 -34.71 39.94
CA LYS A 191 -35.12 -33.70 39.57
C LYS A 191 -33.77 -34.35 39.27
N GLU A 192 -33.57 -35.55 39.82
CA GLU A 192 -32.29 -36.24 39.77
C GLU A 192 -31.98 -36.66 38.31
N ILE A 193 -32.89 -37.35 37.61
CA ILE A 193 -32.63 -37.76 36.23
C ILE A 193 -33.54 -37.00 35.26
N ALA A 194 -33.93 -35.78 35.65
CA ALA A 194 -34.84 -34.99 34.79
C ALA A 194 -34.27 -34.81 33.37
N ASP A 195 -32.94 -34.77 33.23
CA ASP A 195 -32.32 -34.33 32.01
C ASP A 195 -31.88 -35.51 31.16
N ILE A 196 -32.09 -36.74 31.63
CA ILE A 196 -31.65 -37.96 30.92
C ILE A 196 -32.78 -38.43 30.01
N SER A 197 -32.59 -38.26 28.70
CA SER A 197 -33.58 -38.73 27.74
C SER A 197 -33.90 -40.22 27.94
N LEU A 198 -35.16 -40.57 27.64
CA LEU A 198 -35.66 -41.96 27.76
C LEU A 198 -34.94 -42.87 26.74
N ALA A 199 -34.61 -42.31 25.56
CA ALA A 199 -33.86 -43.06 24.56
C ALA A 199 -32.56 -43.60 25.17
N ASP A 200 -31.77 -42.71 25.78
CA ASP A 200 -30.49 -43.05 26.35
C ASP A 200 -30.67 -43.95 27.55
N HIS A 201 -31.73 -43.74 28.33
CA HIS A 201 -31.95 -44.52 29.56
C HIS A 201 -32.25 -45.97 29.20
N SER A 202 -33.17 -46.15 28.25
CA SER A 202 -33.50 -47.46 27.80
C SER A 202 -32.28 -48.11 27.15
N ARG A 203 -31.57 -47.37 26.27
CA ARG A 203 -30.43 -47.89 25.61
C ARG A 203 -29.43 -48.42 26.65
N LEU A 204 -29.15 -47.60 27.66
CA LEU A 204 -28.17 -47.93 28.69
C LEU A 204 -28.63 -49.13 29.51
N THR A 205 -29.95 -49.18 29.76
CA THR A 205 -30.53 -50.28 30.50
C THR A 205 -30.26 -51.62 29.82
N ALA A 206 -30.41 -51.63 28.48
CA ALA A 206 -30.20 -52.82 27.67
C ALA A 206 -28.73 -53.21 27.71
N ALA A 207 -27.87 -52.19 27.70
CA ALA A 207 -26.43 -52.39 27.71
C ALA A 207 -26.03 -53.18 28.97
N PHE A 208 -26.47 -52.69 30.13
CA PHE A 208 -26.19 -53.34 31.40
C PHE A 208 -26.93 -54.67 31.53
N ALA A 209 -28.12 -54.78 30.93
CA ALA A 209 -28.89 -56.03 31.01
C ALA A 209 -28.06 -57.18 30.42
N LEU A 210 -27.61 -56.98 29.17
CA LEU A 210 -26.86 -58.00 28.45
C LEU A 210 -25.51 -58.19 29.12
N ALA A 211 -24.86 -57.10 29.52
CA ALA A 211 -23.53 -57.20 30.14
C ALA A 211 -23.63 -58.10 31.39
N ILE A 212 -24.64 -57.84 32.21
CA ILE A 212 -24.89 -58.62 33.41
C ILE A 212 -25.14 -60.08 33.03
N TYR A 213 -26.13 -60.30 32.16
CA TYR A 213 -26.48 -61.62 31.73
C TYR A 213 -25.21 -62.41 31.38
N ASP A 214 -24.30 -61.80 30.63
CA ASP A 214 -23.14 -62.49 30.16
C ASP A 214 -22.20 -62.78 31.33
N TYR A 215 -22.13 -61.87 32.30
CA TYR A 215 -21.25 -62.05 33.47
C TYR A 215 -21.64 -63.32 34.23
N LEU A 216 -22.93 -63.47 34.54
CA LEU A 216 -23.39 -64.64 35.29
C LEU A 216 -23.33 -65.90 34.41
N GLU A 217 -23.67 -65.82 33.13
CA GLU A 217 -23.44 -66.96 32.22
C GLU A 217 -22.02 -67.52 32.39
N ASP A 218 -21.00 -66.63 32.37
CA ASP A 218 -19.58 -67.02 32.41
C ASP A 218 -19.22 -67.60 33.78
N LYS A 219 -19.76 -67.02 34.86
CA LYS A 219 -19.46 -67.47 36.24
C LYS A 219 -20.54 -68.44 36.75
N GLY A 220 -21.44 -68.91 35.87
CA GLY A 220 -22.37 -70.03 36.16
C GLY A 220 -23.61 -69.68 36.98
N ARG A 221 -23.75 -68.44 37.44
CA ARG A 221 -24.78 -68.00 38.37
C ARG A 221 -26.12 -67.86 37.66
N HIS A 222 -27.12 -68.64 38.11
CA HIS A 222 -28.46 -68.57 37.55
C HIS A 222 -29.50 -68.11 38.57
N ASN A 223 -29.15 -67.81 39.82
CA ASN A 223 -30.21 -67.35 40.75
C ASN A 223 -30.28 -65.81 40.67
N TYR A 224 -31.01 -65.29 39.69
CA TYR A 224 -31.09 -63.86 39.48
C TYR A 224 -31.77 -63.22 40.69
N LYS A 225 -32.91 -63.76 41.13
CA LYS A 225 -33.70 -63.24 42.27
C LYS A 225 -32.82 -63.15 43.52
N GLU A 226 -31.89 -64.09 43.70
CA GLU A 226 -30.99 -64.03 44.84
C GLU A 226 -30.00 -62.86 44.67
N ASP A 227 -29.33 -62.80 43.52
CA ASP A 227 -28.14 -61.96 43.39
C ASP A 227 -28.50 -60.48 43.21
N LEU A 228 -29.41 -60.19 42.29
CA LEU A 228 -29.68 -58.82 41.90
C LEU A 228 -30.78 -58.21 42.77
N PHE A 229 -31.55 -59.06 43.48
CA PHE A 229 -32.68 -58.59 44.31
C PHE A 229 -32.39 -58.77 45.81
N THR A 230 -32.30 -60.02 46.32
CA THR A 230 -32.11 -60.24 47.78
C THR A 230 -30.75 -59.65 48.22
N LYS A 231 -29.73 -59.79 47.38
CA LYS A 231 -28.38 -59.30 47.66
C LYS A 231 -28.13 -57.93 47.02
N VAL A 232 -29.20 -57.22 46.64
CA VAL A 232 -29.17 -56.12 45.65
C VAL A 232 -27.94 -55.24 45.81
N SER A 233 -27.70 -54.78 47.05
CA SER A 233 -26.59 -53.86 47.35
C SER A 233 -25.22 -54.59 47.35
N ALA A 234 -25.21 -55.92 47.43
CA ALA A 234 -23.95 -56.63 47.47
C ALA A 234 -23.34 -56.68 46.07
N PHE A 235 -24.23 -56.79 45.07
CA PHE A 235 -23.82 -56.93 43.68
C PHE A 235 -23.21 -55.63 43.13
N TYR A 236 -23.72 -54.49 43.62
CA TYR A 236 -23.26 -53.19 43.18
C TYR A 236 -21.75 -53.01 43.42
N GLU A 237 -21.14 -53.88 44.23
CA GLU A 237 -19.73 -53.78 44.61
C GLU A 237 -18.89 -54.69 43.72
N GLU A 238 -19.58 -55.55 43.00
CA GLU A 238 -18.95 -56.65 42.35
C GLU A 238 -18.58 -56.24 40.93
N GLU A 239 -17.28 -56.37 40.58
CA GLU A 239 -16.73 -55.82 39.34
C GLU A 239 -17.06 -56.75 38.17
N ALA A 240 -18.25 -56.52 37.59
CA ALA A 240 -18.85 -57.34 36.53
C ALA A 240 -18.67 -56.68 35.17
N PHE A 241 -18.13 -55.47 35.13
CA PHE A 241 -18.15 -54.69 33.92
C PHE A 241 -16.74 -54.27 33.52
N LEU A 242 -16.57 -54.14 32.21
CA LEU A 242 -15.46 -53.50 31.58
C LEU A 242 -15.95 -52.25 30.87
N LEU A 243 -15.26 -51.13 31.11
CA LEU A 243 -15.31 -50.04 30.19
C LEU A 243 -14.16 -50.21 29.21
N ALA A 244 -14.50 -50.40 27.95
CA ALA A 244 -13.52 -50.72 26.93
C ALA A 244 -13.52 -49.60 25.89
N SER A 245 -12.39 -49.43 25.21
CA SER A 245 -12.20 -48.31 24.33
C SER A 245 -11.24 -48.70 23.21
N PHE A 246 -11.30 -47.98 22.09
CA PHE A 246 -10.28 -48.14 21.09
C PHE A 246 -10.02 -46.78 20.45
N ASP A 247 -8.81 -46.65 19.90
CA ASP A 247 -8.34 -45.43 19.29
C ASP A 247 -7.67 -45.85 17.99
N LEU A 248 -8.06 -45.24 16.87
CA LEU A 248 -7.54 -45.56 15.54
C LEU A 248 -6.63 -44.40 15.14
N SER A 249 -5.32 -44.65 15.19
CA SER A 249 -4.34 -43.56 15.06
C SER A 249 -3.98 -43.41 13.60
N GLY A 250 -3.86 -42.17 13.17
CA GLY A 250 -3.29 -41.88 11.86
C GLY A 250 -4.28 -41.24 10.91
N ILE A 251 -5.46 -40.84 11.41
CA ILE A 251 -6.60 -40.55 10.60
C ILE A 251 -6.44 -39.20 9.89
N GLN A 252 -6.05 -38.18 10.65
CA GLN A 252 -6.00 -36.85 10.10
C GLN A 252 -4.93 -36.87 9.01
N ASP A 253 -3.73 -37.35 9.35
CA ASP A 253 -2.59 -37.42 8.40
C ASP A 253 -2.97 -38.24 7.14
N PHE A 254 -3.88 -39.22 7.27
CA PHE A 254 -4.29 -40.05 6.14
C PHE A 254 -5.28 -39.33 5.22
N ILE A 255 -6.25 -38.67 5.82
CA ILE A 255 -7.29 -37.91 5.10
C ILE A 255 -6.66 -36.75 4.33
N TYR A 256 -5.88 -35.91 5.01
CA TYR A 256 -5.50 -34.61 4.49
C TYR A 256 -4.15 -34.67 3.79
N ASN A 257 -3.46 -35.79 3.82
CA ASN A 257 -2.19 -35.87 3.04
C ASN A 257 -2.44 -36.25 1.57
N ILE A 258 -2.74 -35.24 0.76
CA ILE A 258 -2.90 -35.37 -0.64
C ILE A 258 -1.82 -34.52 -1.28
N ASN A 259 -1.02 -35.15 -2.14
CA ASN A 259 0.11 -34.51 -2.78
C ASN A 259 -0.21 -34.30 -4.26
N ILE A 260 -1.50 -34.35 -4.60
CA ILE A 260 -1.95 -33.97 -5.93
C ILE A 260 -2.86 -32.73 -5.82
N ALA A 261 -2.75 -31.84 -6.81
CA ALA A 261 -3.54 -30.63 -6.86
C ALA A 261 -4.60 -30.69 -7.97
N THR A 262 -4.81 -31.84 -8.62
CA THR A 262 -5.83 -31.94 -9.70
C THR A 262 -7.25 -31.83 -9.14
N ASN A 263 -8.19 -31.54 -10.05
CA ASN A 263 -9.63 -31.78 -9.85
C ASN A 263 -9.86 -33.19 -9.28
N GLY A 264 -9.19 -34.18 -9.89
CA GLY A 264 -9.39 -35.56 -9.53
C GLY A 264 -9.04 -35.82 -8.08
N ALA A 265 -7.95 -35.20 -7.62
CA ALA A 265 -7.38 -35.49 -6.29
C ALA A 265 -8.32 -35.03 -5.17
N ALA A 266 -9.15 -34.01 -5.45
CA ALA A 266 -10.17 -33.52 -4.50
C ALA A 266 -11.12 -34.67 -4.11
N LYS A 267 -11.54 -35.45 -5.10
CA LYS A 267 -12.44 -36.58 -4.88
C LYS A 267 -11.93 -37.41 -3.68
N GLN A 268 -10.61 -37.65 -3.66
CA GLN A 268 -9.95 -38.44 -2.62
C GLN A 268 -10.18 -37.87 -1.21
N LEU A 269 -10.31 -36.56 -1.07
CA LEU A 269 -10.48 -35.97 0.25
C LEU A 269 -11.78 -36.48 0.87
N LYS A 270 -12.91 -36.13 0.25
CA LYS A 270 -14.24 -36.49 0.78
C LYS A 270 -14.32 -38.02 0.94
N ALA A 271 -13.71 -38.72 -0.02
CA ALA A 271 -13.67 -40.15 -0.02
C ALA A 271 -12.98 -40.68 1.26
N ARG A 272 -11.72 -40.29 1.44
CA ARG A 272 -10.88 -40.70 2.56
C ARG A 272 -11.62 -40.46 3.87
N SER A 273 -12.26 -39.29 3.95
CA SER A 273 -12.96 -38.90 5.15
C SER A 273 -14.01 -39.97 5.49
N LEU A 274 -14.91 -40.20 4.53
CA LEU A 274 -16.02 -41.09 4.76
C LEU A 274 -15.51 -42.52 5.00
N TYR A 275 -14.41 -42.87 4.33
CA TYR A 275 -13.88 -44.19 4.44
C TYR A 275 -13.60 -44.49 5.90
N LEU A 276 -12.74 -43.66 6.49
CA LEU A 276 -12.26 -43.94 7.83
C LEU A 276 -13.41 -43.78 8.85
N ASP A 277 -14.39 -42.94 8.53
CA ASP A 277 -15.54 -42.82 9.39
C ASP A 277 -16.21 -44.19 9.45
N PHE A 278 -16.31 -44.83 8.29
CA PHE A 278 -16.90 -46.15 8.24
C PHE A 278 -15.98 -47.22 8.85
N MET A 279 -14.66 -47.03 8.75
CA MET A 279 -13.74 -47.95 9.41
C MET A 279 -14.05 -48.00 10.92
N SER A 280 -14.12 -46.83 11.59
CA SER A 280 -14.32 -46.76 13.04
C SER A 280 -15.64 -47.41 13.39
N GLU A 281 -16.62 -47.25 12.50
CA GLU A 281 -17.92 -47.87 12.68
C GLU A 281 -17.79 -49.39 12.56
N TYR A 282 -17.13 -49.88 11.50
CA TYR A 282 -17.09 -51.32 11.25
C TYR A 282 -16.29 -52.04 12.34
N ILE A 283 -15.24 -51.40 12.86
CA ILE A 283 -14.54 -51.92 14.02
C ILE A 283 -15.58 -52.16 15.12
N ALA A 284 -16.40 -51.14 15.37
CA ALA A 284 -17.37 -51.14 16.45
C ALA A 284 -18.32 -52.33 16.29
N ASP A 285 -18.84 -52.49 15.07
CA ASP A 285 -19.87 -53.44 14.85
C ASP A 285 -19.32 -54.89 14.89
N SER A 286 -18.24 -55.15 14.15
CA SER A 286 -17.60 -56.49 14.12
C SER A 286 -17.14 -56.91 15.52
N LEU A 287 -16.77 -55.92 16.36
CA LEU A 287 -16.37 -56.21 17.72
C LEU A 287 -17.60 -56.62 18.54
N LEU A 288 -18.67 -55.85 18.42
CA LEU A 288 -19.81 -56.08 19.28
C LEU A 288 -20.43 -57.46 19.00
N ASP A 289 -20.33 -57.95 17.76
CA ASP A 289 -20.93 -59.27 17.44
C ASP A 289 -19.90 -60.41 17.50
N LYS A 290 -18.60 -60.13 17.59
CA LYS A 290 -17.65 -61.22 17.96
C LYS A 290 -17.86 -61.50 19.45
N LEU A 291 -18.12 -60.44 20.22
CA LEU A 291 -18.80 -60.56 21.52
C LEU A 291 -20.29 -60.79 21.24
N GLY A 292 -21.11 -60.87 22.28
CA GLY A 292 -22.51 -61.22 22.01
C GLY A 292 -23.44 -60.02 22.00
N LEU A 293 -22.88 -58.82 21.86
CA LEU A 293 -23.61 -57.60 22.17
C LEU A 293 -23.98 -56.88 20.87
N ASN A 294 -24.64 -55.73 21.04
CA ASN A 294 -25.16 -54.91 19.97
C ASN A 294 -24.79 -53.46 20.28
N ARG A 295 -25.26 -52.53 19.45
CA ARG A 295 -24.82 -51.15 19.52
C ARG A 295 -25.35 -50.45 20.78
N ALA A 296 -26.24 -51.10 21.52
CA ALA A 296 -26.72 -50.43 22.72
C ALA A 296 -25.65 -50.48 23.81
N ASN A 297 -24.70 -51.42 23.66
CA ASN A 297 -23.58 -51.56 24.59
C ASN A 297 -22.48 -50.53 24.32
N MET A 298 -22.58 -49.77 23.23
CA MET A 298 -21.52 -48.85 22.80
C MET A 298 -21.95 -47.40 23.10
N LEU A 299 -21.22 -46.73 23.98
CA LEU A 299 -21.56 -45.37 24.41
C LEU A 299 -21.37 -44.36 23.28
N TYR A 300 -20.26 -44.43 22.51
CA TYR A 300 -19.89 -43.34 21.57
C TYR A 300 -18.95 -43.84 20.46
N VAL A 301 -19.05 -43.20 19.27
CA VAL A 301 -18.10 -43.38 18.18
C VAL A 301 -17.63 -42.01 17.66
N GLY A 302 -16.32 -41.78 17.72
CA GLY A 302 -15.76 -40.45 17.76
C GLY A 302 -14.87 -40.13 16.59
N GLY A 303 -13.75 -39.47 16.87
CA GLY A 303 -12.80 -39.08 15.87
C GLY A 303 -11.83 -40.22 15.59
N GLY A 304 -12.39 -41.41 15.41
CA GLY A 304 -11.68 -42.67 15.50
C GLY A 304 -11.48 -43.04 16.95
N HIS A 305 -12.47 -42.76 17.80
CA HIS A 305 -12.53 -43.26 19.16
C HIS A 305 -13.88 -43.91 19.37
N ALA A 306 -13.92 -44.84 20.33
CA ALA A 306 -15.16 -45.49 20.71
C ALA A 306 -15.04 -46.04 22.13
N TYR A 307 -16.15 -46.06 22.85
CA TYR A 307 -16.23 -46.50 24.22
C TYR A 307 -17.45 -47.41 24.38
N PHE A 308 -17.23 -48.57 24.97
CA PHE A 308 -18.22 -49.60 25.14
C PHE A 308 -18.30 -50.02 26.61
N VAL A 309 -19.47 -50.52 26.98
CA VAL A 309 -19.69 -51.20 28.25
C VAL A 309 -19.95 -52.66 27.94
N LEU A 310 -19.15 -53.55 28.52
CA LEU A 310 -19.38 -54.96 28.28
C LEU A 310 -18.94 -55.77 29.50
N ALA A 311 -19.32 -57.05 29.52
CA ALA A 311 -19.14 -57.90 30.68
C ALA A 311 -17.65 -58.05 30.96
N ASN A 312 -17.32 -58.17 32.25
CA ASN A 312 -15.96 -58.34 32.70
C ASN A 312 -15.74 -59.83 32.97
N THR A 313 -15.31 -60.55 31.94
CA THR A 313 -15.10 -62.00 31.97
C THR A 313 -13.75 -62.29 31.32
N GLU A 314 -13.36 -63.57 31.24
CA GLU A 314 -12.10 -63.91 30.64
C GLU A 314 -12.31 -64.13 29.14
N LYS A 315 -13.46 -64.71 28.76
CA LYS A 315 -13.87 -64.79 27.38
C LYS A 315 -13.76 -63.39 26.74
N THR A 316 -14.41 -62.39 27.36
CA THR A 316 -14.52 -61.07 26.72
C THR A 316 -13.12 -60.44 26.57
N VAL A 317 -12.25 -60.65 27.56
CA VAL A 317 -10.94 -60.03 27.49
C VAL A 317 -10.10 -60.70 26.40
N GLU A 318 -10.25 -62.02 26.28
CA GLU A 318 -9.49 -62.75 25.29
C GLU A 318 -10.00 -62.34 23.91
N THR A 319 -11.30 -62.08 23.78
CA THR A 319 -11.85 -61.71 22.47
C THR A 319 -11.37 -60.30 22.10
N LEU A 320 -11.29 -59.39 23.07
CA LEU A 320 -10.72 -58.06 22.82
C LEU A 320 -9.27 -58.21 22.35
N VAL A 321 -8.45 -58.97 23.09
CA VAL A 321 -7.01 -59.08 22.78
C VAL A 321 -6.82 -59.62 21.36
N GLN A 322 -7.49 -60.73 21.06
CA GLN A 322 -7.35 -61.38 19.76
C GLN A 322 -7.90 -60.45 18.69
N PHE A 323 -9.06 -59.83 18.95
CA PHE A 323 -9.68 -58.92 17.94
C PHE A 323 -8.66 -57.86 17.51
N GLU A 324 -8.13 -57.20 18.52
CA GLU A 324 -7.21 -56.15 18.28
C GLU A 324 -6.02 -56.65 17.46
N LYS A 325 -5.49 -57.82 17.81
CA LYS A 325 -4.40 -58.44 17.07
C LYS A 325 -4.79 -58.59 15.60
N ASP A 326 -6.01 -59.12 15.35
CA ASP A 326 -6.47 -59.39 14.00
C ASP A 326 -6.60 -58.07 13.24
N PHE A 327 -7.02 -57.01 13.94
CA PHE A 327 -7.29 -55.80 13.19
C PHE A 327 -5.98 -55.11 12.79
N ASN A 328 -5.05 -55.00 13.73
CA ASN A 328 -3.78 -54.42 13.42
C ASN A 328 -3.05 -55.27 12.37
N GLN A 329 -3.40 -56.56 12.27
CA GLN A 329 -2.89 -57.41 11.18
C GLN A 329 -3.45 -56.90 9.85
N PHE A 330 -4.77 -56.68 9.80
CA PHE A 330 -5.44 -56.19 8.63
C PHE A 330 -4.85 -54.84 8.23
N LEU A 331 -4.70 -53.97 9.23
CA LEU A 331 -4.22 -52.59 9.02
C LEU A 331 -2.76 -52.59 8.55
N LEU A 332 -1.97 -53.57 9.01
CA LEU A 332 -0.60 -53.63 8.63
C LEU A 332 -0.51 -54.01 7.16
N ALA A 333 -1.28 -55.03 6.78
CA ALA A 333 -1.28 -55.51 5.44
C ALA A 333 -1.61 -54.36 4.49
N ASN A 334 -2.64 -53.56 4.82
CA ASN A 334 -3.21 -52.64 3.83
C ASN A 334 -2.54 -51.26 3.88
N PHE A 335 -2.34 -50.72 5.08
CA PHE A 335 -1.85 -49.34 5.19
C PHE A 335 -0.47 -49.24 5.83
N GLN A 336 0.23 -50.33 6.06
CA GLN A 336 1.56 -50.32 6.71
C GLN A 336 1.43 -49.70 8.10
N THR A 337 2.21 -48.66 8.37
CA THR A 337 2.20 -48.00 9.71
C THR A 337 1.29 -46.77 9.75
N ARG A 338 0.59 -46.49 8.67
CA ARG A 338 -0.31 -45.32 8.53
C ARG A 338 -1.55 -45.39 9.44
N LEU A 339 -2.13 -46.56 9.65
CA LEU A 339 -3.27 -46.69 10.53
C LEU A 339 -2.92 -47.76 11.56
N TYR A 340 -3.29 -47.52 12.82
CA TYR A 340 -3.08 -48.46 13.92
C TYR A 340 -4.30 -48.30 14.82
N VAL A 341 -4.68 -49.37 15.50
CA VAL A 341 -5.76 -49.28 16.45
C VAL A 341 -5.31 -49.94 17.75
N ALA A 342 -5.43 -49.17 18.84
CA ALA A 342 -5.02 -49.55 20.15
C ALA A 342 -6.28 -49.63 21.00
N PHE A 343 -6.53 -50.80 21.59
CA PHE A 343 -7.64 -50.99 22.52
C PHE A 343 -7.14 -50.82 23.95
N GLY A 344 -8.09 -50.71 24.86
CA GLY A 344 -7.83 -50.70 26.26
C GLY A 344 -9.12 -50.87 27.03
N TRP A 345 -9.05 -51.52 28.18
CA TRP A 345 -10.22 -51.70 28.98
C TRP A 345 -9.84 -51.44 30.44
N GLY A 346 -10.88 -51.22 31.23
CA GLY A 346 -10.81 -51.11 32.66
C GLY A 346 -11.97 -51.85 33.27
N SER A 347 -11.80 -52.29 34.52
CA SER A 347 -12.82 -53.02 35.23
C SER A 347 -13.54 -52.10 36.23
N PHE A 348 -14.84 -52.33 36.43
CA PHE A 348 -15.62 -51.60 37.43
C PHE A 348 -16.86 -52.39 37.86
N ALA A 349 -17.46 -51.94 38.96
CA ALA A 349 -18.83 -52.30 39.38
C ALA A 349 -19.64 -51.01 39.46
N ALA A 350 -20.89 -51.07 39.95
CA ALA A 350 -21.67 -49.86 40.04
C ALA A 350 -20.99 -48.83 40.96
N LYS A 351 -20.17 -48.01 40.29
CA LYS A 351 -19.49 -46.79 40.74
C LYS A 351 -19.83 -45.65 39.77
N ASP A 352 -20.97 -45.78 39.07
CA ASP A 352 -21.55 -44.67 38.28
C ASP A 352 -22.87 -44.21 38.92
N ILE A 353 -23.20 -44.78 40.08
CA ILE A 353 -24.38 -44.39 40.84
C ILE A 353 -23.97 -43.26 41.80
N MET A 354 -24.71 -42.14 41.74
CA MET A 354 -24.41 -40.87 42.45
C MET A 354 -24.15 -41.12 43.95
N ASN A 358 -14.66 -43.79 46.04
CA ASN A 358 -14.91 -42.36 46.19
C ASN A 358 -15.42 -41.79 44.85
N SER A 359 -16.63 -41.20 44.84
CA SER A 359 -17.30 -40.67 43.63
C SER A 359 -16.39 -39.72 42.83
N PRO A 360 -15.59 -38.80 43.44
CA PRO A 360 -14.67 -37.99 42.64
C PRO A 360 -13.70 -38.86 41.83
N GLU A 361 -12.91 -39.68 42.56
CA GLU A 361 -11.92 -40.58 41.97
C GLU A 361 -12.60 -41.66 41.10
N SER A 362 -13.63 -42.34 41.65
CA SER A 362 -14.15 -43.60 41.07
C SER A 362 -14.64 -43.37 39.64
N TYR A 363 -15.55 -42.41 39.43
CA TYR A 363 -16.13 -42.28 38.09
C TYR A 363 -15.05 -41.92 37.06
N ARG A 364 -14.10 -41.04 37.44
CA ARG A 364 -13.04 -40.64 36.53
C ARG A 364 -12.10 -41.82 36.31
N GLN A 365 -11.84 -42.64 37.34
CA GLN A 365 -10.73 -43.57 37.27
C GLN A 365 -11.14 -44.85 36.53
N VAL A 366 -12.44 -45.09 36.29
CA VAL A 366 -12.80 -46.24 35.44
C VAL A 366 -12.37 -45.99 33.97
N TYR A 367 -12.56 -44.76 33.48
CA TYR A 367 -12.17 -44.36 32.11
C TYR A 367 -10.64 -44.27 32.03
N GLN A 368 -9.97 -44.08 33.17
CA GLN A 368 -8.55 -43.84 33.18
C GLN A 368 -7.78 -45.15 32.91
N LYS A 369 -8.35 -46.30 33.27
CA LYS A 369 -7.62 -47.55 33.08
C LYS A 369 -7.48 -47.84 31.59
N ALA A 370 -8.56 -47.69 30.83
CA ALA A 370 -8.50 -47.88 29.37
C ALA A 370 -7.62 -46.79 28.74
N SER A 371 -7.85 -45.54 29.12
CA SER A 371 -7.08 -44.47 28.60
C SER A 371 -5.59 -44.83 28.68
N ARG A 372 -5.19 -45.40 29.80
CA ARG A 372 -3.78 -45.56 30.08
C ARG A 372 -3.25 -46.79 29.34
N MET A 373 -4.07 -47.85 29.25
CA MET A 373 -3.72 -49.05 28.48
C MET A 373 -3.49 -48.67 27.01
N ILE A 374 -4.33 -47.78 26.47
CA ILE A 374 -4.23 -47.33 25.09
C ILE A 374 -2.96 -46.49 24.91
N SER A 375 -2.63 -45.63 25.86
CA SER A 375 -1.45 -44.82 25.68
C SER A 375 -0.19 -45.68 25.68
N LYS A 376 -0.16 -46.70 26.55
CA LYS A 376 0.98 -47.55 26.64
C LYS A 376 1.12 -48.35 25.36
N LYS A 377 0.00 -48.74 24.76
CA LYS A 377 0.05 -49.54 23.51
C LYS A 377 0.49 -48.67 22.34
N LYS A 378 0.02 -47.42 22.31
CA LYS A 378 0.35 -46.49 21.27
C LYS A 378 1.82 -46.09 21.33
N ILE A 379 2.48 -46.34 22.44
CA ILE A 379 3.83 -45.85 22.62
C ILE A 379 4.85 -47.01 22.47
N SER A 380 4.39 -48.25 22.29
CA SER A 380 5.25 -49.38 21.90
C SER A 380 4.52 -50.30 20.93
N ARG A 381 4.52 -49.94 19.65
CA ARG A 381 3.47 -50.35 18.75
C ARG A 381 3.63 -51.82 18.33
N TYR A 382 4.78 -52.25 17.85
CA TYR A 382 4.71 -53.55 17.25
C TYR A 382 5.52 -54.57 18.05
N ASP A 383 5.69 -55.77 17.48
CA ASP A 383 6.55 -56.79 18.05
C ASP A 383 7.80 -56.94 17.18
N TYR A 384 8.69 -57.82 17.61
CA TYR A 384 9.92 -58.13 16.92
C TYR A 384 9.59 -58.47 15.47
N GLN A 385 8.63 -59.37 15.28
CA GLN A 385 8.46 -59.99 13.99
C GLN A 385 7.96 -58.94 13.00
N THR A 386 6.95 -58.13 13.36
CA THR A 386 6.38 -57.23 12.37
C THR A 386 7.35 -56.11 12.02
N LEU A 387 8.21 -55.69 12.96
CA LEU A 387 9.23 -54.72 12.56
C LEU A 387 10.19 -55.40 11.59
N MET A 388 10.62 -56.62 11.93
CA MET A 388 11.52 -57.39 11.06
C MET A 388 10.99 -57.40 9.62
N LEU A 389 9.68 -57.57 9.45
CA LEU A 389 9.12 -57.73 8.16
C LEU A 389 8.98 -56.36 7.48
N LEU A 390 8.59 -55.30 8.22
CA LEU A 390 8.50 -53.96 7.63
C LEU A 390 9.86 -53.56 7.03
N ASN A 391 10.97 -53.89 7.72
CA ASN A 391 12.30 -53.53 7.25
C ASN A 391 12.89 -54.57 6.29
N ARG A 392 12.10 -55.52 5.76
CA ARG A 392 12.67 -56.60 4.94
C ARG A 392 13.25 -56.10 3.60
N GLY A 393 13.15 -54.81 3.28
CA GLY A 393 13.69 -54.33 2.03
C GLY A 393 13.18 -55.17 0.88
N GLY A 394 14.00 -55.29 -0.17
CA GLY A 394 13.70 -56.22 -1.26
C GLY A 394 13.13 -55.58 -2.51
N LYS A 395 12.62 -54.36 -2.39
CA LYS A 395 12.07 -53.65 -3.56
C LYS A 395 13.23 -53.04 -4.37
N SER A 396 12.95 -52.73 -5.63
CA SER A 396 13.67 -51.72 -6.37
C SER A 396 12.67 -51.01 -7.26
N SER A 397 12.11 -49.93 -6.76
CA SER A 397 10.95 -49.32 -7.38
C SER A 397 11.32 -47.94 -7.93
N GLU A 398 11.06 -47.75 -9.20
CA GLU A 398 11.40 -46.52 -9.85
C GLU A 398 10.35 -45.45 -9.54
N ARG A 399 9.11 -45.88 -9.30
CA ARG A 399 7.99 -44.96 -9.17
C ARG A 399 7.22 -45.19 -7.88
N GLU A 400 6.35 -44.25 -7.55
CA GLU A 400 5.54 -44.29 -6.33
C GLU A 400 4.16 -43.72 -6.63
N CYS A 401 3.20 -43.88 -5.70
CA CYS A 401 1.86 -43.34 -5.91
C CYS A 401 1.90 -41.82 -5.76
N GLU A 402 1.44 -41.09 -6.78
CA GLU A 402 1.57 -39.61 -6.77
C GLU A 402 0.81 -39.02 -5.59
N ILE A 403 -0.26 -39.69 -5.14
CA ILE A 403 -1.10 -39.22 -4.07
C ILE A 403 -0.34 -39.33 -2.75
N CYS A 404 0.02 -40.57 -2.32
CA CYS A 404 0.48 -40.83 -0.92
C CYS A 404 1.96 -41.27 -0.81
N HIS A 405 2.66 -41.39 -1.93
CA HIS A 405 4.05 -41.93 -1.99
C HIS A 405 4.16 -43.42 -1.61
N SER A 406 3.09 -44.19 -1.76
CA SER A 406 3.16 -45.61 -1.54
C SER A 406 3.83 -46.26 -2.74
N VAL A 407 4.57 -47.35 -2.48
CA VAL A 407 5.16 -48.19 -3.51
C VAL A 407 4.47 -49.56 -3.54
N GLU A 408 3.32 -49.68 -2.86
CA GLU A 408 2.67 -50.94 -2.66
C GLU A 408 1.54 -51.11 -3.67
N ASN A 409 1.61 -52.20 -4.44
CA ASN A 409 0.62 -52.64 -5.44
C ASN A 409 0.14 -51.45 -6.27
N LEU A 410 1.09 -50.82 -6.97
CA LEU A 410 0.78 -49.72 -7.88
C LEU A 410 -0.07 -50.17 -9.05
N VAL A 411 -0.86 -49.23 -9.56
CA VAL A 411 -1.67 -49.38 -10.73
C VAL A 411 -1.55 -48.10 -11.54
N SER A 412 -1.80 -48.24 -12.85
CA SER A 412 -2.07 -47.10 -13.72
C SER A 412 -3.55 -46.78 -13.55
N TYR A 413 -3.86 -45.53 -13.24
CA TYR A 413 -5.23 -45.07 -13.26
C TYR A 413 -5.21 -43.67 -13.86
N HIS A 414 -5.97 -43.49 -14.95
CA HIS A 414 -6.09 -42.21 -15.62
C HIS A 414 -4.70 -41.65 -15.87
N ASP A 415 -3.84 -42.52 -16.43
CA ASP A 415 -2.51 -42.18 -16.93
C ASP A 415 -1.65 -41.58 -15.82
N GLN A 416 -2.05 -41.83 -14.57
CA GLN A 416 -1.20 -41.54 -13.44
C GLN A 416 -1.03 -42.85 -12.66
N LYS A 417 -0.14 -42.79 -11.67
CA LYS A 417 0.27 -43.93 -10.92
C LYS A 417 -0.21 -43.77 -9.46
N VAL A 418 -0.94 -44.77 -8.96
CA VAL A 418 -1.50 -44.72 -7.64
C VAL A 418 -1.47 -46.11 -7.05
N CYS A 419 -1.62 -46.24 -5.72
CA CYS A 419 -1.69 -47.57 -5.05
C CYS A 419 -3.10 -48.13 -5.20
N ASP A 420 -3.32 -49.40 -4.82
CA ASP A 420 -4.65 -49.96 -4.99
C ASP A 420 -5.57 -49.34 -3.94
N ILE A 421 -5.00 -48.85 -2.84
CA ILE A 421 -5.82 -48.13 -1.89
C ILE A 421 -6.35 -46.87 -2.56
N CYS A 422 -5.44 -45.99 -3.02
CA CYS A 422 -5.84 -44.74 -3.65
C CYS A 422 -6.76 -45.01 -4.85
N ARG A 423 -6.45 -46.01 -5.67
CA ARG A 423 -7.36 -46.40 -6.74
C ARG A 423 -8.72 -46.69 -6.11
N GLY A 424 -8.74 -47.54 -5.09
CA GLY A 424 -9.97 -47.94 -4.40
C GLY A 424 -10.79 -46.75 -3.95
N LEU A 425 -10.13 -45.67 -3.53
CA LEU A 425 -10.79 -44.51 -3.01
C LEU A 425 -11.33 -43.67 -4.17
N TYR A 426 -10.69 -43.76 -5.35
CA TYR A 426 -11.21 -43.12 -6.54
C TYR A 426 -12.54 -43.77 -6.92
N GLN A 427 -12.60 -45.09 -6.80
CA GLN A 427 -13.83 -45.79 -7.02
C GLN A 427 -14.85 -45.38 -5.97
N PHE A 428 -14.44 -45.33 -4.71
CA PHE A 428 -15.33 -45.02 -3.63
C PHE A 428 -15.94 -43.62 -3.85
N SER A 429 -15.16 -42.67 -4.39
CA SER A 429 -15.65 -41.31 -4.56
C SER A 429 -16.83 -41.28 -5.54
N LYS A 430 -16.95 -42.33 -6.36
CA LYS A 430 -18.09 -42.52 -7.27
C LYS A 430 -19.29 -43.13 -6.53
N GLU A 431 -19.08 -43.94 -5.50
CA GLU A 431 -20.16 -44.60 -4.79
C GLU A 431 -20.69 -43.72 -3.65
N ILE A 432 -20.20 -42.49 -3.54
CA ILE A 432 -20.19 -41.82 -2.24
C ILE A 432 -21.50 -41.06 -2.01
N ALA A 433 -22.21 -40.79 -3.11
CA ALA A 433 -23.45 -40.02 -3.08
C ALA A 433 -24.67 -40.94 -2.87
N HIS A 434 -24.47 -42.26 -2.74
CA HIS A 434 -25.54 -43.12 -2.30
C HIS A 434 -25.83 -42.94 -0.80
N ASP A 435 -26.95 -43.55 -0.37
CA ASP A 435 -27.44 -43.56 1.00
C ASP A 435 -26.94 -44.81 1.72
N HIS A 436 -26.67 -45.87 0.98
CA HIS A 436 -26.45 -47.12 1.61
C HIS A 436 -25.03 -47.58 1.30
N PHE A 437 -24.43 -48.22 2.29
CA PHE A 437 -23.14 -48.85 2.19
C PHE A 437 -23.28 -50.28 2.69
N ILE A 438 -22.61 -51.22 2.05
CA ILE A 438 -22.71 -52.59 2.44
C ILE A 438 -21.32 -53.05 2.82
N ILE A 439 -21.28 -54.12 3.62
CA ILE A 439 -20.09 -54.78 3.95
C ILE A 439 -20.08 -56.07 3.13
N THR A 440 -19.22 -56.11 2.10
CA THR A 440 -19.01 -57.27 1.27
C THR A 440 -17.86 -58.10 1.89
N GLU A 441 -17.62 -59.32 1.36
CA GLU A 441 -16.44 -60.14 1.69
C GLU A 441 -15.23 -59.60 0.92
N ASN A 442 -15.37 -59.42 -0.40
CA ASN A 442 -14.28 -58.95 -1.25
C ASN A 442 -14.68 -57.79 -2.15
N GLU A 443 -15.96 -57.37 -2.15
CA GLU A 443 -16.42 -56.30 -3.10
C GLU A 443 -16.15 -54.91 -2.50
N GLY A 444 -15.23 -54.15 -3.11
CA GLY A 444 -14.95 -52.75 -2.77
C GLY A 444 -13.67 -52.52 -1.98
N LEU A 445 -13.69 -51.47 -1.17
CA LEU A 445 -12.57 -51.00 -0.37
C LEU A 445 -12.39 -51.85 0.88
N PRO A 446 -11.18 -52.40 1.15
CA PRO A 446 -11.00 -53.23 2.34
C PRO A 446 -11.35 -52.43 3.61
N ILE A 447 -12.24 -52.98 4.44
CA ILE A 447 -12.67 -52.30 5.67
C ILE A 447 -12.22 -53.08 6.93
N GLY A 448 -11.66 -54.26 6.74
CA GLY A 448 -11.34 -55.10 7.87
C GLY A 448 -10.98 -56.52 7.44
N PRO A 449 -10.62 -57.39 8.41
CA PRO A 449 -10.51 -58.81 8.17
C PRO A 449 -11.68 -59.26 7.29
N ASN A 450 -11.34 -59.77 6.09
CA ASN A 450 -12.27 -60.35 5.12
C ASN A 450 -13.54 -59.51 5.04
N ALA A 451 -13.36 -58.20 4.87
CA ALA A 451 -14.50 -57.38 4.66
C ALA A 451 -14.09 -56.22 3.75
N CYS A 452 -15.08 -55.72 3.01
CA CYS A 452 -14.90 -54.51 2.23
C CYS A 452 -16.14 -53.62 2.32
N LEU A 453 -15.99 -52.37 1.86
CA LEU A 453 -16.98 -51.33 2.02
C LEU A 453 -17.31 -50.82 0.64
N LYS A 454 -18.59 -50.86 0.29
CA LYS A 454 -19.06 -50.47 -1.00
C LYS A 454 -20.37 -49.70 -0.81
N GLY A 455 -20.38 -48.47 -1.28
CA GLY A 455 -21.58 -47.73 -1.48
C GLY A 455 -22.32 -48.25 -2.70
N VAL A 456 -23.61 -48.49 -2.54
CA VAL A 456 -24.43 -48.99 -3.61
C VAL A 456 -25.82 -48.34 -3.57
N ALA A 457 -26.37 -48.02 -4.74
CA ALA A 457 -27.71 -47.44 -4.89
C ALA A 457 -28.77 -48.48 -4.46
N PHE A 458 -29.98 -48.00 -4.14
CA PHE A 458 -30.93 -48.79 -3.36
C PHE A 458 -31.33 -50.02 -4.15
N GLU A 459 -31.75 -49.79 -5.40
CA GLU A 459 -32.22 -50.85 -6.32
C GLU A 459 -31.31 -52.07 -6.29
N LYS A 460 -29.98 -51.86 -6.26
CA LYS A 460 -29.01 -52.93 -6.46
C LYS A 460 -28.85 -53.81 -5.21
N LEU A 461 -29.52 -53.45 -4.11
CA LEU A 461 -29.25 -54.13 -2.84
C LEU A 461 -29.49 -55.63 -3.03
N SER A 462 -30.70 -55.95 -3.50
CA SER A 462 -31.18 -57.32 -3.71
C SER A 462 -30.18 -58.15 -4.52
N GLN A 463 -29.45 -57.51 -5.43
CA GLN A 463 -28.56 -58.19 -6.37
C GLN A 463 -27.18 -58.50 -5.75
N GLU A 464 -26.92 -58.03 -4.53
CA GLU A 464 -25.64 -58.26 -3.85
C GLU A 464 -25.90 -58.97 -2.53
N ALA A 465 -24.89 -59.71 -2.04
CA ALA A 465 -24.99 -60.42 -0.75
C ALA A 465 -24.00 -59.84 0.26
N PHE A 466 -24.48 -59.46 1.44
CA PHE A 466 -23.67 -58.62 2.30
C PHE A 466 -23.92 -58.87 3.78
N SER A 467 -22.86 -58.73 4.58
CA SER A 467 -22.85 -58.98 6.00
C SER A 467 -23.81 -58.02 6.69
N ARG A 468 -23.72 -56.74 6.33
CA ARG A 468 -24.31 -55.65 7.06
C ARG A 468 -24.54 -54.50 6.07
N VAL A 469 -25.55 -53.67 6.32
CA VAL A 469 -25.85 -52.52 5.46
C VAL A 469 -26.05 -51.27 6.34
N TYR A 470 -25.38 -50.18 5.99
CA TYR A 470 -25.53 -48.95 6.68
C TYR A 470 -26.32 -47.99 5.82
N VAL A 471 -27.17 -47.16 6.44
CA VAL A 471 -27.75 -46.04 5.74
C VAL A 471 -27.27 -44.75 6.41
N LYS A 472 -26.88 -43.79 5.56
CA LYS A 472 -26.20 -42.60 5.94
C LYS A 472 -27.20 -41.46 5.88
N ASN A 473 -27.45 -40.88 7.05
CA ASN A 473 -28.21 -39.63 7.22
C ASN A 473 -29.67 -39.84 6.82
N ASP A 474 -30.25 -40.91 7.34
CA ASP A 474 -31.69 -41.21 7.15
C ASP A 474 -32.26 -41.63 8.50
N TYR A 475 -33.27 -40.94 8.99
CA TYR A 475 -33.88 -41.34 10.29
C TYR A 475 -35.03 -42.30 10.03
N LYS A 476 -35.47 -42.35 8.78
CA LYS A 476 -36.60 -43.23 8.41
C LYS A 476 -36.06 -44.65 8.28
N ALA A 477 -36.72 -45.62 8.90
CA ALA A 477 -36.30 -47.02 8.75
C ALA A 477 -36.68 -47.46 7.34
N GLY A 478 -35.97 -48.40 6.77
CA GLY A 478 -36.30 -48.70 5.37
C GLY A 478 -36.65 -50.12 5.17
N THR A 479 -36.91 -50.47 3.91
CA THR A 479 -37.23 -51.84 3.52
C THR A 479 -36.04 -52.74 3.87
N VAL A 480 -34.81 -52.26 3.68
CA VAL A 480 -33.58 -53.09 3.82
C VAL A 480 -33.03 -53.20 5.27
N LYS A 481 -33.77 -52.71 6.29
CA LYS A 481 -33.45 -52.98 7.73
C LYS A 481 -31.97 -52.68 8.07
N ALA A 482 -31.61 -51.40 8.08
CA ALA A 482 -30.19 -51.00 8.07
C ALA A 482 -29.78 -50.32 9.38
N THR A 483 -28.49 -50.41 9.69
CA THR A 483 -27.90 -49.70 10.76
C THR A 483 -27.72 -48.24 10.34
N HIS A 484 -28.19 -47.33 11.19
CA HIS A 484 -28.23 -45.91 10.85
C HIS A 484 -26.96 -45.21 11.37
N VAL A 485 -26.25 -44.54 10.47
CA VAL A 485 -25.13 -43.69 10.84
C VAL A 485 -25.41 -42.26 10.39
N PHE A 486 -24.70 -41.31 11.03
CA PHE A 486 -24.84 -39.88 10.76
C PHE A 486 -23.47 -39.20 10.61
N VAL A 487 -23.16 -38.81 9.39
CA VAL A 487 -22.01 -38.00 9.07
C VAL A 487 -22.50 -36.61 8.65
N GLY A 488 -21.86 -35.54 9.14
CA GLY A 488 -22.10 -34.24 8.56
C GLY A 488 -21.28 -34.11 7.30
N ASP A 489 -21.93 -34.00 6.13
CA ASP A 489 -21.19 -33.87 4.86
C ASP A 489 -21.91 -32.95 3.89
N TYR A 490 -21.82 -31.64 4.07
CA TYR A 490 -22.41 -30.76 3.14
C TYR A 490 -21.43 -30.55 2.00
N GLN A 491 -21.96 -30.45 0.77
CA GLN A 491 -21.14 -30.15 -0.38
C GLN A 491 -21.90 -29.16 -1.26
N CYS A 492 -21.20 -28.21 -1.86
CA CYS A 492 -21.88 -27.32 -2.81
C CYS A 492 -21.25 -27.37 -4.22
N ASP A 493 -20.04 -26.86 -4.37
CA ASP A 493 -19.32 -27.04 -5.59
C ASP A 493 -18.03 -27.78 -5.25
N GLU A 494 -17.08 -27.83 -6.18
CA GLU A 494 -15.86 -28.56 -5.92
C GLU A 494 -14.79 -27.59 -5.43
N ILE A 495 -13.85 -28.15 -4.67
CA ILE A 495 -12.79 -27.43 -4.00
C ILE A 495 -12.10 -26.53 -5.03
N TYR A 496 -11.78 -27.09 -6.20
CA TYR A 496 -11.01 -26.38 -7.26
C TYR A 496 -11.81 -25.24 -7.93
N ASN A 497 -13.09 -25.05 -7.56
CA ASN A 497 -13.87 -23.95 -8.06
C ASN A 497 -14.19 -22.94 -6.96
N TYR A 498 -13.96 -23.29 -5.69
CA TYR A 498 -14.40 -22.46 -4.57
C TYR A 498 -13.70 -21.10 -4.58
N ALA A 499 -12.45 -21.08 -5.03
CA ALA A 499 -11.64 -19.89 -5.00
C ALA A 499 -12.13 -18.91 -6.07
N ALA A 500 -12.55 -19.45 -7.21
CA ALA A 500 -13.08 -18.63 -8.29
C ALA A 500 -14.48 -18.13 -7.92
N LEU A 501 -15.22 -18.91 -7.14
CA LEU A 501 -16.60 -18.56 -6.80
C LEU A 501 -16.63 -17.40 -5.78
N SER A 502 -15.47 -16.97 -5.29
CA SER A 502 -15.42 -15.93 -4.33
C SER A 502 -15.52 -14.57 -5.01
N LYS A 503 -15.30 -14.53 -6.33
CA LYS A 503 -15.45 -13.28 -7.10
C LYS A 503 -16.94 -13.07 -7.39
N ASN A 504 -17.47 -11.88 -7.05
CA ASN A 504 -18.91 -11.52 -7.17
C ASN A 504 -19.34 -11.56 -8.64
N GLU A 505 -20.66 -11.44 -8.86
CA GLU A 505 -21.25 -11.37 -10.21
C GLU A 505 -20.70 -10.12 -10.90
N ASN A 506 -20.39 -9.08 -10.10
CA ASN A 506 -19.80 -7.81 -10.56
C ASN A 506 -18.26 -7.87 -10.51
N GLY A 507 -17.69 -9.06 -10.38
CA GLY A 507 -16.24 -9.26 -10.42
C GLY A 507 -15.55 -8.71 -9.19
N LEU A 508 -16.31 -8.60 -8.09
CA LEU A 508 -15.79 -8.09 -6.84
C LEU A 508 -15.33 -9.26 -5.99
N GLY A 509 -14.25 -9.05 -5.23
CA GLY A 509 -13.77 -9.99 -4.19
C GLY A 509 -12.49 -10.71 -4.59
N ILE A 510 -11.63 -10.92 -3.59
CA ILE A 510 -10.38 -11.61 -3.78
C ILE A 510 -10.68 -13.05 -4.18
N LYS A 511 -9.91 -13.54 -5.16
CA LYS A 511 -10.02 -14.92 -5.62
C LYS A 511 -9.16 -15.82 -4.70
N ARG A 512 -9.76 -16.24 -3.58
CA ARG A 512 -9.12 -17.17 -2.65
C ARG A 512 -10.17 -18.16 -2.16
N LEU A 513 -9.73 -19.31 -1.67
CA LEU A 513 -10.60 -20.22 -0.98
C LEU A 513 -9.99 -20.46 0.40
N ALA A 514 -10.86 -20.78 1.37
CA ALA A 514 -10.50 -20.76 2.77
C ALA A 514 -10.75 -22.14 3.36
N VAL A 515 -10.08 -22.39 4.46
CA VAL A 515 -10.34 -23.55 5.24
C VAL A 515 -10.70 -23.10 6.67
N VAL A 516 -11.55 -23.87 7.36
CA VAL A 516 -11.74 -23.64 8.77
C VAL A 516 -11.49 -24.96 9.48
N ARG A 517 -10.82 -24.89 10.62
CA ARG A 517 -10.69 -25.98 11.53
C ARG A 517 -11.15 -25.48 12.90
N LEU A 518 -12.12 -26.18 13.52
CA LEU A 518 -12.63 -25.75 14.81
C LEU A 518 -12.99 -26.96 15.67
N ASP A 519 -13.03 -26.70 16.97
CA ASP A 519 -12.83 -27.67 18.02
C ASP A 519 -13.58 -27.18 19.24
N VAL A 520 -14.21 -28.10 19.97
CA VAL A 520 -14.77 -27.74 21.25
C VAL A 520 -13.61 -27.58 22.25
N ASP A 521 -13.81 -26.70 23.24
CA ASP A 521 -12.78 -26.29 24.18
C ASP A 521 -12.89 -27.11 25.46
N ASP A 522 -11.81 -27.84 25.75
CA ASP A 522 -11.71 -28.65 26.91
C ASP A 522 -12.87 -29.65 26.93
N LEU A 523 -13.21 -30.20 25.75
CA LEU A 523 -14.27 -31.21 25.55
C LEU A 523 -14.03 -32.41 26.47
N GLY A 524 -12.79 -32.90 26.48
CA GLY A 524 -12.40 -33.97 27.41
C GLY A 524 -12.83 -33.70 28.84
N ALA A 525 -12.52 -32.48 29.30
CA ALA A 525 -12.86 -32.03 30.63
C ALA A 525 -14.39 -32.01 30.84
N ALA A 526 -15.15 -31.71 29.80
CA ALA A 526 -16.58 -31.64 29.92
C ALA A 526 -17.13 -33.04 30.11
N PHE A 527 -16.68 -33.96 29.24
CA PHE A 527 -17.20 -35.32 29.20
C PHE A 527 -16.98 -35.98 30.57
N MET A 528 -15.81 -35.73 31.17
CA MET A 528 -15.38 -36.47 32.34
C MET A 528 -15.88 -35.78 33.61
N ALA A 529 -15.48 -34.51 33.81
CA ALA A 529 -16.00 -33.70 34.92
C ALA A 529 -16.43 -32.28 34.47
N GLY A 530 -17.69 -32.16 34.03
CA GLY A 530 -18.34 -30.90 33.84
C GLY A 530 -19.55 -30.80 34.74
N PHE A 531 -19.94 -31.94 35.31
CA PHE A 531 -21.14 -32.04 36.12
C PHE A 531 -20.78 -32.09 37.62
N SER A 532 -19.49 -31.94 37.91
CA SER A 532 -18.98 -32.07 39.27
C SER A 532 -19.15 -30.75 40.04
N GLN A 533 -19.03 -29.61 39.34
CA GLN A 533 -19.12 -28.29 39.98
C GLN A 533 -20.45 -28.21 40.75
N GLN A 534 -21.57 -28.23 40.05
CA GLN A 534 -22.88 -28.15 40.69
C GLN A 534 -23.19 -29.44 41.46
N GLY A 535 -24.05 -29.32 42.47
CA GLY A 535 -24.06 -30.26 43.55
C GLY A 535 -22.63 -30.30 44.06
N ASN A 536 -22.19 -31.45 44.59
CA ASN A 536 -20.78 -31.71 44.65
C ASN A 536 -20.59 -33.08 44.00
N GLY A 537 -20.49 -33.10 42.66
CA GLY A 537 -20.18 -34.33 41.93
C GLY A 537 -21.29 -35.37 41.96
N GLN A 538 -22.41 -35.07 42.64
CA GLN A 538 -23.57 -35.98 42.67
C GLN A 538 -24.19 -36.11 41.27
N TYR A 539 -23.97 -35.09 40.43
CA TYR A 539 -24.52 -35.06 39.10
C TYR A 539 -23.52 -35.67 38.10
N SER A 540 -22.37 -36.16 38.56
CA SER A 540 -21.44 -36.81 37.65
C SER A 540 -21.75 -38.32 37.62
N THR A 541 -22.57 -38.74 36.65
CA THR A 541 -22.92 -40.13 36.49
C THR A 541 -22.39 -40.60 35.15
N LEU A 542 -22.58 -41.86 34.82
CA LEU A 542 -22.29 -42.32 33.46
C LEU A 542 -23.39 -41.83 32.53
N SER A 543 -24.64 -41.95 32.96
CA SER A 543 -25.77 -41.61 32.13
C SER A 543 -25.67 -40.15 31.67
N ARG A 544 -25.32 -39.27 32.60
CA ARG A 544 -25.26 -37.86 32.34
C ARG A 544 -24.26 -37.68 31.20
N SER A 545 -23.09 -38.29 31.33
CA SER A 545 -22.03 -38.15 30.34
C SER A 545 -22.46 -38.74 28.98
N ALA A 546 -23.12 -39.90 28.98
CA ALA A 546 -23.66 -40.45 27.77
C ALA A 546 -24.50 -39.38 27.06
N THR A 547 -25.52 -38.85 27.77
CA THR A 547 -26.41 -37.81 27.22
C THR A 547 -25.61 -36.61 26.70
N PHE A 548 -24.50 -36.29 27.36
CA PHE A 548 -23.65 -35.21 26.90
C PHE A 548 -23.14 -35.58 25.50
N SER A 549 -22.62 -36.81 25.37
CA SER A 549 -22.05 -37.28 24.12
C SER A 549 -23.07 -37.17 22.98
N ARG A 550 -24.33 -37.53 23.27
CA ARG A 550 -25.39 -37.45 22.29
C ARG A 550 -25.63 -35.99 21.92
N SER A 551 -25.59 -35.09 22.91
CA SER A 551 -25.77 -33.67 22.62
C SER A 551 -24.74 -33.23 21.57
N MET A 552 -23.49 -33.65 21.72
CA MET A 552 -22.46 -33.14 20.88
C MET A 552 -22.51 -33.86 19.52
N SER A 553 -22.78 -35.16 19.49
CA SER A 553 -23.04 -35.86 18.23
C SER A 553 -24.10 -35.11 17.43
N LEU A 554 -25.24 -34.85 18.09
CA LEU A 554 -26.35 -34.22 17.46
C LEU A 554 -25.89 -32.89 16.90
N PHE A 555 -25.26 -32.07 17.74
CA PHE A 555 -24.92 -30.77 17.30
C PHE A 555 -24.04 -30.88 16.07
N PHE A 556 -23.04 -31.78 16.11
CA PHE A 556 -21.91 -31.70 15.18
C PHE A 556 -22.12 -32.57 13.92
N LYS A 557 -23.01 -33.55 13.99
CA LYS A 557 -23.19 -34.51 12.90
C LYS A 557 -24.54 -34.34 12.20
N VAL A 558 -25.47 -33.61 12.79
CA VAL A 558 -26.79 -33.43 12.22
C VAL A 558 -26.99 -31.95 11.95
N TYR A 559 -26.98 -31.17 13.02
CA TYR A 559 -27.31 -29.81 12.93
C TYR A 559 -26.25 -29.04 12.14
N ILE A 560 -25.02 -29.55 12.10
CA ILE A 560 -23.95 -28.80 11.45
C ILE A 560 -24.33 -28.53 9.99
N ASN A 561 -24.95 -29.50 9.31
CA ASN A 561 -25.24 -29.36 7.91
C ASN A 561 -26.15 -28.16 7.68
N GLN A 562 -27.07 -27.92 8.61
CA GLN A 562 -27.98 -26.84 8.40
C GLN A 562 -27.22 -25.53 8.38
N PHE A 563 -26.22 -25.36 9.26
CA PHE A 563 -25.43 -24.11 9.31
C PHE A 563 -24.70 -23.91 7.98
N ALA A 564 -24.44 -25.00 7.27
CA ALA A 564 -23.72 -24.97 5.98
C ALA A 564 -24.64 -24.58 4.82
N SER A 565 -25.96 -24.74 5.01
CA SER A 565 -26.91 -24.63 3.92
C SER A 565 -26.78 -23.28 3.21
N ASP A 566 -26.87 -23.32 1.87
CA ASP A 566 -26.87 -22.14 1.03
C ASP A 566 -25.51 -21.45 1.05
N LYS A 567 -24.45 -22.12 1.50
CA LYS A 567 -23.15 -21.51 1.52
C LYS A 567 -22.23 -22.35 0.64
N LYS A 568 -21.32 -21.69 -0.08
CA LYS A 568 -20.46 -22.38 -1.05
C LYS A 568 -19.27 -22.98 -0.28
N LEU A 569 -19.40 -24.22 0.19
CA LEU A 569 -18.41 -24.89 1.04
C LEU A 569 -18.75 -26.38 1.21
N SER A 570 -17.78 -27.11 1.76
CA SER A 570 -17.89 -28.53 1.98
C SER A 570 -17.34 -28.85 3.37
N ILE A 571 -18.11 -29.63 4.13
CA ILE A 571 -17.71 -30.11 5.42
C ILE A 571 -17.06 -31.49 5.25
N ILE A 572 -15.75 -31.56 5.44
CA ILE A 572 -15.01 -32.75 5.17
C ILE A 572 -14.94 -33.68 6.39
N TYR A 573 -14.72 -33.12 7.58
CA TYR A 573 -14.71 -33.84 8.87
C TYR A 573 -15.62 -33.08 9.82
N ALA A 574 -16.44 -33.75 10.61
CA ALA A 574 -17.29 -33.02 11.58
C ALA A 574 -17.52 -33.84 12.85
N GLY A 575 -17.11 -33.25 13.97
CA GLY A 575 -17.28 -33.82 15.27
C GLY A 575 -16.82 -32.86 16.34
N GLY A 576 -17.32 -33.08 17.56
CA GLY A 576 -16.91 -32.27 18.71
C GLY A 576 -15.40 -32.17 18.83
N ASP A 577 -14.71 -33.24 18.42
CA ASP A 577 -13.26 -33.31 18.40
C ASP A 577 -12.69 -32.34 17.36
N ASP A 578 -13.22 -32.36 16.14
CA ASP A 578 -12.57 -31.72 15.01
C ASP A 578 -13.64 -31.46 13.95
N VAL A 579 -13.72 -30.21 13.49
CA VAL A 579 -14.50 -29.86 12.35
C VAL A 579 -13.57 -29.29 11.28
N PHE A 580 -13.71 -29.78 10.04
CA PHE A 580 -12.93 -29.33 8.92
C PHE A 580 -13.89 -29.03 7.78
N ALA A 581 -13.82 -27.80 7.27
CA ALA A 581 -14.64 -27.38 6.22
C ALA A 581 -13.83 -26.48 5.29
N ILE A 582 -13.97 -26.69 3.98
CA ILE A 582 -13.34 -25.86 3.02
C ILE A 582 -14.41 -25.36 2.07
N GLY A 583 -14.28 -24.08 1.69
CA GLY A 583 -15.18 -23.42 0.75
C GLY A 583 -14.61 -22.11 0.26
N SER A 584 -15.44 -21.30 -0.42
CA SER A 584 -15.18 -19.88 -0.70
C SER A 584 -15.13 -19.09 0.62
N TRP A 585 -14.41 -17.96 0.62
CA TRP A 585 -13.91 -17.46 1.92
C TRP A 585 -15.02 -16.77 2.74
N GLN A 586 -15.78 -15.87 2.12
CA GLN A 586 -16.85 -15.14 2.83
C GLN A 586 -17.87 -16.13 3.43
N ASP A 587 -18.15 -17.21 2.70
CA ASP A 587 -19.10 -18.22 3.17
C ASP A 587 -18.50 -19.07 4.29
N ILE A 588 -17.17 -19.24 4.31
CA ILE A 588 -16.54 -20.03 5.37
C ILE A 588 -16.58 -19.26 6.68
N ILE A 589 -16.43 -17.93 6.60
CA ILE A 589 -16.43 -17.12 7.78
C ILE A 589 -17.87 -17.03 8.29
N ALA A 590 -18.82 -17.00 7.36
CA ALA A 590 -20.23 -17.00 7.71
C ALA A 590 -20.59 -18.32 8.39
N PHE A 591 -20.05 -19.41 7.87
CA PHE A 591 -20.31 -20.76 8.38
C PHE A 591 -19.76 -20.89 9.81
N THR A 592 -18.53 -20.42 10.02
CA THR A 592 -17.89 -20.49 11.31
C THR A 592 -18.73 -19.72 12.35
N VAL A 593 -19.03 -18.47 12.03
CA VAL A 593 -19.80 -17.62 12.91
C VAL A 593 -21.19 -18.24 13.18
N GLU A 594 -21.89 -18.72 12.14
CA GLU A 594 -23.24 -19.26 12.34
C GLU A 594 -23.13 -20.48 13.26
N LEU A 595 -22.09 -21.29 13.00
CA LEU A 595 -21.88 -22.55 13.74
C LEU A 595 -21.62 -22.21 15.22
N ARG A 596 -20.76 -21.23 15.46
CA ARG A 596 -20.39 -20.94 16.81
C ARG A 596 -21.59 -20.40 17.60
N GLU A 597 -22.25 -19.39 17.07
CA GLU A 597 -23.26 -18.75 17.86
C GLU A 597 -24.38 -19.76 18.13
N ASN A 598 -24.68 -20.64 17.19
CA ASN A 598 -25.58 -21.76 17.45
C ASN A 598 -25.03 -22.62 18.59
N PHE A 599 -23.71 -22.80 18.63
CA PHE A 599 -23.09 -23.67 19.61
C PHE A 599 -23.16 -23.06 21.01
N ILE A 600 -22.97 -21.74 21.12
CA ILE A 600 -23.04 -21.07 22.40
C ILE A 600 -24.47 -21.10 22.92
N LYS A 601 -25.44 -20.79 22.08
CA LYS A 601 -26.80 -20.90 22.48
C LYS A 601 -27.10 -22.35 22.87
N TRP A 602 -26.66 -23.31 22.07
CA TRP A 602 -27.05 -24.74 22.27
C TRP A 602 -26.52 -25.26 23.61
N THR A 603 -25.37 -24.70 23.98
CA THR A 603 -24.63 -25.10 25.14
C THR A 603 -24.97 -24.21 26.34
N ASN A 604 -25.77 -23.17 26.10
CA ASN A 604 -26.17 -22.22 27.10
C ASN A 604 -24.94 -21.51 27.69
N GLY A 605 -23.94 -21.25 26.87
CA GLY A 605 -22.85 -20.36 27.26
C GLY A 605 -21.78 -21.05 28.08
N LYS A 606 -22.01 -22.33 28.38
CA LYS A 606 -21.16 -23.06 29.31
C LYS A 606 -19.97 -23.74 28.61
N LEU A 607 -19.82 -23.58 27.30
CA LEU A 607 -18.78 -24.27 26.50
C LEU A 607 -18.43 -23.40 25.30
N THR A 608 -17.19 -23.49 24.81
CA THR A 608 -16.82 -22.62 23.71
C THR A 608 -16.13 -23.41 22.61
N LEU A 609 -15.99 -22.76 21.44
CA LEU A 609 -15.14 -23.28 20.35
C LEU A 609 -13.93 -22.36 20.22
N SER A 610 -12.84 -22.91 19.68
CA SER A 610 -11.83 -22.13 19.02
C SER A 610 -11.75 -22.63 17.61
N ALA A 611 -11.38 -21.71 16.72
CA ALA A 611 -11.30 -22.02 15.30
C ALA A 611 -10.18 -21.21 14.69
N GLY A 612 -9.64 -21.72 13.60
CA GLY A 612 -8.82 -20.90 12.78
C GLY A 612 -9.15 -21.14 11.32
N ILE A 613 -8.93 -20.11 10.51
CA ILE A 613 -9.45 -19.99 9.18
C ILE A 613 -8.29 -19.63 8.26
N GLY A 614 -7.99 -20.51 7.31
CA GLY A 614 -6.85 -20.33 6.40
C GLY A 614 -7.27 -19.66 5.12
N LEU A 615 -6.37 -18.90 4.48
CA LEU A 615 -6.73 -18.21 3.24
C LEU A 615 -5.69 -18.47 2.16
N PHE A 616 -6.07 -19.12 1.06
CA PHE A 616 -5.10 -19.53 0.10
C PHE A 616 -5.58 -19.31 -1.33
N ALA A 617 -4.58 -19.14 -2.20
CA ALA A 617 -4.75 -19.04 -3.61
C ALA A 617 -5.20 -20.40 -4.15
N ASP A 618 -5.88 -20.37 -5.32
CA ASP A 618 -6.30 -21.58 -6.00
C ASP A 618 -5.09 -22.50 -6.15
N LYS A 619 -5.36 -23.81 -6.01
CA LYS A 619 -4.44 -24.88 -6.42
C LYS A 619 -3.35 -25.19 -5.36
N THR A 620 -3.27 -24.44 -4.25
CA THR A 620 -2.42 -24.88 -3.16
C THR A 620 -2.92 -26.25 -2.71
N PRO A 621 -2.02 -27.20 -2.36
CA PRO A 621 -2.44 -28.57 -2.10
C PRO A 621 -3.12 -28.70 -0.72
N ILE A 622 -3.87 -29.80 -0.57
CA ILE A 622 -4.73 -30.05 0.55
C ILE A 622 -3.88 -30.11 1.80
N SER A 623 -2.80 -30.90 1.75
CA SER A 623 -1.89 -31.10 2.87
C SER A 623 -1.51 -29.75 3.44
N LEU A 624 -1.21 -28.81 2.55
CA LEU A 624 -0.62 -27.56 2.96
C LEU A 624 -1.66 -26.75 3.75
N MET A 625 -2.85 -26.64 3.16
CA MET A 625 -3.92 -25.87 3.76
C MET A 625 -4.28 -26.47 5.12
N ALA A 626 -4.41 -27.80 5.18
CA ALA A 626 -4.80 -28.44 6.40
C ALA A 626 -3.77 -28.11 7.48
N HIS A 627 -2.50 -28.18 7.12
CA HIS A 627 -1.45 -27.99 8.07
C HIS A 627 -1.45 -26.54 8.57
N GLN A 628 -1.46 -25.58 7.65
CA GLN A 628 -1.30 -24.16 8.00
C GLN A 628 -2.53 -23.68 8.78
N THR A 629 -3.69 -24.26 8.48
CA THR A 629 -4.93 -23.88 9.15
C THR A 629 -5.01 -24.53 10.53
N GLY A 630 -4.48 -25.73 10.66
CA GLY A 630 -4.25 -26.32 11.99
C GLY A 630 -3.37 -25.47 12.88
N GLU A 631 -2.31 -24.88 12.33
CA GLU A 631 -1.44 -24.02 13.09
C GLU A 631 -2.26 -22.80 13.55
N LEU A 632 -3.04 -22.22 12.63
CA LEU A 632 -3.86 -21.05 12.94
C LEU A 632 -4.85 -21.37 14.05
N GLU A 633 -5.48 -22.55 13.98
CA GLU A 633 -6.38 -22.94 15.03
C GLU A 633 -5.64 -23.03 16.37
N GLU A 634 -4.40 -23.55 16.37
CA GLU A 634 -3.72 -23.68 17.65
C GLU A 634 -3.39 -22.29 18.20
N ALA A 635 -3.09 -21.32 17.32
CA ALA A 635 -2.88 -19.95 17.79
C ALA A 635 -4.15 -19.51 18.50
N ALA A 636 -5.29 -19.84 17.89
CA ALA A 636 -6.57 -19.43 18.43
C ALA A 636 -6.76 -20.05 19.83
N LYS A 637 -6.42 -21.34 19.96
CA LYS A 637 -6.49 -22.00 21.23
C LYS A 637 -5.45 -21.37 22.15
N GLY A 638 -4.58 -20.55 21.55
CA GLY A 638 -3.44 -19.87 22.16
C GLY A 638 -3.84 -18.72 23.06
N ASN A 639 -4.95 -18.04 22.75
CA ASN A 639 -5.62 -17.16 23.71
C ASN A 639 -6.15 -18.03 24.87
N GLU A 640 -7.04 -17.47 25.68
CA GLU A 640 -7.70 -18.23 26.70
C GLU A 640 -8.75 -19.13 26.03
N LYS A 641 -8.45 -19.62 24.83
CA LYS A 641 -9.11 -20.76 24.23
C LYS A 641 -10.53 -20.41 23.72
N ASP A 642 -10.92 -19.13 23.68
CA ASP A 642 -12.27 -18.79 23.19
C ASP A 642 -12.13 -18.02 21.88
N SER A 643 -10.97 -18.15 21.23
CA SER A 643 -10.61 -17.23 20.19
C SER A 643 -10.84 -17.86 18.81
N ILE A 644 -10.67 -17.00 17.82
CA ILE A 644 -10.67 -17.39 16.38
C ILE A 644 -9.44 -16.75 15.74
N SER A 645 -8.71 -17.48 14.92
CA SER A 645 -7.53 -16.91 14.22
C SER A 645 -7.82 -16.91 12.73
N LEU A 646 -7.72 -15.75 12.09
CA LEU A 646 -8.02 -15.65 10.66
C LEU A 646 -6.79 -15.19 9.91
N PHE A 647 -6.37 -15.91 8.87
CA PHE A 647 -5.27 -15.56 7.93
C PHE A 647 -3.85 -15.25 8.42
N SER A 648 -3.62 -15.24 9.72
CA SER A 648 -2.28 -14.96 10.28
C SER A 648 -2.48 -15.09 11.77
N SER A 649 -1.47 -15.61 12.45
CA SER A 649 -1.50 -15.80 13.91
C SER A 649 -1.69 -14.47 14.64
N ASP A 650 -1.21 -13.38 14.04
CA ASP A 650 -1.32 -12.00 14.53
C ASP A 650 -2.79 -11.63 14.63
N TYR A 651 -3.62 -12.06 13.69
CA TYR A 651 -5.05 -11.72 13.79
C TYR A 651 -5.82 -12.80 14.54
N THR A 652 -5.82 -12.69 15.87
CA THR A 652 -6.34 -13.68 16.78
C THR A 652 -7.15 -12.96 17.85
N PHE A 653 -8.44 -13.26 17.92
CA PHE A 653 -9.32 -12.49 18.74
C PHE A 653 -10.23 -13.44 19.49
N LYS A 654 -10.58 -13.09 20.73
CA LYS A 654 -11.68 -13.75 21.41
C LYS A 654 -12.87 -13.74 20.44
N PHE A 655 -13.47 -14.91 20.21
CA PHE A 655 -14.53 -15.08 19.22
C PHE A 655 -15.55 -13.97 19.41
N ASP A 656 -15.85 -13.71 20.70
CA ASP A 656 -16.92 -12.87 21.09
C ASP A 656 -16.74 -11.48 20.49
N ARG A 657 -15.52 -10.97 20.58
CA ARG A 657 -15.28 -9.61 20.19
C ARG A 657 -14.86 -9.54 18.71
N PHE A 658 -14.47 -10.65 18.08
CA PHE A 658 -14.34 -10.64 16.64
C PHE A 658 -15.72 -10.51 16.00
N ILE A 659 -16.66 -11.33 16.48
CA ILE A 659 -18.02 -11.31 16.00
C ILE A 659 -18.54 -9.88 16.20
N THR A 660 -18.69 -9.49 17.47
CA THR A 660 -19.43 -8.32 17.86
C THR A 660 -18.75 -7.07 17.31
N ASN A 661 -17.41 -7.04 17.35
CA ASN A 661 -16.62 -5.82 17.11
C ASN A 661 -16.04 -5.75 15.70
N VAL A 662 -15.29 -6.77 15.25
CA VAL A 662 -14.67 -6.72 13.91
C VAL A 662 -15.74 -6.91 12.83
N TYR A 663 -16.46 -8.02 12.91
CA TYR A 663 -17.28 -8.49 11.78
C TYR A 663 -18.40 -7.49 11.52
N ASP A 664 -19.18 -7.15 12.56
CA ASP A 664 -20.42 -6.38 12.34
C ASP A 664 -20.40 -5.01 13.03
N ASP A 665 -19.29 -4.53 13.58
CA ASP A 665 -19.17 -3.07 13.83
C ASP A 665 -18.15 -2.44 12.88
N LYS A 666 -16.86 -2.53 13.23
CA LYS A 666 -15.80 -1.83 12.55
C LYS A 666 -15.92 -2.03 11.03
N LEU A 667 -16.21 -3.27 10.63
CA LEU A 667 -16.24 -3.62 9.21
C LEU A 667 -17.46 -2.98 8.54
N GLU A 668 -18.57 -2.89 9.26
CA GLU A 668 -19.80 -2.27 8.71
C GLU A 668 -19.58 -0.77 8.57
N GLN A 669 -18.94 -0.15 9.56
CA GLN A 669 -18.62 1.27 9.49
C GLN A 669 -17.70 1.51 8.29
N ILE A 670 -16.58 0.79 8.25
CA ILE A 670 -15.63 0.93 7.14
C ILE A 670 -16.38 0.78 5.81
N ARG A 671 -17.13 -0.32 5.67
CA ARG A 671 -17.82 -0.62 4.43
C ARG A 671 -18.65 0.60 4.05
N TYR A 672 -19.33 1.18 5.05
CA TYR A 672 -20.31 2.19 4.76
C TYR A 672 -19.63 3.42 4.18
N PHE A 673 -18.49 3.82 4.74
CA PHE A 673 -17.84 5.05 4.30
C PHE A 673 -17.14 4.84 2.96
N PHE A 674 -16.49 3.70 2.78
CA PHE A 674 -15.64 3.47 1.63
C PHE A 674 -16.45 3.00 0.40
N ASN A 675 -17.61 2.37 0.60
CA ASN A 675 -18.50 2.04 -0.54
C ASN A 675 -18.95 3.34 -1.23
N HIS A 676 -18.88 4.46 -0.49
CA HIS A 676 -19.23 5.79 -1.02
C HIS A 676 -18.00 6.45 -1.69
N GLN A 677 -16.79 6.12 -1.23
CA GLN A 677 -15.59 6.77 -1.72
C GLN A 677 -15.18 6.19 -3.08
N ASP A 678 -14.39 6.97 -3.81
CA ASP A 678 -13.90 6.65 -5.12
C ASP A 678 -12.49 6.08 -4.96
N GLU A 679 -11.87 5.70 -6.09
CA GLU A 679 -10.53 5.09 -6.11
C GLU A 679 -9.57 5.88 -5.21
N ARG A 680 -9.65 7.22 -5.30
CA ARG A 680 -8.64 8.07 -4.69
C ARG A 680 -8.69 7.94 -3.17
N GLY A 681 -9.90 7.87 -2.64
CA GLY A 681 -10.12 7.70 -1.23
C GLY A 681 -9.87 6.27 -0.79
N LYS A 682 -10.35 5.29 -1.57
CA LYS A 682 -10.17 3.87 -1.30
C LYS A 682 -8.67 3.58 -1.11
N ASN A 683 -7.82 4.35 -1.81
CA ASN A 683 -6.37 4.21 -1.66
C ASN A 683 -5.92 4.47 -0.21
N PHE A 684 -6.59 5.40 0.50
CA PHE A 684 -6.20 5.74 1.88
C PHE A 684 -6.24 4.50 2.79
N ILE A 685 -7.05 3.50 2.45
CA ILE A 685 -7.11 2.29 3.26
C ILE A 685 -5.70 1.74 3.45
N TYR A 686 -4.91 1.75 2.38
CA TYR A 686 -3.55 1.28 2.44
C TYR A 686 -2.77 2.10 3.46
N LYS A 687 -2.90 3.43 3.43
CA LYS A 687 -2.18 4.22 4.41
C LYS A 687 -2.59 3.79 5.83
N LEU A 688 -3.89 3.65 6.06
CA LEU A 688 -4.40 3.33 7.37
C LEU A 688 -3.81 2.00 7.85
N ILE A 689 -3.80 1.00 6.96
CA ILE A 689 -3.19 -0.27 7.24
C ILE A 689 -1.77 -0.06 7.73
N GLU A 690 -0.97 0.61 6.90
CA GLU A 690 0.41 0.81 7.22
C GLU A 690 0.51 1.41 8.62
N LEU A 691 -0.17 2.53 8.83
CA LEU A 691 -0.05 3.24 10.06
C LEU A 691 -0.42 2.31 11.23
N LEU A 692 -1.33 1.37 11.02
CA LEU A 692 -1.71 0.45 12.08
C LEU A 692 -0.55 -0.52 12.38
N ARG A 693 0.23 -0.88 11.36
CA ARG A 693 1.32 -1.82 11.57
C ARG A 693 2.50 -1.11 12.22
N ASN A 694 2.58 0.21 12.06
CA ASN A 694 3.73 0.97 12.54
C ASN A 694 3.37 1.89 13.69
N HIS A 695 2.49 1.41 14.58
CA HIS A 695 1.97 2.25 15.64
C HIS A 695 3.14 2.90 16.40
N ASP A 696 3.25 4.22 16.31
CA ASP A 696 4.15 4.97 17.14
C ASP A 696 3.60 6.39 17.28
N ARG A 697 4.16 7.15 18.23
CA ARG A 697 3.66 8.48 18.60
C ARG A 697 3.47 9.34 17.34
N MET A 698 4.52 9.55 16.56
CA MET A 698 4.50 10.48 15.41
C MET A 698 3.46 10.03 14.36
N ASN A 699 3.34 8.73 14.14
CA ASN A 699 2.39 8.21 13.22
C ASN A 699 0.96 8.44 13.71
N MET A 700 0.75 8.83 14.98
CA MET A 700 -0.58 9.34 15.41
C MET A 700 -0.86 10.68 14.74
N ALA A 701 0.18 11.50 14.61
CA ALA A 701 0.06 12.78 13.94
C ALA A 701 -0.36 12.52 12.49
N ARG A 702 0.43 11.69 11.81
CA ARG A 702 0.22 11.37 10.42
C ARG A 702 -1.18 10.76 10.28
N LEU A 703 -1.57 9.90 11.24
CA LEU A 703 -2.90 9.31 11.16
C LEU A 703 -3.96 10.40 11.10
N ALA A 704 -3.85 11.36 12.02
CA ALA A 704 -4.79 12.47 12.08
C ALA A 704 -4.78 13.21 10.74
N TYR A 705 -3.59 13.45 10.17
CA TYR A 705 -3.51 14.25 8.96
C TYR A 705 -4.31 13.58 7.85
N TYR A 706 -4.02 12.31 7.55
CA TYR A 706 -4.68 11.64 6.43
C TYR A 706 -6.14 11.32 6.78
N LEU A 707 -6.49 11.22 8.07
CA LEU A 707 -7.87 11.07 8.39
C LEU A 707 -8.62 12.34 7.97
N THR A 708 -8.17 13.53 8.38
CA THR A 708 -8.89 14.76 8.01
C THR A 708 -8.83 14.98 6.49
N ARG A 709 -7.77 14.50 5.85
CA ARG A 709 -7.65 14.60 4.42
C ARG A 709 -8.76 13.79 3.77
N LEU A 710 -9.00 12.60 4.30
CA LEU A 710 -10.06 11.75 3.82
C LEU A 710 -11.40 12.46 4.03
N GLU A 711 -11.65 12.91 5.28
CA GLU A 711 -12.87 13.70 5.64
C GLU A 711 -13.10 14.79 4.58
N GLU A 712 -12.02 15.43 4.12
CA GLU A 712 -12.11 16.45 3.12
C GLU A 712 -12.65 15.84 1.83
N LEU A 713 -12.07 14.72 1.39
CA LEU A 713 -12.46 14.15 0.11
C LEU A 713 -13.86 13.52 0.19
N THR A 714 -14.37 13.25 1.40
CA THR A 714 -15.69 12.59 1.50
C THR A 714 -16.81 13.58 1.14
N ARG A 715 -17.83 13.07 0.44
CA ARG A 715 -19.06 13.80 0.09
C ARG A 715 -19.78 14.31 1.35
N GLU A 716 -20.50 15.43 1.19
CA GLU A 716 -21.16 16.20 2.28
C GLU A 716 -22.36 15.47 2.91
N THR A 717 -22.94 14.49 2.19
CA THR A 717 -24.03 13.67 2.74
C THR A 717 -23.55 12.92 3.99
N ASP A 718 -22.34 12.34 3.92
CA ASP A 718 -21.74 11.51 4.99
C ASP A 718 -20.78 12.32 5.89
N ARG A 719 -20.68 13.64 5.66
CA ARG A 719 -19.70 14.47 6.33
C ARG A 719 -19.89 14.39 7.84
N ASP A 720 -21.16 14.36 8.30
CA ASP A 720 -21.45 14.34 9.75
C ASP A 720 -21.05 12.97 10.31
N LYS A 721 -21.59 11.89 9.72
CA LYS A 721 -21.30 10.50 10.15
C LYS A 721 -19.77 10.26 10.12
N PHE A 722 -19.09 10.80 9.07
CA PHE A 722 -17.67 10.57 8.92
C PHE A 722 -16.89 11.33 9.99
N LYS A 723 -17.33 12.55 10.35
CA LYS A 723 -16.73 13.29 11.49
C LYS A 723 -16.70 12.36 12.72
N THR A 724 -17.85 11.79 13.07
CA THR A 724 -17.95 10.90 14.23
C THR A 724 -16.92 9.78 14.08
N PHE A 725 -16.95 9.12 12.91
CA PHE A 725 -16.07 7.96 12.64
C PHE A 725 -14.59 8.34 12.77
N LYS A 726 -14.16 9.41 12.09
CA LYS A 726 -12.76 9.83 12.06
C LYS A 726 -12.22 9.94 13.49
N ASN A 727 -12.96 10.63 14.35
CA ASN A 727 -12.50 10.85 15.71
C ASN A 727 -12.51 9.51 16.49
N LEU A 728 -13.48 8.64 16.20
CA LEU A 728 -13.53 7.29 16.81
C LEU A 728 -12.25 6.51 16.45
N PHE A 729 -11.85 6.55 15.17
CA PHE A 729 -10.67 5.86 14.73
C PHE A 729 -9.46 6.33 15.54
N TYR A 730 -9.19 7.64 15.49
CA TYR A 730 -8.07 8.18 16.20
C TYR A 730 -8.14 7.75 17.67
N SER A 731 -9.36 7.55 18.23
CA SER A 731 -9.57 7.00 19.60
C SER A 731 -8.95 5.61 19.72
N TRP A 732 -9.36 4.70 18.83
CA TRP A 732 -8.78 3.34 18.77
C TRP A 732 -7.24 3.39 18.71
N TYR A 733 -6.72 4.22 17.80
CA TYR A 733 -5.30 4.33 17.53
C TYR A 733 -4.55 4.97 18.70
N THR A 734 -5.26 5.67 19.58
CA THR A 734 -4.60 6.37 20.67
C THR A 734 -4.71 5.57 21.96
N ASN A 735 -5.70 4.67 22.10
CA ASN A 735 -5.82 3.83 23.26
C ASN A 735 -4.45 3.24 23.57
N LYS A 736 -4.05 3.28 24.84
CA LYS A 736 -2.82 2.60 25.27
C LYS A 736 -3.06 1.09 25.16
N ASN A 737 -4.32 0.68 25.29
CA ASN A 737 -4.74 -0.69 25.04
C ASN A 737 -4.88 -0.93 23.52
N ASP A 738 -4.18 -1.93 22.98
CA ASP A 738 -4.01 -2.11 21.53
C ASP A 738 -5.16 -2.90 20.91
N LYS A 739 -6.16 -3.30 21.68
CA LYS A 739 -7.16 -4.19 21.16
C LYS A 739 -7.88 -3.57 19.97
N ASP A 740 -8.27 -2.31 20.06
CA ASP A 740 -9.19 -1.75 19.07
C ASP A 740 -8.45 -1.55 17.74
N ARG A 741 -7.15 -1.22 17.79
CA ARG A 741 -6.47 -0.97 16.53
C ARG A 741 -6.15 -2.31 15.83
N LYS A 742 -6.01 -3.39 16.60
CA LYS A 742 -5.84 -4.74 15.98
C LYS A 742 -7.09 -5.09 15.15
N GLU A 743 -8.25 -4.95 15.81
CA GLU A 743 -9.52 -5.20 15.17
C GLU A 743 -9.67 -4.32 13.92
N ALA A 744 -9.18 -3.07 14.02
CA ALA A 744 -9.19 -2.14 12.91
C ALA A 744 -8.40 -2.69 11.72
N GLU A 745 -7.17 -3.17 11.97
CA GLU A 745 -6.29 -3.67 10.90
C GLU A 745 -7.04 -4.78 10.15
N LEU A 746 -7.57 -5.75 10.91
CA LEU A 746 -8.22 -6.91 10.35
C LEU A 746 -9.48 -6.53 9.57
N ALA A 747 -10.26 -5.56 10.05
CA ALA A 747 -11.51 -5.17 9.33
C ALA A 747 -11.15 -4.43 8.04
N LEU A 748 -10.12 -3.57 8.06
CA LEU A 748 -9.71 -2.93 6.84
C LEU A 748 -9.30 -4.00 5.83
N LEU A 749 -8.59 -5.03 6.30
CA LEU A 749 -8.18 -6.19 5.47
C LEU A 749 -9.38 -6.89 4.85
N LEU A 750 -10.30 -7.35 5.70
CA LEU A 750 -11.50 -7.96 5.25
C LEU A 750 -12.10 -7.10 4.13
N TYR A 751 -12.21 -5.79 4.35
CA TYR A 751 -12.82 -4.90 3.40
C TYR A 751 -12.06 -4.97 2.06
N ILE A 752 -10.72 -4.84 2.10
CA ILE A 752 -9.95 -4.78 0.85
C ILE A 752 -10.12 -6.08 0.06
N TYR A 753 -9.92 -7.24 0.71
CA TYR A 753 -10.20 -8.54 0.11
C TYR A 753 -11.59 -8.54 -0.52
N GLU A 754 -12.54 -7.87 0.13
CA GLU A 754 -13.97 -7.92 -0.19
C GLU A 754 -14.26 -7.18 -1.50
N ILE A 755 -13.43 -6.19 -1.86
CA ILE A 755 -13.70 -5.35 -3.02
C ILE A 755 -12.81 -5.72 -4.21
N ARG A 756 -11.70 -6.44 -4.00
CA ARG A 756 -10.58 -6.53 -4.99
C ARG A 756 -11.06 -7.18 -6.29
N LYS A 757 -10.67 -6.57 -7.42
CA LYS A 757 -10.79 -7.16 -8.78
C LYS A 757 -9.38 -7.37 -9.38
N MET B 1 22.04 -12.47 -35.95
CA MET B 1 21.87 -13.94 -35.96
C MET B 1 22.39 -14.54 -34.64
N THR B 2 23.54 -14.07 -34.17
CA THR B 2 24.16 -14.52 -32.91
C THR B 2 23.40 -13.90 -31.71
N PHE B 3 24.04 -13.91 -30.52
CA PHE B 3 23.50 -13.18 -29.35
C PHE B 3 24.34 -11.92 -29.07
N ALA B 4 23.65 -10.82 -28.77
CA ALA B 4 24.29 -9.57 -28.35
C ALA B 4 23.26 -8.63 -27.72
N LYS B 5 23.78 -7.72 -26.88
CA LYS B 5 22.98 -6.72 -26.19
C LYS B 5 23.54 -5.33 -26.47
N ILE B 6 22.67 -4.46 -27.04
CA ILE B 6 22.97 -3.07 -27.34
C ILE B 6 22.24 -2.17 -26.35
N LYS B 7 23.00 -1.22 -25.77
CA LYS B 7 22.50 -0.24 -24.84
C LYS B 7 22.33 1.11 -25.54
N PHE B 8 21.07 1.53 -25.69
CA PHE B 8 20.74 2.89 -26.11
C PHE B 8 20.78 3.81 -24.89
N SER B 9 21.66 4.80 -24.91
CA SER B 9 21.75 5.75 -23.84
C SER B 9 21.51 7.15 -24.38
N ALA B 10 20.90 7.99 -23.53
CA ALA B 10 20.76 9.38 -23.82
C ALA B 10 20.58 10.14 -22.51
N GLN B 11 20.48 11.47 -22.61
CA GLN B 11 20.04 12.29 -21.53
C GLN B 11 18.70 12.92 -21.94
N ILE B 12 17.67 12.65 -21.15
CA ILE B 12 16.38 13.27 -21.38
C ILE B 12 16.46 14.64 -20.75
N ARG B 13 16.28 15.69 -21.57
CA ARG B 13 16.10 17.03 -21.05
C ARG B 13 14.60 17.37 -21.06
N LEU B 14 14.12 17.90 -19.94
CA LEU B 14 12.77 18.40 -19.86
C LEU B 14 12.74 19.79 -20.49
N GLU B 15 11.99 19.92 -21.58
CA GLU B 15 11.84 21.21 -22.28
C GLU B 15 10.78 22.04 -21.55
N THR B 16 9.79 21.38 -20.96
CA THR B 16 8.82 21.99 -20.08
C THR B 16 8.70 21.12 -18.81
N GLY B 17 8.02 21.65 -17.82
CA GLY B 17 7.70 20.90 -16.62
C GLY B 17 6.97 19.61 -16.93
N LEU B 18 7.35 18.56 -16.21
CA LEU B 18 6.85 17.21 -16.39
C LEU B 18 6.08 16.79 -15.13
N HIS B 19 4.94 16.13 -15.34
CA HIS B 19 4.15 15.62 -14.23
C HIS B 19 3.70 14.19 -14.54
N ILE B 20 4.20 13.23 -13.75
CA ILE B 20 3.74 11.85 -13.84
C ILE B 20 2.97 11.51 -12.57
N GLY B 21 3.67 11.26 -11.47
CA GLY B 21 3.08 11.30 -10.16
C GLY B 21 1.94 10.33 -9.91
N GLY B 22 1.37 10.44 -8.71
CA GLY B 22 -0.04 10.11 -8.49
C GLY B 22 -0.33 9.29 -7.25
N SER B 23 0.67 9.13 -6.38
CA SER B 23 0.42 8.56 -5.06
C SER B 23 -0.15 9.68 -4.19
N ASP B 24 -1.49 9.74 -4.05
CA ASP B 24 -2.16 10.86 -3.32
C ASP B 24 -2.14 10.59 -1.81
N ALA B 25 -2.55 9.39 -1.37
CA ALA B 25 -2.58 9.02 0.04
C ALA B 25 -1.18 8.66 0.56
N PHE B 26 -0.16 8.56 -0.30
CA PHE B 26 1.22 8.38 0.13
C PHE B 26 1.99 9.69 -0.02
N ALA B 27 1.25 10.78 -0.24
CA ALA B 27 1.84 12.11 -0.51
C ALA B 27 2.57 12.63 0.74
N ALA B 28 3.47 13.60 0.52
CA ALA B 28 4.03 14.47 1.56
C ALA B 28 2.89 15.14 2.34
N ILE B 29 3.09 15.29 3.66
CA ILE B 29 2.11 15.90 4.55
C ILE B 29 1.99 17.41 4.24
N GLY B 30 2.99 17.90 3.52
CA GLY B 30 3.06 19.31 3.11
C GLY B 30 1.71 19.97 2.92
N ALA B 31 1.43 20.40 1.70
CA ALA B 31 0.22 21.17 1.36
C ALA B 31 -0.44 20.56 0.13
N ILE B 32 -1.47 21.23 -0.39
CA ILE B 32 -2.16 20.73 -1.60
C ILE B 32 -1.18 20.73 -2.75
N ASP B 33 -1.18 19.65 -3.51
CA ASP B 33 -0.39 19.50 -4.75
C ASP B 33 -0.87 18.24 -5.42
N SER B 34 -0.74 18.13 -6.72
CA SER B 34 -0.95 16.76 -7.25
C SER B 34 0.50 16.28 -7.33
N PRO B 35 0.95 15.38 -6.44
CA PRO B 35 2.37 15.04 -6.35
C PRO B 35 2.93 14.28 -7.55
N VAL B 36 4.23 14.34 -7.75
CA VAL B 36 4.87 13.63 -8.85
C VAL B 36 5.65 12.43 -8.30
N ILE B 37 5.80 11.40 -9.11
CA ILE B 37 6.42 10.12 -8.71
C ILE B 37 7.88 10.40 -8.38
N LYS B 38 8.32 9.91 -7.22
CA LYS B 38 9.65 10.24 -6.70
C LYS B 38 10.37 8.98 -6.22
N ASP B 39 11.69 8.96 -6.43
CA ASP B 39 12.55 7.92 -5.92
C ASP B 39 12.60 8.01 -4.40
N PRO B 40 12.24 6.95 -3.66
CA PRO B 40 11.99 7.06 -2.23
C PRO B 40 13.20 7.50 -1.41
N ILE B 41 14.42 7.13 -1.82
CA ILE B 41 15.59 7.38 -0.99
C ILE B 41 16.01 8.85 -1.10
N THR B 42 15.98 9.41 -2.31
CA THR B 42 16.44 10.79 -2.58
C THR B 42 15.28 11.78 -2.67
N ASN B 43 14.04 11.27 -2.72
CA ASN B 43 12.84 12.10 -2.86
C ASN B 43 12.93 12.98 -4.12
N LEU B 44 13.74 12.58 -5.12
CA LEU B 44 13.84 13.31 -6.36
C LEU B 44 12.83 12.76 -7.36
N PRO B 45 12.42 13.56 -8.36
CA PRO B 45 11.62 13.05 -9.46
C PRO B 45 12.36 11.93 -10.19
N ILE B 46 11.56 11.02 -10.73
CA ILE B 46 11.98 9.84 -11.44
C ILE B 46 11.12 9.79 -12.71
N ILE B 47 11.67 9.33 -13.82
CA ILE B 47 10.86 8.97 -14.97
C ILE B 47 10.72 7.47 -14.99
N PRO B 48 9.58 6.88 -14.57
CA PRO B 48 9.46 5.42 -14.52
C PRO B 48 9.46 4.85 -15.95
N GLY B 49 10.22 3.79 -16.13
CA GLY B 49 10.33 3.16 -17.44
C GLY B 49 8.98 2.71 -17.96
N SER B 50 8.05 2.40 -17.05
CA SER B 50 6.73 1.95 -17.42
C SER B 50 6.06 3.04 -18.28
N SER B 51 6.22 4.31 -17.83
CA SER B 51 5.70 5.48 -18.50
C SER B 51 6.29 5.58 -19.91
N LEU B 52 7.62 5.59 -20.02
CA LEU B 52 8.29 5.70 -21.34
C LEU B 52 7.77 4.63 -22.30
N LYS B 53 7.78 3.37 -21.84
CA LYS B 53 7.41 2.26 -22.67
C LYS B 53 5.97 2.46 -23.12
N GLY B 54 5.07 2.70 -22.16
CA GLY B 54 3.65 2.82 -22.47
C GLY B 54 3.40 3.84 -23.57
N LYS B 55 3.88 5.06 -23.33
CA LYS B 55 3.59 6.16 -24.22
C LYS B 55 4.19 5.88 -25.60
N MET B 56 5.47 5.48 -25.65
CA MET B 56 6.13 5.20 -26.91
C MET B 56 5.36 4.12 -27.67
N ARG B 57 4.84 3.12 -26.96
CA ARG B 57 4.15 2.03 -27.61
C ARG B 57 2.86 2.51 -28.25
N THR B 58 2.05 3.25 -27.50
CA THR B 58 0.74 3.67 -27.99
C THR B 58 0.91 4.69 -29.12
N LEU B 59 2.00 5.46 -29.09
CA LEU B 59 2.34 6.36 -30.21
C LEU B 59 2.62 5.51 -31.46
N LEU B 60 3.44 4.48 -31.28
CA LEU B 60 3.94 3.67 -32.38
C LEU B 60 2.83 2.81 -32.96
N ALA B 61 1.77 2.53 -32.19
CA ALA B 61 0.64 1.77 -32.72
C ALA B 61 -0.05 2.56 -33.84
N LYS B 62 -0.02 3.90 -33.73
CA LYS B 62 -0.68 4.77 -34.70
C LYS B 62 0.08 4.72 -36.03
N VAL B 63 1.39 4.48 -35.99
CA VAL B 63 2.19 4.39 -37.19
C VAL B 63 2.17 2.97 -37.74
N TYR B 64 2.49 1.98 -36.90
CA TYR B 64 2.97 0.68 -37.39
C TYR B 64 1.92 -0.42 -37.40
N ASN B 65 0.68 -0.16 -36.98
CA ASN B 65 -0.31 -1.26 -36.93
C ASN B 65 -0.99 -1.44 -38.29
N GLU B 66 -1.44 -0.34 -38.91
CA GLU B 66 -2.21 -0.37 -40.17
C GLU B 66 -3.38 -1.36 -40.06
N LYS B 67 -3.95 -1.42 -38.86
CA LYS B 67 -5.32 -1.79 -38.53
C LYS B 67 -5.44 -1.52 -37.01
N VAL B 68 -6.49 -0.81 -36.58
CA VAL B 68 -6.63 -0.41 -35.19
C VAL B 68 -6.81 -1.68 -34.34
N ALA B 69 -6.01 -1.77 -33.27
CA ALA B 69 -5.97 -2.89 -32.34
C ALA B 69 -6.74 -2.51 -31.07
N GLU B 70 -7.82 -3.24 -30.77
CA GLU B 70 -8.61 -3.02 -29.57
C GLU B 70 -7.68 -3.09 -28.33
N LYS B 71 -6.93 -4.19 -28.20
CA LYS B 71 -6.05 -4.44 -27.03
C LYS B 71 -4.60 -4.37 -27.49
N PRO B 72 -3.61 -4.07 -26.59
CA PRO B 72 -2.18 -4.23 -26.94
C PRO B 72 -1.75 -5.65 -27.38
N SER B 73 -2.54 -6.68 -27.03
CA SER B 73 -2.39 -8.05 -27.53
C SER B 73 -2.53 -8.11 -29.06
N ASP B 74 -3.21 -7.11 -29.64
CA ASP B 74 -3.62 -7.10 -31.03
C ASP B 74 -2.65 -6.26 -31.87
N ASP B 75 -1.58 -5.75 -31.25
CA ASP B 75 -0.58 -4.98 -31.98
C ASP B 75 0.10 -5.87 -33.02
N SER B 76 0.75 -5.21 -33.99
CA SER B 76 1.43 -5.88 -35.08
C SER B 76 2.61 -6.71 -34.55
N ASP B 77 3.04 -7.70 -35.33
CA ASP B 77 4.18 -8.55 -34.99
C ASP B 77 5.43 -7.71 -34.74
N ILE B 78 5.55 -6.55 -35.39
CA ILE B 78 6.71 -5.70 -35.26
C ILE B 78 6.72 -5.07 -33.85
N LEU B 79 5.55 -4.68 -33.36
CA LEU B 79 5.46 -4.08 -32.04
C LEU B 79 5.54 -5.17 -30.97
N SER B 80 4.83 -6.29 -31.20
CA SER B 80 4.84 -7.41 -30.26
C SER B 80 6.27 -7.93 -30.10
N ARG B 81 7.01 -7.96 -31.21
CA ARG B 81 8.39 -8.40 -31.25
C ARG B 81 9.21 -7.58 -30.25
N LEU B 82 8.91 -6.30 -30.11
CA LEU B 82 9.77 -5.39 -29.39
C LEU B 82 9.29 -5.22 -27.94
N PHE B 83 7.99 -5.02 -27.75
CA PHE B 83 7.44 -4.61 -26.46
C PHE B 83 6.85 -5.79 -25.69
N GLY B 84 6.68 -6.93 -26.36
CA GLY B 84 6.18 -8.14 -25.77
C GLY B 84 4.68 -8.25 -25.94
N ASN B 85 4.20 -9.48 -26.06
CA ASN B 85 2.81 -9.80 -26.16
C ASN B 85 2.54 -11.03 -25.30
N SER B 86 1.67 -10.91 -24.30
CA SER B 86 1.47 -12.00 -23.33
C SER B 86 0.70 -13.16 -23.96
N LYS B 87 -0.07 -12.89 -25.03
CA LYS B 87 -0.99 -13.87 -25.61
C LYS B 87 -0.45 -14.42 -26.94
N ASP B 88 0.80 -14.13 -27.28
CA ASP B 88 1.46 -14.73 -28.46
C ASP B 88 2.72 -15.46 -27.98
N LYS B 89 2.77 -16.77 -28.22
CA LYS B 89 3.85 -17.63 -27.72
C LYS B 89 5.22 -17.11 -28.19
N ARG B 90 5.28 -16.52 -29.40
CA ARG B 90 6.56 -16.16 -30.02
C ARG B 90 7.18 -14.94 -29.34
N PHE B 91 6.33 -13.99 -28.94
CA PHE B 91 6.77 -12.67 -28.50
C PHE B 91 6.56 -12.49 -26.98
N LYS B 92 6.33 -13.57 -26.24
CA LYS B 92 6.03 -13.48 -24.83
C LYS B 92 7.11 -12.66 -24.14
N MET B 93 8.35 -12.69 -24.66
CA MET B 93 9.41 -11.88 -24.07
C MET B 93 10.01 -10.94 -25.11
N GLY B 94 9.90 -9.64 -24.81
CA GLY B 94 10.18 -8.60 -25.77
C GLY B 94 11.65 -8.23 -25.77
N ARG B 95 12.12 -7.64 -26.86
CA ARG B 95 13.53 -7.46 -27.06
C ARG B 95 14.00 -6.17 -26.40
N LEU B 96 13.08 -5.39 -25.81
CA LEU B 96 13.41 -4.10 -25.23
C LEU B 96 13.27 -4.14 -23.72
N ILE B 97 14.21 -3.50 -23.03
CA ILE B 97 14.13 -3.27 -21.60
C ILE B 97 14.30 -1.77 -21.38
N PHE B 98 13.21 -1.09 -21.01
CA PHE B 98 13.23 0.31 -20.59
C PHE B 98 13.70 0.36 -19.13
N ARG B 99 14.31 1.48 -18.74
CA ARG B 99 14.84 1.61 -17.39
C ARG B 99 14.31 2.91 -16.76
N ASP B 100 13.94 2.83 -15.47
CA ASP B 100 13.65 4.00 -14.70
C ASP B 100 14.79 5.00 -14.91
N ALA B 101 14.44 6.24 -15.28
CA ALA B 101 15.39 7.28 -15.51
C ALA B 101 15.48 8.17 -14.27
N PHE B 102 16.70 8.55 -13.90
CA PHE B 102 16.93 9.30 -12.67
C PHE B 102 17.58 10.63 -13.00
N LEU B 103 17.41 11.57 -12.08
CA LEU B 103 17.86 12.92 -12.26
C LEU B 103 19.39 12.92 -12.29
N SER B 104 19.97 13.36 -13.41
CA SER B 104 21.42 13.36 -13.55
C SER B 104 22.03 14.63 -12.97
N ASN B 105 21.48 15.79 -13.34
CA ASN B 105 22.14 17.10 -13.26
C ASN B 105 21.89 17.84 -11.93
N ALA B 106 21.50 17.13 -10.87
CA ALA B 106 21.33 17.72 -9.53
C ALA B 106 22.47 18.71 -9.21
N ASP B 107 23.71 18.38 -9.60
CA ASP B 107 24.86 19.20 -9.29
C ASP B 107 24.82 20.47 -10.15
N GLU B 108 24.55 20.31 -11.45
CA GLU B 108 24.37 21.47 -12.35
C GLU B 108 23.37 22.46 -11.73
N LEU B 109 22.25 21.94 -11.21
CA LEU B 109 21.15 22.77 -10.70
C LEU B 109 21.57 23.41 -9.37
N ASP B 110 22.23 22.65 -8.51
CA ASP B 110 22.69 23.19 -7.24
C ASP B 110 23.63 24.36 -7.52
N SER B 111 24.44 24.24 -8.59
CA SER B 111 25.33 25.32 -9.02
C SER B 111 24.53 26.55 -9.50
N LEU B 112 23.48 26.30 -10.28
CA LEU B 112 22.63 27.37 -10.82
C LEU B 112 21.77 28.01 -9.71
N GLY B 113 21.79 27.43 -8.49
CA GLY B 113 21.21 28.01 -7.28
C GLY B 113 19.74 27.66 -7.08
N VAL B 114 19.27 26.49 -7.57
CA VAL B 114 17.85 26.12 -7.48
C VAL B 114 17.55 25.63 -6.06
N ARG B 115 16.37 25.94 -5.55
CA ARG B 115 16.05 25.69 -4.13
C ARG B 115 15.03 24.55 -4.02
N SER B 116 14.66 23.97 -5.16
CA SER B 116 13.78 22.81 -5.22
C SER B 116 13.89 22.20 -6.61
N TYR B 117 13.59 20.89 -6.73
CA TYR B 117 13.65 20.20 -8.00
C TYR B 117 12.27 20.08 -8.63
N THR B 118 11.25 20.61 -7.92
CA THR B 118 9.90 20.63 -8.42
C THR B 118 9.27 22.00 -8.15
N GLU B 119 8.55 22.50 -9.17
CA GLU B 119 7.77 23.71 -9.09
C GLU B 119 6.32 23.29 -8.82
N VAL B 120 5.57 24.22 -8.21
CA VAL B 120 4.13 24.11 -8.12
C VAL B 120 3.52 25.08 -9.14
N LYS B 121 2.83 24.54 -10.15
CA LYS B 121 2.17 25.36 -11.15
C LYS B 121 0.73 25.66 -10.71
N PHE B 122 0.39 26.95 -10.65
CA PHE B 122 -0.92 27.44 -10.29
C PHE B 122 -1.71 27.70 -11.57
N GLU B 123 -2.88 27.08 -11.66
CA GLU B 123 -3.77 27.18 -12.79
C GLU B 123 -5.17 27.42 -12.24
N ASN B 124 -6.08 27.83 -13.13
CA ASN B 124 -7.45 27.95 -12.76
C ASN B 124 -8.31 27.60 -13.98
N THR B 125 -9.61 27.54 -13.68
CA THR B 125 -10.61 27.32 -14.65
C THR B 125 -11.67 28.40 -14.46
N ILE B 126 -12.20 28.88 -15.58
CA ILE B 126 -13.24 29.86 -15.57
C ILE B 126 -14.54 29.17 -16.00
N ASP B 127 -15.54 29.23 -15.10
CA ASP B 127 -16.88 28.87 -15.46
C ASP B 127 -17.28 29.70 -16.68
N ARG B 128 -17.89 29.04 -17.66
CA ARG B 128 -18.18 29.63 -18.94
C ARG B 128 -19.46 30.47 -18.89
N ILE B 129 -20.33 30.27 -17.89
CA ILE B 129 -21.47 31.18 -17.69
C ILE B 129 -21.18 32.15 -16.55
N THR B 130 -20.79 31.62 -15.38
CA THR B 130 -20.74 32.42 -14.17
C THR B 130 -19.46 33.27 -14.13
N ALA B 131 -18.45 32.93 -14.95
CA ALA B 131 -17.15 33.62 -14.96
C ALA B 131 -16.37 33.40 -13.65
N GLU B 132 -16.88 32.56 -12.75
CA GLU B 132 -16.25 32.27 -11.46
C GLU B 132 -14.95 31.52 -11.73
N ALA B 133 -13.94 31.75 -10.90
CA ALA B 133 -12.63 31.10 -11.10
C ALA B 133 -12.39 30.04 -10.01
N ASN B 134 -12.02 28.83 -10.42
CA ASN B 134 -11.65 27.80 -9.48
C ASN B 134 -10.18 27.48 -9.67
N PRO B 135 -9.32 27.77 -8.67
CA PRO B 135 -7.88 27.56 -8.80
C PRO B 135 -7.44 26.15 -8.38
N ARG B 136 -6.23 25.81 -8.77
CA ARG B 136 -5.75 24.46 -8.84
C ARG B 136 -4.23 24.53 -8.82
N GLN B 137 -3.57 23.81 -7.93
CA GLN B 137 -2.09 23.74 -7.92
C GLN B 137 -1.70 22.31 -8.32
N ILE B 138 -0.64 22.19 -9.14
CA ILE B 138 -0.19 20.88 -9.58
C ILE B 138 1.33 20.90 -9.75
N GLU B 139 1.98 19.83 -9.26
CA GLU B 139 3.43 19.74 -9.14
C GLU B 139 4.02 19.31 -10.48
N ARG B 140 5.16 19.91 -10.83
CA ARG B 140 5.94 19.48 -11.96
C ARG B 140 7.40 19.36 -11.53
N ALA B 141 8.14 18.44 -12.18
CA ALA B 141 9.59 18.45 -12.13
C ALA B 141 10.08 19.63 -12.97
N ILE B 142 11.03 20.41 -12.43
CA ILE B 142 11.37 21.70 -13.02
C ILE B 142 11.96 21.49 -14.42
N ARG B 143 11.90 22.57 -15.21
CA ARG B 143 12.08 22.57 -16.63
C ARG B 143 13.47 22.08 -17.03
N ASN B 144 14.59 22.71 -16.65
CA ASN B 144 15.84 22.25 -17.31
C ASN B 144 16.47 21.04 -16.60
N SER B 145 15.62 20.17 -16.05
CA SER B 145 16.06 18.93 -15.43
C SER B 145 16.47 17.97 -16.54
N THR B 146 17.48 17.13 -16.24
CA THR B 146 17.92 16.07 -17.14
C THR B 146 17.96 14.75 -16.36
N PHE B 147 17.67 13.68 -17.11
CA PHE B 147 17.53 12.32 -16.61
C PHE B 147 18.38 11.39 -17.48
N ASP B 148 19.13 10.48 -16.85
CA ASP B 148 19.87 9.42 -17.54
C ASP B 148 18.87 8.44 -18.16
N PHE B 149 18.96 8.23 -19.47
CA PHE B 149 18.08 7.34 -20.19
C PHE B 149 18.86 6.13 -20.69
N GLU B 150 18.24 4.94 -20.53
CA GLU B 150 18.83 3.67 -20.86
C GLU B 150 17.75 2.76 -21.42
N LEU B 151 18.01 2.16 -22.57
CA LEU B 151 17.12 1.18 -23.18
C LEU B 151 17.98 0.03 -23.74
N ILE B 152 17.60 -1.22 -23.47
CA ILE B 152 18.40 -2.37 -23.85
C ILE B 152 17.69 -3.15 -24.96
N TYR B 153 18.44 -3.46 -26.02
CA TYR B 153 17.93 -4.22 -27.15
C TYR B 153 18.73 -5.52 -27.27
N GLU B 154 18.00 -6.63 -27.53
CA GLU B 154 18.55 -7.97 -27.49
C GLU B 154 18.45 -8.56 -28.90
N ILE B 155 19.60 -8.93 -29.49
CA ILE B 155 19.56 -9.65 -30.72
C ILE B 155 19.75 -11.14 -30.44
N THR B 156 18.68 -11.90 -30.72
CA THR B 156 18.64 -13.34 -30.84
C THR B 156 17.67 -13.61 -31.99
N ASP B 157 17.90 -14.63 -32.81
CA ASP B 157 16.91 -15.05 -33.84
C ASP B 157 16.19 -13.83 -34.44
N GLU B 158 16.93 -13.09 -35.26
CA GLU B 158 16.36 -12.08 -36.12
C GLU B 158 17.30 -11.93 -37.32
N ASN B 159 16.74 -11.95 -38.52
CA ASN B 159 17.45 -11.53 -39.72
C ASN B 159 18.10 -10.18 -39.41
N GLU B 160 19.41 -10.01 -39.68
CA GLU B 160 20.06 -8.70 -39.58
C GLU B 160 19.14 -7.60 -40.15
N ASN B 161 18.36 -7.92 -41.20
CA ASN B 161 17.35 -7.02 -41.76
C ASN B 161 16.21 -6.78 -40.75
N GLN B 162 15.86 -7.79 -39.95
CA GLN B 162 14.88 -7.63 -38.86
C GLN B 162 15.43 -6.64 -37.81
N VAL B 163 16.71 -6.75 -37.48
CA VAL B 163 17.38 -5.81 -36.58
C VAL B 163 17.28 -4.39 -37.15
N GLU B 164 17.46 -4.25 -38.47
CA GLU B 164 17.32 -2.98 -39.16
C GLU B 164 15.92 -2.40 -38.87
N GLU B 165 14.86 -3.18 -39.17
CA GLU B 165 13.48 -2.74 -38.99
C GLU B 165 13.27 -2.31 -37.54
N ASP B 166 13.75 -3.13 -36.60
CA ASP B 166 13.63 -2.84 -35.16
C ASP B 166 14.24 -1.46 -34.84
N PHE B 167 15.45 -1.21 -35.37
CA PHE B 167 16.10 0.08 -35.18
C PHE B 167 15.24 1.21 -35.73
N LYS B 168 14.66 1.02 -36.92
CA LYS B 168 13.73 2.02 -37.50
C LYS B 168 12.65 2.31 -36.46
N VAL B 169 12.06 1.25 -35.88
CA VAL B 169 10.93 1.42 -35.00
C VAL B 169 11.36 2.17 -33.73
N ILE B 170 12.57 1.88 -33.25
CA ILE B 170 13.06 2.54 -32.05
C ILE B 170 13.23 4.04 -32.31
N ARG B 171 13.78 4.39 -33.49
CA ARG B 171 14.07 5.79 -33.79
C ARG B 171 12.77 6.56 -34.00
N ASP B 172 11.81 5.93 -34.68
CA ASP B 172 10.49 6.52 -34.87
C ASP B 172 9.85 6.77 -33.50
N GLY B 173 9.96 5.78 -32.62
CA GLY B 173 9.42 5.90 -31.27
C GLY B 173 9.95 7.10 -30.52
N LEU B 174 11.27 7.27 -30.50
CA LEU B 174 11.87 8.37 -29.77
C LEU B 174 11.45 9.70 -30.40
N LYS B 175 11.48 9.80 -31.74
CA LYS B 175 11.12 11.05 -32.39
C LYS B 175 9.67 11.38 -32.03
N LEU B 176 8.81 10.35 -32.03
CA LEU B 176 7.38 10.57 -31.76
C LEU B 176 7.20 11.10 -30.33
N LEU B 177 8.02 10.62 -29.39
CA LEU B 177 7.99 11.15 -28.03
C LEU B 177 8.37 12.64 -28.02
N GLU B 178 9.35 12.99 -28.87
CA GLU B 178 9.84 14.36 -28.97
C GLU B 178 8.75 15.27 -29.53
N LEU B 179 7.94 14.74 -30.47
CA LEU B 179 6.86 15.50 -31.09
C LEU B 179 5.54 15.25 -30.34
N ASP B 180 5.64 14.73 -29.13
CA ASP B 180 4.50 14.54 -28.26
C ASP B 180 4.94 14.92 -26.85
N TYR B 181 4.23 14.41 -25.84
CA TYR B 181 4.63 14.64 -24.47
C TYR B 181 4.71 13.34 -23.68
N LEU B 182 5.46 13.41 -22.58
CA LEU B 182 5.53 12.37 -21.56
C LEU B 182 4.44 12.62 -20.53
N GLY B 183 3.62 11.59 -20.33
CA GLY B 183 2.26 11.71 -19.78
C GLY B 183 2.20 12.63 -18.60
N GLY B 184 1.32 13.61 -18.69
CA GLY B 184 1.18 14.74 -17.77
C GLY B 184 -0.11 15.47 -18.11
N SER B 185 -0.14 16.78 -17.92
CA SER B 185 -1.23 17.53 -18.52
C SER B 185 -0.71 18.05 -19.85
N GLY B 186 -0.67 17.16 -20.84
CA GLY B 186 0.15 17.35 -22.02
C GLY B 186 -0.40 18.39 -22.96
N SER B 187 -1.73 18.37 -23.12
CA SER B 187 -2.43 19.29 -23.98
C SER B 187 -2.25 20.73 -23.49
N ARG B 188 -1.91 20.93 -22.21
CA ARG B 188 -1.72 22.25 -21.63
C ARG B 188 -0.24 22.57 -21.43
N GLY B 189 0.62 21.88 -22.20
CA GLY B 189 2.02 22.28 -22.34
C GLY B 189 3.00 21.48 -21.52
N TYR B 190 2.57 20.35 -20.93
CA TYR B 190 3.46 19.61 -20.06
C TYR B 190 4.26 18.63 -20.91
N GLY B 191 5.26 18.03 -20.26
CA GLY B 191 5.90 16.81 -20.69
C GLY B 191 6.58 16.90 -22.04
N LYS B 192 7.01 18.11 -22.45
CA LYS B 192 7.82 18.17 -23.64
C LYS B 192 9.21 17.69 -23.23
N VAL B 193 9.81 16.88 -24.12
CA VAL B 193 11.00 16.12 -23.80
C VAL B 193 11.94 16.06 -25.00
N ALA B 194 13.25 16.03 -24.70
CA ALA B 194 14.28 15.91 -25.72
C ALA B 194 15.32 14.86 -25.31
N PHE B 195 15.77 14.09 -26.30
CA PHE B 195 16.86 13.14 -26.19
C PHE B 195 18.16 13.80 -26.68
N GLU B 196 19.08 14.06 -25.76
CA GLU B 196 20.41 14.60 -26.10
C GLU B 196 21.46 13.48 -26.00
N ASN B 197 22.52 13.59 -26.81
CA ASN B 197 23.67 12.69 -26.73
C ASN B 197 23.21 11.26 -27.01
N LEU B 198 22.23 11.07 -27.89
CA LEU B 198 21.69 9.74 -28.12
C LEU B 198 22.71 8.93 -28.91
N LYS B 199 23.06 7.74 -28.37
CA LYS B 199 24.04 6.86 -28.93
C LYS B 199 23.69 5.41 -28.57
N ALA B 200 24.09 4.48 -29.44
CA ALA B 200 24.05 3.03 -29.20
C ALA B 200 25.47 2.52 -28.86
N THR B 201 25.51 1.46 -28.04
CA THR B 201 26.74 0.78 -27.65
C THR B 201 26.45 -0.71 -27.49
N THR B 202 27.28 -1.57 -28.10
CA THR B 202 27.14 -2.99 -27.90
C THR B 202 27.89 -3.34 -26.60
N VAL B 203 27.15 -3.77 -25.57
CA VAL B 203 27.73 -4.03 -24.24
C VAL B 203 27.86 -5.54 -24.03
N PHE B 204 27.29 -6.33 -24.94
CA PHE B 204 27.48 -7.77 -24.91
C PHE B 204 27.41 -8.33 -26.33
N GLY B 205 28.27 -9.31 -26.61
CA GLY B 205 28.38 -9.88 -27.95
C GLY B 205 29.14 -8.93 -28.86
N ASN B 206 28.94 -9.10 -30.15
CA ASN B 206 29.53 -8.24 -31.16
C ASN B 206 28.42 -7.79 -32.12
N TYR B 207 28.29 -6.46 -32.27
CA TYR B 207 27.50 -5.86 -33.33
C TYR B 207 28.09 -4.50 -33.71
N ASP B 208 27.90 -4.14 -34.98
CA ASP B 208 28.42 -2.92 -35.55
C ASP B 208 27.35 -1.82 -35.51
N VAL B 209 27.68 -0.76 -34.77
CA VAL B 209 26.74 0.29 -34.44
C VAL B 209 27.02 1.55 -35.27
N LYS B 210 28.17 1.62 -35.96
CA LYS B 210 28.70 2.89 -36.48
C LYS B 210 27.63 3.57 -37.37
N THR B 211 27.09 2.80 -38.31
CA THR B 211 26.04 3.24 -39.20
C THR B 211 24.80 3.69 -38.40
N LEU B 212 24.41 2.92 -37.36
CA LEU B 212 23.22 3.27 -36.56
C LEU B 212 23.44 4.59 -35.82
N ASN B 213 24.60 4.75 -35.19
CA ASN B 213 24.92 5.96 -34.46
C ASN B 213 24.78 7.18 -35.38
N GLU B 214 25.34 7.08 -36.60
CA GLU B 214 25.18 8.12 -37.61
C GLU B 214 23.68 8.42 -37.77
N LEU B 215 22.91 7.37 -38.08
CA LEU B 215 21.50 7.52 -38.46
C LEU B 215 20.69 8.09 -37.29
N LEU B 216 21.00 7.74 -36.03
CA LEU B 216 20.13 8.21 -34.91
C LEU B 216 20.62 9.57 -34.40
N THR B 217 21.87 9.97 -34.68
CA THR B 217 22.30 11.38 -34.48
C THR B 217 21.58 12.28 -35.52
N ALA B 218 21.27 11.72 -36.69
CA ALA B 218 20.51 12.39 -37.73
C ALA B 218 19.06 12.61 -37.28
N GLU B 219 18.35 11.53 -36.91
CA GLU B 219 16.87 11.59 -36.70
C GLU B 219 16.48 12.03 -35.29
N VAL B 220 17.41 12.01 -34.33
CA VAL B 220 17.17 12.27 -32.88
C VAL B 220 15.98 11.44 -32.37
N THR C 2 31.59 -39.52 20.67
CA THR C 2 31.16 -39.15 22.05
C THR C 2 31.90 -37.87 22.53
N TYR C 3 32.49 -37.09 21.61
CA TYR C 3 33.59 -36.15 21.98
C TYR C 3 33.12 -34.69 21.97
N LYS C 4 32.66 -34.17 20.83
CA LYS C 4 32.47 -32.73 20.67
C LYS C 4 31.06 -32.42 20.16
N LEU C 5 30.63 -31.19 20.38
CA LEU C 5 29.41 -30.62 19.82
C LEU C 5 29.79 -29.94 18.51
N TYR C 6 29.26 -30.47 17.40
CA TYR C 6 29.40 -29.85 16.10
C TYR C 6 28.15 -29.02 15.87
N ILE C 7 28.32 -27.71 15.96
CA ILE C 7 27.23 -26.77 15.96
C ILE C 7 27.22 -26.12 14.58
N MET C 8 26.21 -26.49 13.79
CA MET C 8 25.88 -25.88 12.50
C MET C 8 24.85 -24.76 12.77
N THR C 9 25.10 -23.56 12.24
CA THR C 9 24.16 -22.47 12.38
C THR C 9 23.76 -22.04 10.97
N PHE C 10 22.47 -22.24 10.66
CA PHE C 10 21.90 -21.91 9.38
C PHE C 10 21.00 -20.71 9.55
N GLN C 11 20.82 -19.97 8.46
CA GLN C 11 19.69 -18.99 8.32
C GLN C 11 18.51 -19.66 7.57
N ASN C 12 18.78 -20.25 6.40
CA ASN C 12 17.76 -20.91 5.57
C ASN C 12 18.09 -22.39 5.41
N ALA C 13 17.15 -23.24 5.74
CA ALA C 13 17.32 -24.63 5.42
C ALA C 13 15.98 -25.24 5.08
N HIS C 14 16.05 -26.34 4.35
CA HIS C 14 14.88 -27.14 4.05
C HIS C 14 15.10 -28.60 4.43
N PHE C 15 14.40 -29.11 5.45
CA PHE C 15 14.57 -30.49 5.80
C PHE C 15 13.25 -31.21 5.60
N GLY C 16 13.05 -31.70 4.38
CA GLY C 16 11.82 -32.27 3.92
C GLY C 16 11.49 -33.52 4.68
N SER C 17 10.24 -33.59 5.13
CA SER C 17 9.75 -34.70 5.92
C SER C 17 8.89 -35.58 5.04
N GLY C 18 9.19 -35.58 3.73
CA GLY C 18 8.50 -36.44 2.79
C GLY C 18 7.96 -35.67 1.59
N THR C 19 7.85 -34.35 1.71
CA THR C 19 7.35 -33.52 0.62
C THR C 19 8.14 -32.22 0.59
N LEU C 20 8.24 -31.67 -0.60
CA LEU C 20 8.97 -30.44 -0.79
C LEU C 20 8.26 -29.26 -0.09
N ASP C 21 6.97 -29.38 0.22
CA ASP C 21 6.20 -28.38 0.91
C ASP C 21 6.10 -28.73 2.39
N SER C 22 6.98 -29.62 2.87
CA SER C 22 7.16 -29.87 4.30
C SER C 22 8.58 -29.47 4.69
N SER C 23 8.77 -29.20 5.98
CA SER C 23 10.08 -28.85 6.46
C SER C 23 10.10 -29.00 7.98
N LYS C 24 11.30 -29.23 8.52
CA LYS C 24 11.40 -29.57 9.91
C LYS C 24 12.43 -28.66 10.59
N LEU C 25 12.32 -28.56 11.93
CA LEU C 25 13.30 -27.89 12.71
C LEU C 25 14.64 -28.62 12.58
N THR C 26 14.63 -29.94 12.82
CA THR C 26 15.85 -30.72 12.88
C THR C 26 15.88 -31.80 11.78
N PHE C 27 17.07 -32.36 11.59
CA PHE C 27 17.30 -33.51 10.76
C PHE C 27 17.94 -34.61 11.60
N SER C 28 17.98 -35.82 11.04
CA SER C 28 18.42 -36.99 11.77
C SER C 28 19.82 -37.44 11.31
N ALA C 29 20.38 -38.42 12.03
CA ALA C 29 21.72 -38.92 11.84
C ALA C 29 21.91 -39.39 10.40
N ASP C 30 20.94 -40.14 9.86
CA ASP C 30 21.07 -40.67 8.49
C ASP C 30 21.24 -39.56 7.46
N ARG C 31 20.67 -38.39 7.69
CA ARG C 31 20.68 -37.41 6.63
C ARG C 31 22.10 -36.87 6.50
N ILE C 32 22.69 -36.48 7.63
CA ILE C 32 24.01 -35.90 7.64
C ILE C 32 25.05 -36.98 7.38
N PHE C 33 24.76 -38.24 7.72
CA PHE C 33 25.68 -39.28 7.37
C PHE C 33 25.72 -39.44 5.85
N SER C 34 24.54 -39.49 5.22
CA SER C 34 24.43 -39.48 3.76
C SER C 34 25.22 -38.30 3.19
N ALA C 35 25.07 -37.14 3.82
CA ALA C 35 25.67 -35.93 3.29
C ALA C 35 27.19 -36.05 3.42
N LEU C 36 27.65 -36.57 4.56
CA LEU C 36 29.11 -36.77 4.81
C LEU C 36 29.69 -37.75 3.79
N VAL C 37 29.06 -38.90 3.64
CA VAL C 37 29.44 -39.86 2.66
C VAL C 37 29.64 -39.15 1.32
N LEU C 38 28.63 -38.41 0.90
CA LEU C 38 28.64 -37.78 -0.42
C LEU C 38 29.76 -36.75 -0.58
N GLU C 39 30.19 -36.11 0.54
CA GLU C 39 31.24 -35.13 0.46
C GLU C 39 32.57 -35.86 0.39
N ALA C 40 32.73 -36.91 1.19
CA ALA C 40 33.93 -37.70 1.12
C ALA C 40 34.14 -38.19 -0.32
N LEU C 41 33.07 -38.65 -0.95
CA LEU C 41 33.19 -39.23 -2.26
C LEU C 41 33.80 -38.25 -3.28
N LYS C 42 33.56 -36.95 -3.19
CA LYS C 42 34.14 -36.07 -4.24
C LYS C 42 35.50 -35.55 -3.77
N MET C 43 35.72 -35.56 -2.46
CA MET C 43 37.00 -35.18 -1.95
C MET C 43 38.05 -36.22 -2.33
N GLY C 44 37.61 -37.41 -2.74
CA GLY C 44 38.48 -38.56 -2.93
C GLY C 44 38.37 -39.61 -1.83
N LYS C 45 38.05 -39.19 -0.60
CA LYS C 45 38.37 -39.90 0.57
C LYS C 45 37.25 -40.84 1.05
N LEU C 46 36.37 -41.32 0.17
CA LEU C 46 35.27 -42.18 0.63
C LEU C 46 35.78 -43.35 1.48
N ASP C 47 36.66 -44.16 0.87
CA ASP C 47 37.08 -45.43 1.46
C ASP C 47 37.55 -45.20 2.91
N ALA C 48 38.32 -44.12 3.11
CA ALA C 48 38.86 -43.73 4.40
C ALA C 48 37.76 -43.35 5.42
N PHE C 49 36.69 -42.68 4.94
CA PHE C 49 35.60 -42.25 5.81
C PHE C 49 34.78 -43.46 6.26
N LEU C 50 34.53 -44.38 5.33
CA LEU C 50 33.76 -45.57 5.67
C LEU C 50 34.57 -46.40 6.66
N ALA C 51 35.90 -46.39 6.47
CA ALA C 51 36.83 -46.89 7.49
C ALA C 51 36.43 -46.34 8.88
N GLU C 52 36.36 -45.01 9.01
CA GLU C 52 36.14 -44.39 10.31
C GLU C 52 34.75 -44.73 10.84
N ALA C 53 33.76 -44.80 9.93
CA ALA C 53 32.35 -44.93 10.31
C ALA C 53 32.07 -46.28 10.96
N ASN C 54 32.78 -47.33 10.54
CA ASN C 54 32.55 -48.66 11.07
C ASN C 54 33.33 -48.90 12.36
N GLN C 55 33.91 -47.84 12.92
CA GLN C 55 34.50 -47.93 14.20
C GLN C 55 33.46 -47.72 15.31
N ASP C 56 33.45 -48.60 16.31
CA ASP C 56 32.63 -48.47 17.49
C ASP C 56 32.77 -47.06 18.09
N LYS C 57 33.97 -46.46 17.98
CA LYS C 57 34.31 -45.10 18.45
C LYS C 57 33.44 -44.06 17.74
N PHE C 58 33.01 -44.37 16.52
CA PHE C 58 32.24 -43.44 15.68
C PHE C 58 30.85 -43.25 16.28
N THR C 59 30.42 -41.99 16.32
CA THR C 59 29.27 -41.55 17.04
C THR C 59 28.60 -40.47 16.20
N LEU C 60 27.30 -40.64 15.95
CA LEU C 60 26.52 -39.63 15.30
C LEU C 60 25.10 -39.61 15.85
N THR C 61 24.55 -38.42 15.96
CA THR C 61 23.32 -38.20 16.66
C THR C 61 22.41 -37.32 15.79
N ASP C 62 21.10 -37.46 16.01
CA ASP C 62 20.14 -36.58 15.38
C ASP C 62 20.53 -35.15 15.73
N ALA C 63 20.21 -34.20 14.85
CA ALA C 63 20.45 -32.82 15.16
C ALA C 63 19.37 -32.33 16.13
N PHE C 64 19.77 -31.37 16.94
CA PHE C 64 18.99 -30.86 18.00
C PHE C 64 19.13 -29.34 18.08
N PRO C 65 18.17 -28.64 18.74
CA PRO C 65 18.28 -27.20 18.93
C PRO C 65 19.42 -26.84 19.90
N PHE C 66 20.16 -25.79 19.53
CA PHE C 66 21.22 -25.29 20.33
C PHE C 66 21.05 -23.79 20.46
N GLN C 67 20.72 -23.34 21.68
CA GLN C 67 20.37 -21.94 21.94
C GLN C 67 21.01 -21.52 23.25
N PHE C 68 22.14 -20.79 23.11
CA PHE C 68 22.99 -20.45 24.24
C PHE C 68 23.17 -21.70 25.09
N GLY C 69 23.54 -22.81 24.45
CA GLY C 69 23.64 -24.10 25.12
C GLY C 69 22.81 -25.18 24.45
N PRO C 70 23.16 -26.48 24.65
CA PRO C 70 22.49 -27.58 23.97
C PRO C 70 21.09 -27.99 24.50
N PHE C 71 20.25 -28.44 23.56
CA PHE C 71 19.00 -29.06 23.91
C PHE C 71 19.09 -30.58 23.66
N LEU C 72 18.05 -31.27 24.11
CA LEU C 72 17.86 -32.71 24.01
C LEU C 72 16.41 -33.03 23.68
N PRO C 73 16.14 -34.23 23.14
CA PRO C 73 14.77 -34.67 22.93
C PRO C 73 13.97 -34.96 24.22
N LYS C 74 12.68 -34.66 24.17
CA LYS C 74 11.80 -35.02 25.20
C LYS C 74 11.89 -36.53 25.38
N PRO C 75 12.20 -37.05 26.56
CA PRO C 75 12.17 -38.49 26.80
C PRO C 75 10.77 -39.04 26.62
N ILE C 76 10.58 -39.86 25.59
CA ILE C 76 9.31 -40.51 25.30
C ILE C 76 9.08 -41.55 26.38
N GLY C 77 7.88 -41.58 26.95
CA GLY C 77 7.58 -42.51 28.03
C GLY C 77 7.48 -41.83 29.41
N TYR C 78 8.06 -40.63 29.56
CA TYR C 78 8.18 -39.93 30.84
C TYR C 78 7.45 -38.58 30.78
N PRO C 79 7.01 -37.99 31.91
CA PRO C 79 7.12 -38.58 33.24
C PRO C 79 6.17 -39.76 33.44
N LYS C 80 6.50 -40.64 34.38
CA LYS C 80 5.65 -41.78 34.64
C LYS C 80 4.42 -41.33 35.44
N HIS C 81 3.51 -42.28 35.72
CA HIS C 81 2.24 -41.96 36.37
C HIS C 81 2.45 -41.41 37.79
N ASP C 82 3.42 -41.96 38.54
CA ASP C 82 3.59 -41.62 39.97
C ASP C 82 4.20 -40.20 40.13
N GLN C 83 4.77 -39.62 39.06
CA GLN C 83 5.34 -38.25 39.10
C GLN C 83 4.40 -37.19 38.45
N ILE C 84 3.26 -37.63 37.90
CA ILE C 84 2.51 -36.73 37.00
C ILE C 84 1.11 -36.48 37.54
N ASP C 85 0.70 -37.09 38.67
CA ASP C 85 -0.73 -37.03 39.06
C ASP C 85 -0.92 -36.12 40.28
N GLN C 86 -1.09 -34.81 40.02
CA GLN C 86 -1.38 -33.81 41.05
C GLN C 86 -2.88 -33.89 41.43
N SER C 87 -3.26 -33.13 42.46
CA SER C 87 -4.62 -33.11 43.00
C SER C 87 -5.53 -32.12 42.25
N VAL C 88 -4.95 -31.36 41.30
CA VAL C 88 -5.69 -30.32 40.54
C VAL C 88 -6.84 -30.94 39.75
N ASP C 89 -7.80 -30.08 39.39
CA ASP C 89 -8.99 -30.40 38.59
C ASP C 89 -8.57 -30.99 37.23
N VAL C 90 -9.56 -31.45 36.47
CA VAL C 90 -9.29 -32.23 35.27
C VAL C 90 -8.87 -31.30 34.12
N LYS C 91 -9.53 -30.16 34.00
CA LYS C 91 -9.25 -29.28 32.89
C LYS C 91 -7.74 -28.94 32.89
N GLU C 92 -7.14 -28.76 34.08
CA GLU C 92 -5.73 -28.37 34.23
C GLU C 92 -4.84 -29.57 33.88
N VAL C 93 -5.11 -30.71 34.51
CA VAL C 93 -4.36 -31.91 34.19
C VAL C 93 -4.30 -32.11 32.67
N ARG C 94 -5.40 -31.89 31.97
CA ARG C 94 -5.47 -32.22 30.54
C ARG C 94 -4.79 -31.14 29.72
N ARG C 95 -4.84 -29.88 30.18
CA ARG C 95 -4.14 -28.81 29.47
C ARG C 95 -2.64 -29.08 29.52
N GLN C 96 -2.12 -29.42 30.70
CA GLN C 96 -0.67 -29.62 30.90
C GLN C 96 -0.24 -30.97 30.32
N ALA C 97 -1.18 -31.92 30.17
CA ALA C 97 -0.89 -33.19 29.51
C ALA C 97 -0.66 -32.96 28.01
N LYS C 98 -1.51 -32.11 27.42
CA LYS C 98 -1.38 -31.69 26.03
C LYS C 98 -0.13 -30.81 25.86
N LEU C 99 0.15 -29.94 26.84
CA LEU C 99 1.40 -29.15 26.85
C LEU C 99 2.62 -30.06 26.88
N SER C 100 2.50 -31.22 27.53
CA SER C 100 3.57 -32.18 27.62
C SER C 100 3.69 -32.98 26.32
N LYS C 101 2.57 -33.21 25.61
CA LYS C 101 2.66 -33.92 24.33
C LYS C 101 3.28 -32.98 23.29
N LYS C 102 2.94 -31.69 23.36
CA LYS C 102 3.38 -30.71 22.37
C LYS C 102 4.90 -30.52 22.41
N LEU C 103 5.52 -30.92 23.52
CA LEU C 103 6.88 -30.54 23.83
C LEU C 103 7.83 -31.33 22.93
N GLN C 104 8.89 -30.69 22.45
CA GLN C 104 9.83 -31.38 21.59
C GLN C 104 11.20 -31.52 22.26
N PHE C 105 11.83 -30.40 22.55
CA PHE C 105 13.17 -30.41 23.04
C PHE C 105 13.33 -29.58 24.34
N LEU C 106 13.89 -30.23 25.37
CA LEU C 106 14.31 -29.59 26.60
C LEU C 106 15.69 -28.98 26.41
N ALA C 107 16.01 -27.94 27.18
CA ALA C 107 17.41 -27.62 27.37
C ALA C 107 18.00 -28.61 28.38
N LEU C 108 19.30 -28.87 28.27
CA LEU C 108 19.93 -29.89 29.14
C LEU C 108 19.62 -29.62 30.62
N GLU C 109 19.81 -28.37 31.01
CA GLU C 109 19.54 -27.88 32.36
C GLU C 109 18.22 -28.44 32.93
N ASN C 110 17.24 -28.71 32.06
CA ASN C 110 15.88 -28.92 32.49
C ASN C 110 15.50 -30.40 32.41
N VAL C 111 16.36 -31.27 31.89
CA VAL C 111 15.90 -32.62 31.52
C VAL C 111 15.55 -33.44 32.78
N ASP C 112 16.34 -33.28 33.83
CA ASP C 112 16.10 -34.03 35.05
C ASP C 112 14.81 -33.54 35.72
N ASP C 113 14.63 -32.22 35.72
CA ASP C 113 13.39 -31.61 36.14
C ASP C 113 12.24 -32.28 35.38
N TYR C 114 12.30 -32.19 34.04
CA TYR C 114 11.25 -32.68 33.20
C TYR C 114 10.86 -34.10 33.62
N LEU C 115 11.86 -34.93 33.92
CA LEU C 115 11.64 -36.35 34.27
C LEU C 115 10.95 -36.44 35.63
N ASN C 116 11.34 -35.54 36.54
CA ASN C 116 10.86 -35.54 37.92
C ASN C 116 9.45 -34.93 38.01
N GLY C 117 8.94 -34.36 36.90
CA GLY C 117 7.53 -33.98 36.76
C GLY C 117 7.32 -32.50 36.46
N GLU C 118 8.37 -31.66 36.52
CA GLU C 118 8.23 -30.21 36.28
C GLU C 118 7.80 -30.00 34.84
N LEU C 119 6.92 -29.03 34.62
CA LEU C 119 6.32 -28.77 33.35
C LEU C 119 7.19 -27.81 32.56
N PHE C 120 7.27 -28.05 31.25
CA PHE C 120 7.88 -27.11 30.31
C PHE C 120 7.05 -27.09 29.05
N GLU C 121 7.13 -25.99 28.31
CA GLU C 121 6.51 -25.84 27.01
C GLU C 121 7.63 -25.54 26.02
N ASN C 122 7.30 -25.52 24.72
CA ASN C 122 8.26 -25.31 23.65
C ASN C 122 8.77 -23.88 23.70
N GLU C 123 9.82 -23.59 22.93
CA GLU C 123 10.25 -22.25 22.62
C GLU C 123 10.28 -22.09 21.10
N GLU C 124 10.30 -20.84 20.65
CA GLU C 124 10.36 -20.56 19.25
C GLU C 124 11.83 -20.65 18.81
N HIS C 125 12.18 -21.75 18.12
CA HIS C 125 13.52 -21.91 17.53
C HIS C 125 13.53 -21.49 16.06
N ALA C 126 12.36 -21.46 15.42
CA ALA C 126 12.28 -21.07 14.04
C ALA C 126 10.83 -20.84 13.62
N VAL C 127 10.70 -20.37 12.40
CA VAL C 127 9.45 -20.24 11.73
C VAL C 127 9.62 -20.97 10.42
N ILE C 128 8.62 -21.78 10.08
CA ILE C 128 8.61 -22.51 8.85
C ILE C 128 7.56 -21.90 7.93
N ASP C 129 7.88 -21.58 6.69
CA ASP C 129 6.82 -21.26 5.78
C ASP C 129 7.18 -21.76 4.40
N THR C 130 6.14 -22.11 3.66
CA THR C 130 6.26 -22.44 2.27
C THR C 130 6.27 -21.14 1.46
N VAL C 131 7.04 -21.12 0.38
CA VAL C 131 6.88 -20.10 -0.64
C VAL C 131 6.66 -20.83 -1.96
N THR C 132 5.90 -20.18 -2.83
CA THR C 132 5.64 -20.67 -4.12
C THR C 132 6.66 -20.04 -5.05
N LYS C 133 7.25 -20.88 -5.88
CA LYS C 133 8.12 -20.46 -6.97
C LYS C 133 7.51 -20.98 -8.27
N ASN C 134 7.96 -20.41 -9.39
CA ASN C 134 7.49 -20.83 -10.70
C ASN C 134 8.67 -21.01 -11.64
N GLN C 135 8.37 -21.64 -12.75
CA GLN C 135 9.31 -21.80 -13.87
C GLN C 135 8.55 -21.14 -14.99
N PRO C 136 9.04 -20.09 -15.66
CA PRO C 136 8.22 -19.47 -16.68
C PRO C 136 8.12 -20.16 -18.04
N HIS C 137 7.70 -21.42 -18.07
CA HIS C 137 7.50 -22.15 -19.35
C HIS C 137 6.11 -22.79 -19.39
N LYS C 138 5.37 -22.84 -18.28
CA LYS C 138 3.99 -23.38 -18.26
C LYS C 138 3.30 -23.06 -16.93
N ASP C 139 2.02 -23.36 -16.82
CA ASP C 139 1.27 -23.24 -15.55
C ASP C 139 1.38 -24.62 -14.88
N ASP C 140 2.05 -25.54 -15.57
CA ASP C 140 2.30 -26.95 -15.16
C ASP C 140 3.54 -27.07 -14.23
N ASN C 141 4.43 -26.08 -14.25
CA ASN C 141 5.39 -25.91 -13.19
C ASN C 141 4.96 -24.65 -12.39
N LEU C 142 4.47 -24.96 -11.19
CA LEU C 142 4.26 -24.02 -10.09
C LEU C 142 4.36 -24.87 -8.82
N TYR C 143 5.27 -24.55 -7.91
CA TYR C 143 5.47 -25.44 -6.75
C TYR C 143 5.81 -24.65 -5.51
N GLN C 144 5.68 -25.33 -4.35
CA GLN C 144 5.95 -24.73 -3.07
C GLN C 144 7.04 -25.49 -2.36
N VAL C 145 8.00 -24.75 -1.82
CA VAL C 145 9.02 -25.31 -1.03
C VAL C 145 8.92 -24.65 0.34
N ALA C 146 8.86 -25.50 1.37
CA ALA C 146 8.78 -25.14 2.78
C ALA C 146 10.20 -24.96 3.35
N THR C 147 10.50 -23.80 3.94
CA THR C 147 11.79 -23.67 4.54
C THR C 147 11.68 -23.43 6.04
N THR C 148 12.64 -24.02 6.76
CA THR C 148 12.85 -23.74 8.15
C THR C 148 13.76 -22.52 8.24
N ARG C 149 13.28 -21.46 8.92
CA ARG C 149 14.00 -20.19 9.04
C ARG C 149 14.29 -19.98 10.52
N PHE C 150 15.58 -19.93 10.85
CA PHE C 150 16.02 -20.07 12.21
C PHE C 150 15.98 -18.70 12.90
N SER C 151 15.51 -18.72 14.15
CA SER C 151 15.27 -17.53 14.93
C SER C 151 15.70 -17.73 16.37
N ASN C 152 16.07 -16.63 17.03
CA ASN C 152 16.37 -16.60 18.48
C ASN C 152 17.73 -17.25 18.77
N ASP C 153 18.70 -17.00 17.88
CA ASP C 153 20.06 -17.49 18.04
C ASP C 153 19.99 -19.02 18.22
N THR C 154 19.10 -19.67 17.47
CA THR C 154 19.00 -21.11 17.49
C THR C 154 19.85 -21.70 16.35
N SER C 155 20.86 -22.48 16.75
CA SER C 155 21.59 -23.33 15.83
C SER C 155 21.01 -24.74 15.94
N LEU C 156 21.48 -25.63 15.07
CA LEU C 156 21.38 -27.03 15.33
C LEU C 156 22.76 -27.53 15.77
N TYR C 157 22.79 -28.60 16.57
CA TYR C 157 24.05 -29.23 16.87
C TYR C 157 23.92 -30.74 16.71
N VAL C 158 25.08 -31.39 16.70
CA VAL C 158 25.23 -32.83 16.72
C VAL C 158 26.42 -33.15 17.62
N ILE C 159 26.33 -34.24 18.38
CA ILE C 159 27.46 -34.85 19.07
C ILE C 159 28.13 -35.83 18.11
N ALA C 160 29.44 -35.69 17.92
CA ALA C 160 30.23 -36.63 17.14
C ALA C 160 31.63 -36.77 17.77
N ASN C 161 32.31 -37.86 17.41
CA ASN C 161 33.62 -38.15 17.96
C ASN C 161 34.66 -37.50 17.05
N GLU C 162 35.44 -36.56 17.58
CA GLU C 162 36.24 -35.69 16.73
C GLU C 162 37.38 -36.48 16.11
N SER C 163 37.67 -36.18 14.83
CA SER C 163 38.76 -36.76 14.11
C SER C 163 39.17 -35.78 13.02
N ASP C 164 40.41 -35.89 12.55
CA ASP C 164 40.90 -34.92 11.61
C ASP C 164 40.04 -34.96 10.34
N LEU C 165 39.69 -36.17 9.91
CA LEU C 165 38.95 -36.32 8.67
C LEU C 165 37.55 -35.71 8.84
N LEU C 166 36.82 -36.15 9.87
CA LEU C 166 35.45 -35.66 10.06
C LEU C 166 35.44 -34.12 10.04
N ASN C 167 36.35 -33.51 10.81
CA ASN C 167 36.45 -32.06 10.88
C ASN C 167 36.59 -31.44 9.48
N GLU C 168 37.36 -32.10 8.63
CA GLU C 168 37.59 -31.60 7.29
C GLU C 168 36.27 -31.68 6.52
N LEU C 169 35.55 -32.79 6.65
CA LEU C 169 34.33 -33.06 5.86
C LEU C 169 33.19 -32.08 6.24
N MET C 170 33.08 -31.79 7.53
CA MET C 170 32.10 -30.87 8.03
C MET C 170 32.43 -29.46 7.57
N SER C 171 33.70 -29.06 7.63
CA SER C 171 34.11 -27.74 7.15
C SER C 171 33.72 -27.57 5.67
N SER C 172 33.89 -28.63 4.87
CA SER C 172 33.52 -28.59 3.46
C SER C 172 31.99 -28.56 3.31
N LEU C 173 31.29 -29.31 4.16
CA LEU C 173 29.84 -29.39 4.08
C LEU C 173 29.21 -28.00 4.28
N GLN C 174 29.85 -27.15 5.08
CA GLN C 174 29.26 -25.87 5.41
C GLN C 174 29.19 -24.94 4.17
N TYR C 175 29.77 -25.35 3.04
CA TYR C 175 29.55 -24.67 1.73
C TYR C 175 28.76 -25.54 0.76
N SER C 176 28.38 -26.76 1.17
CA SER C 176 27.54 -27.59 0.33
C SER C 176 26.08 -27.47 0.74
N GLY C 177 25.87 -27.11 2.01
CA GLY C 177 24.52 -27.03 2.62
C GLY C 177 24.09 -28.38 3.15
N LEU C 178 22.91 -28.42 3.82
CA LEU C 178 22.25 -29.67 4.22
C LEU C 178 20.75 -29.69 3.89
N GLY C 179 20.27 -30.92 3.69
CA GLY C 179 18.91 -31.25 3.24
C GLY C 179 18.57 -30.63 1.90
N GLY C 180 17.38 -30.06 1.81
CA GLY C 180 17.23 -28.77 1.15
C GLY C 180 17.22 -28.86 -0.35
N LYS C 181 16.91 -27.73 -0.98
CA LYS C 181 17.29 -27.44 -2.31
C LYS C 181 18.55 -26.59 -2.20
N ARG C 182 19.70 -27.24 -2.08
CA ARG C 182 20.92 -26.58 -1.75
C ARG C 182 21.41 -25.73 -2.94
N SER C 183 21.47 -26.33 -4.13
CA SER C 183 21.71 -25.62 -5.36
C SER C 183 20.98 -24.28 -5.36
N SER C 184 19.70 -24.31 -4.96
CA SER C 184 18.67 -23.21 -5.07
C SER C 184 18.59 -22.33 -3.81
N GLY C 185 19.60 -22.32 -2.95
CA GLY C 185 19.62 -21.28 -1.91
C GLY C 185 19.62 -21.77 -0.46
N PHE C 186 19.18 -23.01 -0.19
CA PHE C 186 18.99 -23.37 1.22
C PHE C 186 20.22 -24.10 1.78
N GLY C 187 20.20 -24.27 3.10
CA GLY C 187 20.99 -25.27 3.79
C GLY C 187 22.38 -24.85 4.26
N ARG C 188 23.06 -23.88 3.64
CA ARG C 188 24.44 -23.56 4.03
C ARG C 188 24.46 -23.23 5.52
N PHE C 189 25.63 -23.37 6.13
CA PHE C 189 25.76 -23.16 7.56
C PHE C 189 27.21 -22.78 7.94
N GLU C 190 27.35 -22.32 9.18
CA GLU C 190 28.62 -21.96 9.74
C GLU C 190 28.86 -22.92 10.92
N LEU C 191 30.05 -23.55 10.93
CA LEU C 191 30.34 -24.61 11.85
C LEU C 191 31.15 -24.05 13.01
N ASP C 192 30.87 -24.56 14.22
CA ASP C 192 31.65 -24.29 15.39
C ASP C 192 31.72 -25.60 16.19
N ILE C 193 32.93 -26.15 16.33
CA ILE C 193 33.15 -27.34 17.08
C ILE C 193 33.49 -26.88 18.47
N GLN C 194 32.85 -27.47 19.47
CA GLN C 194 32.82 -26.89 20.79
C GLN C 194 32.92 -28.00 21.83
N ASN C 195 33.53 -27.69 22.98
CA ASN C 195 33.66 -28.74 23.96
C ASN C 195 32.27 -29.04 24.48
N ILE C 196 32.11 -30.28 24.91
CA ILE C 196 30.86 -30.76 25.35
C ILE C 196 30.76 -30.57 26.87
N PRO C 197 29.83 -29.75 27.40
CA PRO C 197 29.61 -29.64 28.83
C PRO C 197 29.56 -30.95 29.61
N LEU C 198 30.31 -31.04 30.71
CA LEU C 198 30.33 -32.26 31.53
C LEU C 198 28.91 -32.71 31.89
N GLU C 199 28.05 -31.73 32.17
CA GLU C 199 26.68 -31.96 32.61
C GLU C 199 25.98 -32.94 31.64
N LEU C 200 26.49 -33.05 30.40
CA LEU C 200 25.93 -33.90 29.35
C LEU C 200 26.78 -35.15 29.11
N SER C 201 28.05 -34.91 28.74
CA SER C 201 29.02 -35.95 28.43
C SER C 201 29.08 -36.99 29.56
N ASP C 202 28.81 -36.57 30.80
CA ASP C 202 28.75 -37.51 31.93
C ASP C 202 27.71 -38.60 31.66
N ARG C 203 26.67 -38.31 30.86
CA ARG C 203 25.47 -39.14 30.83
C ARG C 203 25.40 -39.92 29.51
N LEU C 204 26.44 -39.85 28.67
CA LEU C 204 26.54 -40.56 27.40
C LEU C 204 27.15 -41.96 27.57
N THR C 205 26.51 -43.00 27.03
CA THR C 205 27.10 -44.34 26.95
C THR C 205 26.69 -44.98 25.63
N LYS C 206 27.36 -46.07 25.26
CA LYS C 206 26.94 -46.92 24.14
C LYS C 206 26.61 -48.32 24.65
N ASN C 207 27.09 -48.63 25.85
CA ASN C 207 26.75 -49.86 26.59
C ASN C 207 26.36 -49.44 28.01
N HIS C 208 25.22 -49.96 28.46
CA HIS C 208 24.67 -49.64 29.78
C HIS C 208 23.42 -50.49 29.96
N SER C 209 23.22 -50.99 31.18
CA SER C 209 22.26 -52.04 31.43
C SER C 209 21.15 -51.51 32.33
N ASP C 210 20.98 -50.19 32.39
CA ASP C 210 19.80 -49.58 32.98
C ASP C 210 19.21 -48.61 31.96
N LYS C 211 18.20 -47.84 32.39
CA LYS C 211 17.33 -47.09 31.49
C LYS C 211 18.08 -45.95 30.78
N VAL C 212 17.85 -45.83 29.47
CA VAL C 212 18.53 -44.84 28.62
C VAL C 212 17.54 -44.35 27.57
N MET C 213 17.82 -43.13 27.11
CA MET C 213 17.14 -42.50 26.02
C MET C 213 18.12 -42.43 24.85
N SER C 214 17.64 -42.75 23.66
CA SER C 214 18.49 -42.76 22.49
C SER C 214 18.57 -41.35 21.93
N LEU C 215 19.76 -40.96 21.48
CA LEU C 215 20.02 -39.64 20.95
C LEU C 215 20.09 -39.75 19.44
N THR C 216 19.90 -40.97 18.93
CA THR C 216 20.04 -41.17 17.50
C THR C 216 18.88 -41.98 16.97
N THR C 217 18.37 -41.62 15.80
CA THR C 217 17.29 -42.38 15.22
C THR C 217 17.91 -43.66 14.63
N ALA C 218 17.59 -44.80 15.27
CA ALA C 218 18.45 -45.94 15.24
C ALA C 218 17.65 -47.23 15.14
N LEU C 219 18.28 -48.26 14.60
CA LEU C 219 17.64 -49.51 14.44
C LEU C 219 18.54 -50.53 15.08
N PRO C 220 18.09 -51.21 16.13
CA PRO C 220 18.86 -52.31 16.68
C PRO C 220 19.13 -53.48 15.70
N VAL C 221 20.27 -54.12 15.95
CA VAL C 221 20.68 -55.37 15.32
C VAL C 221 19.63 -56.45 15.61
N ASP C 222 19.37 -57.29 14.63
CA ASP C 222 18.21 -58.25 14.67
C ASP C 222 18.20 -58.99 16.02
N ALA C 223 19.39 -59.14 16.62
CA ALA C 223 19.59 -59.89 17.83
C ALA C 223 19.10 -59.11 19.07
N ASP C 224 19.22 -57.78 19.08
CA ASP C 224 18.88 -56.98 20.25
C ASP C 224 17.43 -56.47 20.21
N LEU C 225 16.73 -56.70 19.10
CA LEU C 225 15.54 -55.90 18.76
C LEU C 225 14.39 -56.24 19.70
N GLU C 226 14.17 -57.53 19.91
CA GLU C 226 13.01 -58.02 20.65
C GLU C 226 12.98 -57.36 22.01
N GLU C 227 14.14 -57.33 22.66
CA GLU C 227 14.31 -56.77 23.99
C GLU C 227 14.01 -55.27 24.02
N ALA C 228 14.52 -54.54 23.05
CA ALA C 228 14.37 -53.12 23.07
C ALA C 228 12.92 -52.74 22.74
N MET C 229 12.16 -53.61 22.12
CA MET C 229 10.81 -53.27 21.80
C MET C 229 9.89 -53.64 22.97
N GLU C 230 10.19 -54.71 23.70
CA GLU C 230 9.30 -55.19 24.78
C GLU C 230 9.34 -54.22 25.97
N ASP C 231 10.53 -53.90 26.47
CA ASP C 231 10.64 -53.06 27.63
C ASP C 231 10.85 -51.62 27.15
N GLY C 232 10.65 -51.38 25.86
CA GLY C 232 10.87 -50.04 25.29
C GLY C 232 9.65 -49.13 25.39
N HIS C 233 9.94 -47.84 25.18
CA HIS C 233 9.01 -46.79 24.89
C HIS C 233 9.52 -45.95 23.71
N TYR C 234 8.89 -46.05 22.55
CA TYR C 234 9.45 -45.53 21.34
C TYR C 234 8.38 -44.88 20.43
N LEU C 235 8.83 -44.07 19.46
CA LEU C 235 8.02 -43.74 18.25
C LEU C 235 8.77 -44.26 17.02
N LEU C 236 8.15 -45.10 16.19
CA LEU C 236 8.80 -45.60 14.94
C LEU C 236 8.70 -44.57 13.84
N THR C 237 9.81 -44.17 13.25
CA THR C 237 9.77 -43.25 12.15
C THR C 237 10.16 -44.01 10.88
N LYS C 238 9.71 -43.52 9.73
CA LYS C 238 9.92 -44.22 8.51
C LYS C 238 10.93 -43.45 7.66
N SER C 239 12.10 -44.05 7.39
CA SER C 239 13.05 -43.47 6.47
C SER C 239 12.76 -43.97 5.05
N SER C 240 12.56 -43.01 4.16
CA SER C 240 12.19 -43.24 2.82
C SER C 240 12.75 -42.12 1.94
N GLY C 241 12.81 -42.35 0.63
CA GLY C 241 13.32 -41.40 -0.32
C GLY C 241 13.95 -42.09 -1.52
N PHE C 242 14.47 -41.25 -2.43
CA PHE C 242 15.12 -41.68 -3.64
C PHE C 242 16.63 -41.59 -3.40
N ALA C 243 17.37 -42.63 -3.78
CA ALA C 243 18.78 -42.68 -3.48
C ALA C 243 19.49 -41.67 -4.37
N PHE C 244 20.25 -40.77 -3.77
CA PHE C 244 21.02 -39.85 -4.58
C PHE C 244 22.30 -40.55 -5.07
N SER C 245 22.62 -40.40 -6.36
CA SER C 245 23.80 -41.10 -6.93
C SER C 245 24.03 -40.74 -8.40
N HIS C 246 25.28 -40.91 -8.82
CA HIS C 246 25.70 -40.61 -10.15
C HIS C 246 25.78 -41.91 -10.95
N ALA C 247 25.43 -43.01 -10.30
CA ALA C 247 25.48 -44.32 -10.89
C ALA C 247 24.63 -44.38 -12.14
N THR C 248 23.40 -43.87 -12.06
CA THR C 248 22.39 -44.11 -13.07
C THR C 248 21.55 -42.86 -13.29
N ASN C 249 21.02 -42.69 -14.49
CA ASN C 249 20.13 -41.58 -14.77
C ASN C 249 18.80 -41.76 -14.04
N GLU C 250 18.29 -43.01 -13.99
CA GLU C 250 16.96 -43.24 -13.40
C GLU C 250 17.04 -43.03 -11.88
N ASN C 251 15.87 -42.79 -11.25
CA ASN C 251 15.79 -42.65 -9.77
C ASN C 251 14.99 -43.79 -9.14
N TYR C 252 15.62 -44.48 -8.18
CA TYR C 252 14.98 -45.59 -7.52
C TYR C 252 14.78 -45.22 -6.06
N ARG C 253 13.58 -45.50 -5.56
CA ARG C 253 13.32 -45.41 -4.17
C ARG C 253 14.26 -46.36 -3.45
N LYS C 254 15.01 -45.86 -2.48
CA LYS C 254 15.66 -46.78 -1.55
C LYS C 254 14.60 -47.50 -0.71
N GLN C 255 15.06 -48.53 0.01
CA GLN C 255 14.22 -49.43 0.74
C GLN C 255 13.69 -48.69 1.97
N ASP C 256 12.40 -48.80 2.22
CA ASP C 256 11.84 -48.17 3.36
C ASP C 256 12.45 -48.86 4.60
N LEU C 257 12.79 -48.03 5.60
CA LEU C 257 13.33 -48.52 6.84
C LEU C 257 12.64 -47.87 8.02
N TYR C 258 12.11 -48.67 8.95
CA TYR C 258 11.51 -48.15 10.13
C TYR C 258 12.53 -48.24 11.26
N LYS C 259 12.74 -47.10 11.95
CA LYS C 259 13.66 -46.98 13.09
C LYS C 259 12.96 -46.39 14.30
N PHE C 260 13.61 -46.49 15.46
CA PHE C 260 13.16 -45.89 16.72
C PHE C 260 13.68 -44.46 16.77
N ALA C 261 12.79 -43.54 17.14
CA ALA C 261 13.11 -42.13 17.11
C ALA C 261 13.92 -41.77 18.35
N SER C 262 14.77 -40.76 18.21
CA SER C 262 15.33 -40.10 19.36
C SER C 262 14.26 -39.26 20.00
N GLY C 263 14.29 -39.10 21.31
CA GLY C 263 14.71 -40.14 22.21
C GLY C 263 13.52 -41.00 22.59
N SER C 264 13.38 -42.13 21.92
CA SER C 264 12.75 -43.22 22.53
C SER C 264 13.60 -43.65 23.75
N THR C 265 13.01 -44.40 24.67
CA THR C 265 13.69 -44.81 25.85
C THR C 265 13.55 -46.32 26.02
N PHE C 266 14.63 -46.98 26.43
CA PHE C 266 14.66 -48.42 26.62
C PHE C 266 15.31 -48.74 27.98
N SER C 267 15.08 -49.96 28.47
CA SER C 267 15.60 -50.42 29.75
C SER C 267 17.12 -50.61 29.70
N LYS C 268 17.71 -50.55 28.52
CA LYS C 268 19.12 -50.76 28.37
C LYS C 268 19.53 -50.52 26.91
N THR C 269 20.80 -50.17 26.74
CA THR C 269 21.37 -49.89 25.44
C THR C 269 21.37 -51.17 24.58
N PHE C 270 21.31 -50.97 23.24
CA PHE C 270 21.42 -52.00 22.24
C PHE C 270 22.55 -51.62 21.26
N GLU C 271 23.00 -52.56 20.41
CA GLU C 271 23.90 -52.25 19.34
C GLU C 271 23.04 -51.90 18.13
N GLY C 272 23.50 -50.92 17.35
CA GLY C 272 22.76 -50.44 16.19
C GLY C 272 23.42 -50.85 14.88
N GLN C 273 22.80 -50.49 13.75
CA GLN C 273 23.34 -50.81 12.42
C GLN C 273 23.52 -49.55 11.57
N ILE C 274 24.43 -49.66 10.60
CA ILE C 274 24.44 -48.89 9.37
C ILE C 274 23.77 -49.75 8.30
N VAL C 275 22.56 -49.44 7.87
CA VAL C 275 21.80 -50.33 6.99
C VAL C 275 22.06 -50.02 5.52
N ASP C 276 22.14 -51.06 4.70
CA ASP C 276 22.17 -50.89 3.30
C ASP C 276 20.74 -50.96 2.77
N VAL C 277 20.22 -49.80 2.37
CA VAL C 277 18.88 -49.66 1.90
C VAL C 277 18.83 -49.50 0.37
N ARG C 278 19.89 -49.91 -0.34
CA ARG C 278 19.90 -49.70 -1.77
C ARG C 278 18.74 -50.43 -2.45
N PRO C 279 18.30 -49.95 -3.62
CA PRO C 279 17.35 -50.68 -4.42
C PRO C 279 18.02 -52.01 -4.74
N LEU C 280 17.26 -53.11 -4.73
CA LEU C 280 17.77 -54.44 -5.13
C LEU C 280 18.54 -54.34 -6.46
N ASP C 281 19.74 -54.91 -6.44
CA ASP C 281 20.68 -55.02 -7.58
C ASP C 281 21.12 -53.64 -8.03
N PHE C 282 21.48 -52.74 -7.11
CA PHE C 282 21.97 -51.42 -7.46
C PHE C 282 23.49 -51.45 -7.49
N PRO C 283 24.14 -50.75 -8.44
CA PRO C 283 25.60 -50.61 -8.50
C PRO C 283 26.33 -50.39 -7.17
N HIS C 284 25.83 -49.55 -6.28
CA HIS C 284 26.60 -49.25 -5.09
C HIS C 284 25.71 -49.30 -3.86
N ALA C 285 26.34 -49.46 -2.68
CA ALA C 285 25.58 -49.44 -1.45
C ALA C 285 25.02 -48.02 -1.22
N VAL C 286 23.85 -48.00 -0.59
CA VAL C 286 23.11 -46.84 -0.21
C VAL C 286 22.87 -46.96 1.29
N LEU C 287 23.53 -46.10 2.07
CA LEU C 287 23.77 -46.25 3.51
C LEU C 287 22.86 -45.32 4.33
N ASN C 288 22.11 -45.95 5.24
CA ASN C 288 21.28 -45.32 6.22
C ASN C 288 21.95 -45.50 7.59
N TYR C 289 22.46 -44.41 8.16
CA TYR C 289 23.17 -44.52 9.43
C TYR C 289 22.20 -44.61 10.62
N ALA C 290 22.21 -45.74 11.34
CA ALA C 290 21.31 -45.94 12.47
C ALA C 290 22.03 -46.63 13.64
N LYS C 291 22.95 -45.90 14.27
CA LYS C 291 23.73 -46.47 15.33
C LYS C 291 23.64 -45.52 16.52
N PRO C 292 23.04 -45.97 17.64
CA PRO C 292 22.66 -45.10 18.73
C PRO C 292 23.82 -44.64 19.62
N LEU C 293 23.73 -43.35 20.02
CA LEU C 293 24.34 -42.85 21.21
C LEU C 293 23.25 -42.65 22.25
N PHE C 294 23.54 -42.99 23.50
CA PHE C 294 22.47 -42.87 24.50
C PHE C 294 22.79 -41.82 25.54
N PHE C 295 21.77 -41.56 26.33
CA PHE C 295 21.77 -40.62 27.48
C PHE C 295 21.16 -41.39 28.64
N LYS C 296 21.80 -41.39 29.79
CA LYS C 296 21.27 -42.17 30.92
C LYS C 296 20.22 -41.37 31.68
N LEU C 297 19.37 -42.07 32.43
CA LEU C 297 18.31 -41.43 33.24
C LEU C 297 18.59 -41.71 34.72
N GLU C 298 17.57 -42.00 35.51
CA GLU C 298 17.80 -42.31 36.95
C GLU C 298 16.68 -43.23 37.44
N MET D 1 42.87 -32.53 -10.74
CA MET D 1 43.37 -31.54 -9.73
C MET D 1 42.48 -31.57 -8.47
N THR D 2 43.08 -31.12 -7.37
CA THR D 2 42.55 -31.36 -6.03
C THR D 2 41.22 -30.62 -5.84
N PHE D 3 40.48 -31.10 -4.86
CA PHE D 3 39.17 -30.59 -4.50
C PHE D 3 39.30 -29.25 -3.79
N ALA D 4 38.39 -28.33 -4.11
CA ALA D 4 38.39 -26.99 -3.52
C ALA D 4 37.04 -26.31 -3.75
N LYS D 5 36.73 -25.36 -2.86
CA LYS D 5 35.50 -24.58 -2.90
C LYS D 5 35.85 -23.09 -2.90
N ILE D 6 35.42 -22.42 -3.98
CA ILE D 6 35.59 -20.98 -4.19
C ILE D 6 34.26 -20.27 -3.96
N LYS D 7 34.27 -19.21 -3.15
CA LYS D 7 33.13 -18.40 -2.84
C LYS D 7 33.19 -17.09 -3.63
N PHE D 8 32.25 -16.91 -4.55
CA PHE D 8 32.00 -15.63 -5.19
C PHE D 8 31.10 -14.79 -4.30
N SER D 9 31.62 -13.65 -3.84
CA SER D 9 30.88 -12.78 -2.94
C SER D 9 30.81 -11.39 -3.55
N ALA D 10 29.68 -10.72 -3.34
CA ALA D 10 29.49 -9.35 -3.76
C ALA D 10 28.39 -8.75 -2.91
N GLN D 11 28.11 -7.46 -3.16
CA GLN D 11 26.92 -6.80 -2.66
C GLN D 11 26.08 -6.43 -3.87
N ILE D 12 24.88 -6.97 -3.95
CA ILE D 12 23.97 -6.61 -5.00
C ILE D 12 23.34 -5.28 -4.63
N ARG D 13 23.55 -4.26 -5.48
CA ARG D 13 22.88 -2.98 -5.37
C ARG D 13 21.70 -2.94 -6.33
N LEU D 14 20.55 -2.49 -5.82
CA LEU D 14 19.39 -2.29 -6.68
C LEU D 14 19.52 -0.93 -7.37
N GLU D 15 19.71 -0.93 -8.69
CA GLU D 15 19.85 0.29 -9.48
C GLU D 15 18.47 0.89 -9.77
N THR D 16 17.46 0.04 -9.92
CA THR D 16 16.08 0.46 -9.94
C THR D 16 15.27 -0.43 -8.99
N GLY D 17 14.02 -0.06 -8.75
CA GLY D 17 13.19 -0.79 -7.80
C GLY D 17 12.99 -2.22 -8.25
N LEU D 18 13.07 -3.16 -7.29
CA LEU D 18 13.01 -4.57 -7.59
C LEU D 18 11.71 -5.17 -7.03
N HIS D 19 11.07 -6.02 -7.84
CA HIS D 19 9.90 -6.74 -7.41
C HIS D 19 10.04 -8.23 -7.76
N ILE D 20 10.08 -9.10 -6.72
CA ILE D 20 10.09 -10.52 -6.94
C ILE D 20 8.74 -11.13 -6.54
N GLY D 21 8.43 -11.23 -5.26
CA GLY D 21 7.00 -11.19 -4.99
C GLY D 21 6.45 -12.37 -4.22
N GLY D 22 5.45 -12.04 -3.40
CA GLY D 22 5.11 -12.75 -2.21
C GLY D 22 4.17 -13.89 -2.52
N SER D 23 4.54 -15.05 -1.96
CA SER D 23 3.76 -16.24 -2.06
C SER D 23 3.43 -16.71 -0.63
N ASP D 24 4.47 -16.84 0.20
CA ASP D 24 4.35 -17.10 1.65
C ASP D 24 3.14 -16.33 2.19
N ALA D 25 2.23 -17.03 2.88
CA ALA D 25 0.97 -16.44 3.38
C ALA D 25 1.26 -15.22 4.26
N PHE D 26 2.31 -15.33 5.09
CA PHE D 26 2.81 -14.21 5.88
C PHE D 26 3.06 -12.99 4.97
N ALA D 27 3.82 -13.22 3.88
CA ALA D 27 4.16 -12.21 2.88
C ALA D 27 3.08 -12.06 1.80
N ALA D 28 2.01 -12.86 1.85
CA ALA D 28 0.93 -12.82 0.83
C ALA D 28 -0.21 -11.91 1.27
N ILE D 29 -0.14 -11.43 2.52
CA ILE D 29 -1.27 -10.69 3.15
C ILE D 29 -1.60 -9.42 2.35
N GLY D 30 -2.89 -9.22 2.03
CA GLY D 30 -3.34 -8.34 0.90
C GLY D 30 -3.33 -6.84 1.21
N ALA D 31 -2.74 -6.47 2.35
CA ALA D 31 -2.56 -5.07 2.73
C ALA D 31 -1.96 -4.22 1.58
N ILE D 32 -1.43 -4.87 0.54
CA ILE D 32 -1.07 -4.25 -0.74
C ILE D 32 -1.39 -5.30 -1.81
N ASP D 33 -1.66 -4.88 -3.04
CA ASP D 33 -2.15 -5.80 -4.05
C ASP D 33 -1.06 -6.83 -4.45
N SER D 34 0.13 -6.34 -4.81
CA SER D 34 1.14 -7.16 -5.44
C SER D 34 2.40 -7.13 -4.58
N PRO D 35 2.45 -7.93 -3.50
CA PRO D 35 3.53 -7.82 -2.51
C PRO D 35 4.82 -8.43 -3.07
N VAL D 36 5.92 -8.25 -2.34
CA VAL D 36 7.27 -8.64 -2.73
C VAL D 36 7.73 -9.69 -1.72
N ILE D 37 8.59 -10.62 -2.15
CA ILE D 37 9.01 -11.74 -1.27
C ILE D 37 9.89 -11.14 -0.16
N LYS D 38 9.57 -11.50 1.08
CA LYS D 38 10.22 -10.93 2.24
C LYS D 38 10.62 -12.05 3.20
N ASP D 39 11.74 -11.83 3.89
CA ASP D 39 12.17 -12.71 4.94
C ASP D 39 11.23 -12.57 6.12
N PRO D 40 10.60 -13.67 6.59
CA PRO D 40 9.49 -13.57 7.52
C PRO D 40 9.86 -12.94 8.87
N ILE D 41 11.09 -13.14 9.35
CA ILE D 41 11.40 -12.71 10.71
C ILE D 41 11.70 -11.21 10.71
N THR D 42 12.39 -10.69 9.69
CA THR D 42 12.76 -9.26 9.65
C THR D 42 11.78 -8.45 8.81
N ASN D 43 10.92 -9.11 8.04
CA ASN D 43 9.96 -8.47 7.12
C ASN D 43 10.70 -7.53 6.16
N LEU D 44 11.98 -7.81 5.90
CA LEU D 44 12.75 -7.10 4.91
C LEU D 44 12.63 -7.84 3.59
N PRO D 45 12.78 -7.14 2.44
CA PRO D 45 12.92 -7.82 1.16
C PRO D 45 14.13 -8.75 1.17
N ILE D 46 14.02 -9.82 0.41
CA ILE D 46 15.02 -10.87 0.29
C ILE D 46 15.12 -11.20 -1.19
N ILE D 47 16.32 -11.51 -1.64
CA ILE D 47 16.52 -11.97 -3.00
C ILE D 47 16.71 -13.47 -2.95
N PRO D 48 15.70 -14.29 -3.33
CA PRO D 48 15.82 -15.73 -3.23
C PRO D 48 16.90 -16.23 -4.20
N GLY D 49 17.74 -17.16 -3.71
CA GLY D 49 18.77 -17.81 -4.53
C GLY D 49 18.16 -18.46 -5.77
N SER D 50 16.94 -18.96 -5.63
CA SER D 50 16.27 -19.62 -6.75
C SER D 50 16.09 -18.61 -7.90
N SER D 51 15.73 -17.36 -7.57
CA SER D 51 15.62 -16.28 -8.54
C SER D 51 16.94 -16.07 -9.29
N LEU D 52 18.03 -15.82 -8.54
CA LEU D 52 19.35 -15.60 -9.15
C LEU D 52 19.72 -16.76 -10.08
N LYS D 53 19.62 -17.99 -9.57
CA LYS D 53 20.01 -19.17 -10.31
C LYS D 53 19.18 -19.26 -11.58
N GLY D 54 17.87 -19.20 -11.42
CA GLY D 54 16.98 -19.35 -12.56
C GLY D 54 17.30 -18.36 -13.66
N LYS D 55 17.33 -17.07 -13.31
CA LYS D 55 17.49 -16.01 -14.29
C LYS D 55 18.86 -16.15 -14.96
N MET D 56 19.91 -16.31 -14.16
CA MET D 56 21.26 -16.44 -14.71
C MET D 56 21.32 -17.64 -15.66
N ARG D 57 20.63 -18.73 -15.32
CA ARG D 57 20.67 -19.91 -16.17
C ARG D 57 20.01 -19.63 -17.53
N THR D 58 18.81 -19.07 -17.50
CA THR D 58 18.05 -18.87 -18.75
C THR D 58 18.73 -17.79 -19.62
N LEU D 59 19.43 -16.85 -18.98
CA LEU D 59 20.26 -15.88 -19.71
C LEU D 59 21.38 -16.62 -20.43
N LEU D 60 22.06 -17.50 -19.70
CA LEU D 60 23.25 -18.16 -20.19
C LEU D 60 22.89 -19.21 -21.24
N ALA D 61 21.65 -19.69 -21.26
CA ALA D 61 21.19 -20.60 -22.32
C ALA D 61 21.21 -19.89 -23.68
N LYS D 62 21.01 -18.58 -23.70
CA LYS D 62 20.95 -17.80 -24.93
C LYS D 62 22.36 -17.71 -25.53
N VAL D 63 23.38 -17.75 -24.68
CA VAL D 63 24.76 -17.72 -25.15
C VAL D 63 25.24 -19.14 -25.47
N TYR D 64 25.13 -20.06 -24.50
CA TYR D 64 25.96 -21.25 -24.49
C TYR D 64 25.23 -22.52 -24.99
N ASN D 65 23.95 -22.44 -25.34
CA ASN D 65 23.27 -23.60 -25.90
C ASN D 65 23.41 -23.57 -27.41
N GLU D 66 24.05 -24.59 -27.95
CA GLU D 66 24.23 -24.75 -29.42
C GLU D 66 22.83 -24.77 -30.07
N LYS D 67 21.97 -25.62 -29.50
CA LYS D 67 20.59 -25.74 -29.95
C LYS D 67 19.69 -25.25 -28.81
N VAL D 68 18.70 -24.41 -29.14
CA VAL D 68 17.74 -23.95 -28.12
C VAL D 68 16.94 -25.17 -27.64
N ALA D 69 16.85 -25.32 -26.31
CA ALA D 69 16.31 -26.51 -25.64
C ALA D 69 14.89 -26.25 -25.13
N GLU D 70 13.98 -27.21 -25.37
CA GLU D 70 12.62 -27.15 -24.83
C GLU D 70 12.70 -27.26 -23.29
N LYS D 71 13.23 -28.37 -22.77
CA LYS D 71 13.28 -28.65 -21.31
C LYS D 71 14.70 -28.42 -20.80
N PRO D 72 14.89 -28.03 -19.52
CA PRO D 72 16.24 -27.88 -18.94
C PRO D 72 17.10 -29.16 -18.94
N SER D 73 16.51 -30.34 -19.09
CA SER D 73 17.30 -31.59 -19.30
C SER D 73 18.02 -31.56 -20.65
N ASP D 74 17.61 -30.68 -21.57
CA ASP D 74 18.15 -30.60 -22.92
C ASP D 74 19.23 -29.52 -23.00
N ASP D 75 19.53 -28.84 -21.88
CA ASP D 75 20.58 -27.81 -21.85
C ASP D 75 21.93 -28.45 -22.15
N SER D 76 22.88 -27.61 -22.58
CA SER D 76 24.22 -28.09 -22.95
C SER D 76 24.96 -28.59 -21.72
N ASP D 77 25.93 -29.48 -21.92
CA ASP D 77 26.70 -30.04 -20.81
C ASP D 77 27.43 -28.93 -20.03
N ILE D 78 27.71 -27.82 -20.69
CA ILE D 78 28.40 -26.70 -20.08
C ILE D 78 27.46 -26.02 -19.07
N LEU D 79 26.17 -25.93 -19.36
CA LEU D 79 25.23 -25.38 -18.38
C LEU D 79 24.90 -26.46 -17.34
N SER D 80 24.68 -27.70 -17.79
CA SER D 80 24.25 -28.79 -16.91
C SER D 80 25.31 -29.02 -15.85
N ARG D 81 26.59 -28.91 -16.22
CA ARG D 81 27.67 -29.14 -15.28
C ARG D 81 27.57 -28.08 -14.15
N LEU D 82 27.04 -26.90 -14.42
CA LEU D 82 27.06 -25.83 -13.42
C LEU D 82 25.74 -25.76 -12.65
N PHE D 83 24.62 -25.89 -13.36
CA PHE D 83 23.30 -25.71 -12.73
C PHE D 83 22.67 -27.03 -12.33
N GLY D 84 23.17 -28.13 -12.88
CA GLY D 84 22.63 -29.45 -12.58
C GLY D 84 21.57 -29.87 -13.59
N ASN D 85 21.49 -31.18 -13.79
CA ASN D 85 20.61 -31.82 -14.72
C ASN D 85 20.09 -33.09 -14.05
N SER D 86 18.78 -33.18 -13.86
CA SER D 86 18.19 -34.26 -13.06
C SER D 86 18.18 -35.58 -13.84
N LYS D 87 18.29 -35.52 -15.18
CA LYS D 87 18.16 -36.71 -16.06
C LYS D 87 19.53 -37.18 -16.55
N ASP D 88 20.64 -36.61 -16.05
CA ASP D 88 21.98 -36.99 -16.50
C ASP D 88 22.80 -37.42 -15.28
N LYS D 89 23.26 -38.67 -15.30
CA LYS D 89 23.97 -39.27 -14.17
C LYS D 89 25.19 -38.43 -13.77
N ARG D 90 25.83 -37.75 -14.72
CA ARG D 90 27.09 -37.05 -14.45
C ARG D 90 26.83 -35.77 -13.66
N PHE D 91 25.72 -35.08 -13.97
CA PHE D 91 25.51 -33.72 -13.50
C PHE D 91 24.33 -33.63 -12.53
N LYS D 92 23.92 -34.72 -11.90
CA LYS D 92 22.69 -34.70 -11.12
C LYS D 92 22.65 -33.51 -10.16
N MET D 93 23.82 -33.06 -9.68
CA MET D 93 23.95 -31.74 -9.03
C MET D 93 25.03 -30.94 -9.73
N GLY D 94 24.74 -29.69 -10.07
CA GLY D 94 25.73 -28.79 -10.64
C GLY D 94 26.85 -28.45 -9.65
N ARG D 95 27.80 -27.64 -10.11
CA ARG D 95 28.95 -27.26 -9.33
C ARG D 95 28.70 -25.93 -8.61
N LEU D 96 27.47 -25.40 -8.71
CA LEU D 96 27.16 -24.08 -8.11
C LEU D 96 26.17 -24.26 -6.96
N ILE D 97 26.39 -23.50 -5.89
CA ILE D 97 25.47 -23.43 -4.78
C ILE D 97 25.14 -21.95 -4.55
N PHE D 98 23.91 -21.56 -4.91
CA PHE D 98 23.40 -20.21 -4.66
C PHE D 98 22.94 -20.09 -3.20
N ARG D 99 22.92 -18.84 -2.71
CA ARG D 99 22.42 -18.55 -1.35
C ARG D 99 21.40 -17.40 -1.45
N ASP D 100 20.30 -17.52 -0.73
CA ASP D 100 19.36 -16.41 -0.56
C ASP D 100 20.16 -15.21 -0.09
N ALA D 101 19.99 -14.07 -0.79
CA ALA D 101 20.65 -12.84 -0.47
C ALA D 101 19.75 -11.97 0.41
N PHE D 102 20.32 -11.37 1.46
CA PHE D 102 19.60 -10.66 2.46
C PHE D 102 20.04 -9.21 2.48
N LEU D 103 19.15 -8.35 2.96
CA LEU D 103 19.37 -6.94 2.94
C LEU D 103 20.52 -6.61 3.91
N SER D 104 21.58 -6.02 3.37
CA SER D 104 22.78 -5.72 4.11
C SER D 104 22.67 -4.37 4.82
N ASN D 105 22.27 -3.32 4.07
CA ASN D 105 22.39 -1.90 4.50
C ASN D 105 21.16 -1.40 5.28
N ALA D 106 20.31 -2.28 5.80
CA ALA D 106 19.13 -1.86 6.60
C ALA D 106 19.51 -0.78 7.60
N ASP D 107 20.66 -0.97 8.24
CA ASP D 107 21.15 -0.09 9.31
C ASP D 107 21.60 1.24 8.69
N GLU D 108 22.35 1.18 7.59
CA GLU D 108 22.75 2.38 6.86
C GLU D 108 21.52 3.25 6.60
N LEU D 109 20.43 2.62 6.13
CA LEU D 109 19.22 3.35 5.71
C LEU D 109 18.47 3.87 6.94
N ASP D 110 18.39 3.06 8.00
CA ASP D 110 17.76 3.48 9.22
C ASP D 110 18.45 4.76 9.72
N SER D 111 19.79 4.79 9.59
CA SER D 111 20.57 5.95 10.01
C SER D 111 20.29 7.17 9.11
N LEU D 112 20.15 6.96 7.80
CA LEU D 112 19.88 8.04 6.86
C LEU D 112 18.48 8.64 7.08
N GLY D 113 17.64 7.94 7.86
CA GLY D 113 16.24 8.32 8.11
C GLY D 113 15.30 7.90 6.97
N VAL D 114 15.61 6.75 6.34
CA VAL D 114 14.65 6.04 5.49
C VAL D 114 13.66 5.32 6.42
N ARG D 115 12.40 5.17 5.98
CA ARG D 115 11.34 4.62 6.83
C ARG D 115 10.95 3.20 6.39
N SER D 116 10.38 3.05 5.18
CA SER D 116 10.09 1.70 4.64
C SER D 116 11.19 1.30 3.66
N TYR D 117 11.41 -0.02 3.49
CA TYR D 117 12.40 -0.53 2.54
C TYR D 117 11.74 -0.95 1.23
N THR D 118 10.45 -0.63 1.11
CA THR D 118 9.69 -0.84 -0.10
C THR D 118 8.85 0.41 -0.41
N GLU D 119 8.80 0.77 -1.70
CA GLU D 119 7.94 1.76 -2.25
C GLU D 119 6.73 1.05 -2.84
N VAL D 120 5.60 1.76 -2.89
CA VAL D 120 4.42 1.32 -3.59
C VAL D 120 4.30 2.09 -4.90
N LYS D 121 4.49 1.41 -6.03
CA LYS D 121 4.51 2.07 -7.32
C LYS D 121 3.12 2.05 -7.93
N PHE D 122 2.62 3.24 -8.28
CA PHE D 122 1.36 3.41 -8.98
C PHE D 122 1.64 3.44 -10.47
N GLU D 123 0.90 2.59 -11.19
CA GLU D 123 0.92 2.51 -12.63
C GLU D 123 -0.54 2.49 -13.09
N ASN D 124 -0.75 2.65 -14.40
CA ASN D 124 -2.09 2.42 -14.93
C ASN D 124 -1.97 1.86 -16.34
N THR D 125 -3.13 1.67 -16.96
CA THR D 125 -3.29 1.14 -18.28
C THR D 125 -4.31 2.01 -18.98
N ILE D 126 -4.06 2.30 -20.26
CA ILE D 126 -4.96 3.09 -21.05
C ILE D 126 -5.59 2.17 -22.07
N ASP D 127 -6.92 2.06 -22.02
CA ASP D 127 -7.65 1.39 -23.05
C ASP D 127 -7.28 2.08 -24.37
N ARG D 128 -7.05 1.30 -25.42
CA ARG D 128 -6.56 1.85 -26.68
C ARG D 128 -7.71 2.50 -27.47
N ILE D 129 -8.95 2.06 -27.26
CA ILE D 129 -10.08 2.63 -27.98
C ILE D 129 -10.83 3.63 -27.08
N THR D 130 -11.00 3.33 -25.78
CA THR D 130 -11.83 4.19 -24.92
C THR D 130 -11.00 5.20 -24.14
N ALA D 131 -9.68 5.01 -24.07
CA ALA D 131 -8.74 5.93 -23.42
C ALA D 131 -8.92 5.97 -21.90
N GLU D 132 -9.87 5.20 -21.36
CA GLU D 132 -10.10 5.19 -19.92
C GLU D 132 -8.91 4.48 -19.27
N ALA D 133 -8.62 4.88 -18.03
CA ALA D 133 -7.49 4.39 -17.28
C ALA D 133 -7.93 3.40 -16.20
N ASN D 134 -7.23 2.26 -16.16
CA ASN D 134 -7.39 1.32 -15.07
C ASN D 134 -6.09 1.30 -14.27
N PRO D 135 -6.09 1.78 -13.02
CA PRO D 135 -4.86 1.95 -12.24
C PRO D 135 -4.51 0.71 -11.42
N ARG D 136 -3.28 0.68 -10.93
CA ARG D 136 -2.63 -0.53 -10.52
C ARG D 136 -1.56 -0.13 -9.49
N GLN D 137 -1.53 -0.78 -8.33
CA GLN D 137 -0.41 -0.54 -7.42
C GLN D 137 0.39 -1.82 -7.24
N ILE D 138 1.72 -1.70 -7.23
CA ILE D 138 2.57 -2.86 -7.08
C ILE D 138 3.83 -2.45 -6.34
N GLU D 139 4.25 -3.28 -5.37
CA GLU D 139 5.35 -3.02 -4.46
C GLU D 139 6.69 -3.25 -5.16
N ARG D 140 7.66 -2.41 -4.83
CA ARG D 140 9.04 -2.67 -5.16
C ARG D 140 9.89 -2.53 -3.89
N ALA D 141 10.97 -3.30 -3.81
CA ALA D 141 12.05 -3.02 -2.87
C ALA D 141 12.80 -1.80 -3.39
N ILE D 142 13.07 -0.85 -2.49
CA ILE D 142 13.49 0.47 -2.92
C ILE D 142 14.86 0.35 -3.59
N ARG D 143 15.14 1.27 -4.52
CA ARG D 143 16.40 1.25 -5.19
C ARG D 143 17.47 1.72 -4.21
N ASN D 144 18.70 1.28 -4.43
CA ASN D 144 19.84 1.52 -3.53
C ASN D 144 19.71 0.77 -2.21
N SER D 145 18.82 -0.23 -2.13
CA SER D 145 18.96 -1.34 -1.19
C SER D 145 20.15 -2.18 -1.64
N THR D 146 20.86 -2.80 -0.69
CA THR D 146 21.98 -3.69 -1.02
C THR D 146 21.78 -5.02 -0.31
N PHE D 147 22.21 -6.10 -0.97
CA PHE D 147 22.02 -7.47 -0.53
C PHE D 147 23.33 -8.25 -0.59
N ASP D 148 23.67 -8.94 0.50
CA ASP D 148 24.91 -9.73 0.59
C ASP D 148 24.76 -10.96 -0.31
N PHE D 149 25.70 -11.11 -1.25
CA PHE D 149 25.63 -12.13 -2.27
C PHE D 149 26.78 -13.10 -2.11
N GLU D 150 26.46 -14.39 -2.26
CA GLU D 150 27.36 -15.50 -2.01
C GLU D 150 26.96 -16.62 -2.96
N LEU D 151 27.93 -17.13 -3.71
CA LEU D 151 27.76 -18.26 -4.62
C LEU D 151 29.00 -19.16 -4.49
N ILE D 152 28.80 -20.47 -4.39
CA ILE D 152 29.90 -21.39 -4.20
C ILE D 152 30.13 -22.20 -5.47
N TYR D 153 31.40 -22.29 -5.85
CA TYR D 153 31.84 -23.12 -7.01
C TYR D 153 32.70 -24.24 -6.45
N GLU D 154 32.40 -25.47 -6.83
CA GLU D 154 33.09 -26.67 -6.31
C GLU D 154 33.98 -27.22 -7.41
N ILE D 155 35.26 -27.43 -7.09
CA ILE D 155 36.18 -28.01 -8.10
C ILE D 155 36.33 -29.48 -7.75
N THR D 156 35.88 -30.35 -8.64
CA THR D 156 35.88 -31.80 -8.38
C THR D 156 36.51 -32.60 -9.52
N ASP D 157 35.78 -32.78 -10.61
CA ASP D 157 36.23 -33.60 -11.77
C ASP D 157 36.62 -32.70 -12.94
N GLU D 158 36.86 -31.43 -12.68
CA GLU D 158 37.24 -30.50 -13.75
C GLU D 158 38.77 -30.56 -13.95
N ASN D 159 39.19 -30.56 -15.21
CA ASN D 159 40.53 -30.18 -15.65
C ASN D 159 40.65 -28.66 -15.61
N GLU D 160 41.79 -28.16 -15.14
CA GLU D 160 42.05 -26.74 -14.96
C GLU D 160 41.50 -25.93 -16.16
N ASN D 161 41.61 -26.48 -17.37
CA ASN D 161 40.98 -25.89 -18.57
C ASN D 161 39.47 -25.71 -18.31
N GLN D 162 38.84 -26.77 -17.76
CA GLN D 162 37.43 -26.82 -17.52
C GLN D 162 37.03 -25.77 -16.45
N VAL D 163 37.81 -25.67 -15.36
CA VAL D 163 37.45 -24.68 -14.35
C VAL D 163 37.58 -23.27 -14.95
N GLU D 164 38.54 -23.06 -15.84
CA GLU D 164 38.68 -21.76 -16.50
C GLU D 164 37.40 -21.44 -17.27
N GLU D 165 36.96 -22.36 -18.12
CA GLU D 165 35.74 -22.17 -18.91
C GLU D 165 34.55 -21.89 -17.98
N ASP D 166 34.42 -22.66 -16.90
CA ASP D 166 33.36 -22.44 -15.89
C ASP D 166 33.41 -21.01 -15.37
N PHE D 167 34.59 -20.51 -15.00
CA PHE D 167 34.75 -19.15 -14.56
C PHE D 167 34.28 -18.16 -15.65
N LYS D 168 34.65 -18.39 -16.92
CA LYS D 168 34.15 -17.57 -18.03
C LYS D 168 32.62 -17.55 -17.96
N VAL D 169 31.99 -18.73 -17.78
CA VAL D 169 30.53 -18.81 -17.80
C VAL D 169 29.95 -18.02 -16.64
N ILE D 170 30.61 -18.06 -15.48
CA ILE D 170 30.10 -17.38 -14.30
C ILE D 170 30.19 -15.86 -14.53
N ARG D 171 31.28 -15.37 -15.13
CA ARG D 171 31.47 -13.93 -15.36
C ARG D 171 30.45 -13.43 -16.41
N ASP D 172 30.23 -14.23 -17.46
CA ASP D 172 29.22 -13.92 -18.45
C ASP D 172 27.85 -13.84 -17.77
N GLY D 173 27.58 -14.80 -16.89
CA GLY D 173 26.32 -14.86 -16.16
C GLY D 173 26.05 -13.59 -15.37
N LEU D 174 27.03 -13.15 -14.59
CA LEU D 174 26.86 -11.97 -13.78
C LEU D 174 26.70 -10.73 -14.66
N LYS D 175 27.52 -10.61 -15.71
CA LYS D 175 27.43 -9.45 -16.60
C LYS D 175 26.04 -9.44 -17.24
N LEU D 176 25.55 -10.62 -17.66
CA LEU D 176 24.29 -10.72 -18.33
C LEU D 176 23.16 -10.29 -17.39
N LEU D 177 23.28 -10.59 -16.09
CA LEU D 177 22.32 -10.10 -15.11
C LEU D 177 22.35 -8.58 -15.05
N GLU D 178 23.55 -8.01 -15.14
CA GLU D 178 23.76 -6.57 -15.06
C GLU D 178 23.14 -5.91 -16.29
N LEU D 179 23.20 -6.56 -17.45
CA LEU D 179 22.66 -6.03 -18.71
C LEU D 179 21.24 -6.58 -18.93
N ASP D 180 20.64 -7.08 -17.87
CA ASP D 180 19.24 -7.51 -17.88
C ASP D 180 18.67 -7.10 -16.52
N TYR D 181 17.64 -7.80 -16.05
CA TYR D 181 17.06 -7.50 -14.76
C TYR D 181 16.83 -8.79 -13.97
N LEU D 182 16.67 -8.63 -12.64
CA LEU D 182 16.24 -9.68 -11.74
C LEU D 182 14.72 -9.68 -11.66
N GLY D 183 14.16 -10.88 -11.90
CA GLY D 183 12.77 -11.08 -12.31
C GLY D 183 11.81 -10.17 -11.56
N GLY D 184 11.09 -9.38 -12.34
CA GLY D 184 10.21 -8.31 -11.89
C GLY D 184 9.36 -7.90 -13.08
N SER D 185 8.93 -6.66 -13.13
CA SER D 185 8.35 -6.21 -14.38
C SER D 185 9.45 -5.48 -15.15
N GLY D 186 10.31 -6.27 -15.79
CA GLY D 186 11.63 -5.83 -16.17
C GLY D 186 11.62 -4.87 -17.34
N SER D 187 10.77 -5.19 -18.31
CA SER D 187 10.56 -4.43 -19.54
C SER D 187 10.17 -2.98 -19.20
N ARG D 188 9.53 -2.79 -18.03
CA ARG D 188 8.96 -1.52 -17.65
C ARG D 188 9.85 -0.85 -16.58
N GLY D 189 11.11 -1.28 -16.49
CA GLY D 189 12.13 -0.55 -15.76
C GLY D 189 12.45 -1.12 -14.39
N TYR D 190 12.03 -2.35 -14.08
CA TYR D 190 12.15 -2.78 -12.71
C TYR D 190 13.57 -3.25 -12.32
N GLY D 191 14.03 -4.39 -12.78
CA GLY D 191 14.91 -5.20 -11.87
C GLY D 191 16.39 -4.87 -11.96
N LYS D 192 16.78 -3.65 -12.32
CA LYS D 192 18.17 -3.43 -12.66
C LYS D 192 19.01 -3.65 -11.41
N VAL D 193 20.19 -4.23 -11.61
CA VAL D 193 21.01 -4.74 -10.55
C VAL D 193 22.50 -4.54 -10.88
N ALA D 194 23.30 -4.30 -9.83
CA ALA D 194 24.75 -4.23 -9.91
C ALA D 194 25.41 -5.09 -8.82
N PHE D 195 26.50 -5.77 -9.18
CA PHE D 195 27.38 -6.50 -8.27
C PHE D 195 28.57 -5.61 -7.90
N GLU D 196 28.63 -5.17 -6.65
CA GLU D 196 29.70 -4.32 -6.17
C GLU D 196 30.66 -5.13 -5.31
N ASN D 197 31.95 -4.82 -5.44
CA ASN D 197 32.99 -5.42 -4.61
C ASN D 197 33.00 -6.93 -4.89
N LEU D 198 32.81 -7.25 -6.18
CA LEU D 198 32.82 -8.61 -6.68
C LEU D 198 34.23 -9.18 -6.49
N LYS D 199 34.27 -10.34 -5.84
CA LYS D 199 35.49 -10.91 -5.29
C LYS D 199 35.34 -12.45 -5.30
N ALA D 200 36.41 -13.18 -5.59
CA ALA D 200 36.47 -14.63 -5.38
C ALA D 200 37.41 -14.93 -4.21
N THR D 201 37.09 -15.98 -3.46
CA THR D 201 37.86 -16.43 -2.31
C THR D 201 37.82 -17.96 -2.27
N THR D 202 38.98 -18.61 -2.09
CA THR D 202 39.01 -20.03 -1.84
C THR D 202 38.75 -20.23 -0.35
N VAL D 203 37.62 -20.88 -0.05
CA VAL D 203 37.18 -21.12 1.34
C VAL D 203 37.46 -22.58 1.72
N PHE D 204 37.88 -23.39 0.74
CA PHE D 204 38.27 -24.78 0.99
C PHE D 204 39.23 -25.24 -0.11
N GLY D 205 40.23 -26.04 0.29
CA GLY D 205 41.29 -26.47 -0.62
C GLY D 205 42.23 -25.32 -0.93
N ASN D 206 42.93 -25.38 -2.07
CA ASN D 206 44.08 -24.51 -2.26
C ASN D 206 43.97 -23.48 -3.39
N TYR D 207 43.14 -23.71 -4.40
CA TYR D 207 43.16 -22.93 -5.63
C TYR D 207 43.61 -21.44 -5.48
N ASP D 208 44.30 -20.97 -6.54
CA ASP D 208 44.84 -19.62 -6.62
C ASP D 208 43.89 -18.72 -7.42
N VAL D 209 43.48 -17.60 -6.80
CA VAL D 209 42.36 -16.79 -7.30
C VAL D 209 42.82 -15.49 -7.97
N LYS D 210 44.14 -15.24 -8.03
CA LYS D 210 44.65 -13.89 -8.36
C LYS D 210 44.12 -13.47 -9.74
N THR D 211 44.35 -14.31 -10.74
CA THR D 211 44.02 -13.97 -12.12
C THR D 211 42.48 -13.89 -12.29
N LEU D 212 41.72 -14.74 -11.60
CA LEU D 212 40.25 -14.68 -11.61
C LEU D 212 39.76 -13.34 -11.06
N ASN D 213 40.29 -12.94 -9.91
CA ASN D 213 39.89 -11.70 -9.27
C ASN D 213 40.12 -10.53 -10.23
N GLU D 214 41.28 -10.51 -10.89
CA GLU D 214 41.58 -9.51 -11.92
C GLU D 214 40.47 -9.52 -12.98
N LEU D 215 40.18 -10.71 -13.52
CA LEU D 215 39.23 -10.86 -14.61
C LEU D 215 37.81 -10.45 -14.18
N LEU D 216 37.46 -10.58 -12.90
CA LEU D 216 36.13 -10.21 -12.38
C LEU D 216 36.02 -8.69 -12.20
N THR D 217 37.10 -8.09 -11.70
CA THR D 217 37.16 -6.66 -11.48
C THR D 217 37.18 -5.91 -12.83
N ALA D 218 37.51 -6.59 -13.93
CA ALA D 218 37.53 -5.97 -15.25
C ALA D 218 36.33 -6.34 -16.12
N GLU D 219 35.27 -7.01 -15.63
CA GLU D 219 34.12 -7.40 -16.52
C GLU D 219 32.76 -7.44 -15.79
N THR E 2 17.83 20.81 23.71
CA THR E 2 17.05 21.01 24.98
C THR E 2 15.55 21.04 24.70
N ILE E 3 15.16 21.79 23.66
CA ILE E 3 13.76 22.04 23.31
C ILE E 3 13.17 20.83 22.60
N LEU E 4 13.93 20.27 21.64
CA LEU E 4 13.46 19.20 20.77
C LEU E 4 14.14 17.88 21.15
N THR E 5 13.36 16.96 21.71
CA THR E 5 13.84 15.62 22.06
C THR E 5 13.03 14.59 21.29
N ASP E 6 13.62 13.41 21.09
CA ASP E 6 12.97 12.31 20.36
C ASP E 6 11.64 11.93 21.02
N GLU E 7 11.58 11.94 22.33
CA GLU E 7 10.35 11.71 23.03
C GLU E 7 9.42 12.89 22.88
N ASN E 8 10.04 14.05 22.92
CA ASN E 8 9.41 15.37 22.89
C ASN E 8 8.62 16.03 21.79
N TYR E 9 9.09 15.91 20.58
CA TYR E 9 8.59 16.77 19.56
C TYR E 9 7.16 16.80 19.17
N VAL E 10 6.54 15.67 19.11
CA VAL E 10 5.18 15.63 18.60
C VAL E 10 4.26 16.19 19.69
N ASP E 11 4.46 15.77 20.95
CA ASP E 11 3.64 16.26 22.06
C ASP E 11 3.73 17.80 22.14
N ILE E 12 4.93 18.34 21.91
CA ILE E 12 5.15 19.80 21.84
C ILE E 12 4.36 20.39 20.68
N ALA E 13 4.50 19.80 19.50
CA ALA E 13 3.83 20.28 18.31
C ALA E 13 2.31 20.36 18.56
N GLU E 14 1.75 19.29 19.13
CA GLU E 14 0.33 19.25 19.41
C GLU E 14 -0.02 20.41 20.34
N LYS E 15 0.73 20.53 21.46
CA LYS E 15 0.50 21.61 22.46
C LYS E 15 0.48 23.00 21.78
N ALA E 16 1.45 23.24 20.90
CA ALA E 16 1.57 24.48 20.15
C ALA E 16 0.33 24.68 19.29
N ILE E 17 -0.11 23.67 18.55
CA ILE E 17 -1.27 23.85 17.70
C ILE E 17 -2.50 24.16 18.58
N LEU E 18 -2.52 23.66 19.80
CA LEU E 18 -3.66 23.93 20.70
C LEU E 18 -3.60 25.38 21.22
N LYS E 19 -2.40 25.88 21.56
CA LYS E 19 -2.21 27.21 22.15
C LYS E 19 -2.33 28.30 21.08
N LEU E 20 -2.45 27.91 19.78
CA LEU E 20 -2.38 28.82 18.62
C LEU E 20 -3.55 29.81 18.61
N GLU E 21 -3.37 30.96 17.96
CA GLU E 21 -4.37 32.05 17.92
C GLU E 21 -5.51 31.58 17.02
N ARG E 22 -6.71 31.60 17.61
CA ARG E 22 -7.96 31.25 17.00
C ARG E 22 -8.86 32.49 16.94
N ASN E 23 -9.78 32.50 15.98
CA ASN E 23 -10.65 33.61 15.66
C ASN E 23 -11.93 33.49 16.52
N THR E 24 -11.89 34.10 17.71
CA THR E 24 -13.01 34.11 18.67
C THR E 24 -14.06 35.15 18.25
N ARG E 25 -13.69 36.01 17.30
CA ARG E 25 -14.56 37.07 16.79
C ARG E 25 -15.57 36.50 15.78
N ASN E 26 -15.48 35.21 15.48
CA ASN E 26 -16.38 34.53 14.58
C ASN E 26 -17.48 33.89 15.41
N ARG E 27 -18.69 34.48 15.39
CA ARG E 27 -19.88 33.90 16.05
C ARG E 27 -20.23 32.57 15.37
N LYS E 28 -20.11 32.53 14.03
CA LYS E 28 -20.45 31.37 13.22
C LYS E 28 -19.46 30.20 13.40
N ASN E 29 -18.16 30.51 13.58
CA ASN E 29 -17.09 29.51 13.54
C ASN E 29 -16.76 29.00 14.95
N PRO E 30 -16.27 27.75 15.08
CA PRO E 30 -15.74 27.27 16.35
C PRO E 30 -14.40 27.97 16.63
N ASP E 31 -13.57 27.36 17.50
CA ASP E 31 -12.13 27.61 17.43
C ASP E 31 -11.80 27.47 15.93
N ALA E 32 -11.51 28.59 15.28
CA ALA E 32 -11.18 28.62 13.86
C ALA E 32 -9.87 29.38 13.73
N PHE E 33 -8.94 28.83 12.94
CA PHE E 33 -7.55 29.28 13.00
C PHE E 33 -7.38 30.54 12.14
N PHE E 34 -6.59 31.48 12.65
CA PHE E 34 -6.12 32.58 11.85
C PHE E 34 -5.23 32.00 10.72
N LEU E 35 -4.42 31.02 11.10
CA LEU E 35 -3.45 30.42 10.22
C LEU E 35 -4.11 29.58 9.12
N THR E 36 -3.41 29.44 8.00
CA THR E 36 -3.98 28.86 6.81
C THR E 36 -2.85 28.29 5.97
N THR E 37 -3.06 27.04 5.53
CA THR E 37 -2.03 26.21 4.92
C THR E 37 -1.36 26.97 3.78
N SER E 38 -2.15 27.75 3.03
CA SER E 38 -1.62 28.55 1.94
C SER E 38 -0.46 29.45 2.41
N LYS E 39 -0.54 30.00 3.63
CA LYS E 39 0.51 30.87 4.17
C LYS E 39 1.80 30.07 4.39
N LEU E 40 1.67 28.83 4.88
CA LEU E 40 2.83 27.98 5.16
C LEU E 40 3.42 27.33 3.90
N ARG E 41 2.69 27.26 2.78
CA ARG E 41 3.04 26.31 1.71
C ARG E 41 4.50 26.49 1.25
N ASN E 42 4.87 27.70 0.84
CA ASN E 42 6.19 27.94 0.30
C ASN E 42 7.26 27.71 1.36
N LEU E 43 6.91 27.81 2.65
CA LEU E 43 7.82 27.66 3.76
C LEU E 43 8.13 26.17 3.95
N LEU E 44 7.07 25.38 4.12
CA LEU E 44 7.27 23.96 4.47
C LEU E 44 7.63 23.14 3.22
N SER E 45 7.41 23.66 2.02
CA SER E 45 8.07 23.14 0.84
C SER E 45 9.60 23.18 1.04
N LEU E 46 10.12 24.31 1.52
CA LEU E 46 11.58 24.43 1.74
C LEU E 46 12.03 23.43 2.82
N THR E 47 11.27 23.34 3.93
CA THR E 47 11.56 22.35 4.98
C THR E 47 11.70 20.94 4.38
N SER E 48 10.73 20.54 3.56
CA SER E 48 10.71 19.21 2.97
C SER E 48 11.90 19.03 2.03
N THR E 49 12.24 20.03 1.21
CA THR E 49 13.40 19.91 0.32
C THR E 49 14.68 19.72 1.16
N LEU E 50 14.70 20.34 2.35
CA LEU E 50 15.84 20.23 3.29
C LEU E 50 15.97 18.78 3.78
N PHE E 51 14.87 18.22 4.28
CA PHE E 51 14.83 16.83 4.78
C PHE E 51 15.23 15.86 3.67
N ASP E 52 14.56 15.99 2.52
CA ASP E 52 14.82 15.17 1.35
C ASP E 52 16.32 15.22 1.00
N GLU E 53 16.97 16.37 1.17
CA GLU E 53 18.40 16.46 0.78
C GLU E 53 19.32 16.04 1.94
N SER E 54 18.83 16.00 3.18
CA SER E 54 19.62 15.59 4.34
C SER E 54 20.08 14.12 4.23
N LYS E 55 19.47 13.39 3.29
CA LYS E 55 19.78 12.00 3.02
C LYS E 55 20.88 11.89 1.93
N VAL E 56 20.82 12.72 0.89
CA VAL E 56 21.67 12.54 -0.31
C VAL E 56 22.97 13.38 -0.22
N LYS E 57 23.02 14.34 0.72
CA LYS E 57 24.18 15.26 0.91
C LYS E 57 24.54 15.25 2.40
N GLU E 58 25.66 15.89 2.77
CA GLU E 58 26.14 15.93 4.15
C GLU E 58 25.94 17.32 4.75
N TYR E 59 25.92 17.39 6.08
CA TYR E 59 25.38 18.53 6.84
C TYR E 59 25.92 19.88 6.31
N ASP E 60 27.25 19.99 6.23
CA ASP E 60 27.91 21.24 5.84
C ASP E 60 27.42 21.68 4.46
N ALA E 61 27.26 20.73 3.54
CA ALA E 61 26.87 21.03 2.17
C ALA E 61 25.51 21.75 2.14
N LEU E 62 24.69 21.58 3.19
CA LEU E 62 23.33 22.17 3.14
C LEU E 62 23.21 23.41 4.04
N LEU E 63 24.31 23.94 4.59
CA LEU E 63 24.27 25.17 5.45
C LEU E 63 23.54 26.33 4.76
N ASP E 64 23.81 26.53 3.46
CA ASP E 64 23.15 27.53 2.63
C ASP E 64 21.64 27.38 2.80
N ARG E 65 21.14 26.15 2.61
CA ARG E 65 19.72 25.84 2.75
C ARG E 65 19.18 26.23 4.14
N ILE E 66 19.90 25.87 5.22
CA ILE E 66 19.38 26.20 6.57
C ILE E 66 19.38 27.72 6.77
N ALA E 67 20.31 28.42 6.10
CA ALA E 67 20.29 29.87 6.10
C ALA E 67 18.94 30.33 5.52
N TYR E 68 18.69 29.96 4.26
CA TYR E 68 17.56 30.52 3.53
C TYR E 68 16.25 30.15 4.23
N LEU E 69 16.20 29.01 4.94
CA LEU E 69 15.01 28.62 5.73
C LEU E 69 14.70 29.72 6.77
N ARG E 70 15.68 30.04 7.62
CA ARG E 70 15.50 30.99 8.69
C ARG E 70 14.89 32.27 8.15
N VAL E 71 15.54 32.79 7.11
CA VAL E 71 15.16 34.03 6.44
C VAL E 71 13.66 33.97 6.13
N GLN E 72 13.27 33.00 5.29
CA GLN E 72 11.92 32.84 4.85
C GLN E 72 10.98 32.81 6.05
N PHE E 73 11.37 32.09 7.10
CA PHE E 73 10.53 31.99 8.29
C PHE E 73 10.22 33.40 8.82
N VAL E 74 11.26 34.17 9.14
CA VAL E 74 11.03 35.51 9.69
C VAL E 74 10.24 36.35 8.67
N TYR E 75 10.63 36.29 7.38
CA TYR E 75 9.96 37.05 6.35
C TYR E 75 8.46 36.78 6.41
N GLN E 76 8.08 35.51 6.43
CA GLN E 76 6.64 35.16 6.42
C GLN E 76 6.01 35.59 7.74
N ALA E 77 6.76 35.46 8.85
CA ALA E 77 6.26 35.88 10.14
C ALA E 77 6.04 37.39 10.13
N GLY E 78 6.87 38.09 9.36
CA GLY E 78 6.70 39.52 9.10
C GLY E 78 5.44 39.82 8.30
N ARG E 79 5.18 39.04 7.26
CA ARG E 79 4.12 39.35 6.33
C ARG E 79 2.75 38.84 6.81
N GLU E 80 2.71 37.82 7.68
CA GLU E 80 1.44 37.28 8.14
C GLU E 80 1.42 37.13 9.67
N ILE E 81 0.28 37.50 10.25
CA ILE E 81 0.18 37.65 11.72
C ILE E 81 0.08 36.26 12.36
N ALA E 82 -0.76 35.39 11.76
CA ALA E 82 -0.99 34.02 12.20
C ALA E 82 0.28 33.17 12.04
N VAL E 83 1.09 33.47 11.02
CA VAL E 83 2.40 32.83 10.86
C VAL E 83 3.27 33.19 12.08
N LYS E 84 3.45 34.49 12.34
CA LYS E 84 4.29 34.94 13.45
C LYS E 84 3.82 34.26 14.74
N ASP E 85 2.49 34.17 14.90
CA ASP E 85 1.86 33.49 16.04
C ASP E 85 2.33 32.04 16.12
N LEU E 86 2.30 31.32 14.99
CA LEU E 86 2.72 29.93 14.94
C LEU E 86 4.17 29.83 15.38
N ILE E 87 5.05 30.56 14.68
CA ILE E 87 6.48 30.33 14.86
C ILE E 87 6.90 30.90 16.22
N GLU E 88 5.97 31.61 16.88
CA GLU E 88 6.13 32.09 18.25
C GLU E 88 5.80 30.92 19.20
N LYS E 89 4.54 30.47 19.17
CA LYS E 89 4.04 29.49 20.13
C LYS E 89 4.81 28.18 20.00
N ALA E 90 5.33 27.90 18.80
CA ALA E 90 6.02 26.64 18.53
C ALA E 90 7.54 26.82 18.55
N GLN E 91 8.05 27.95 19.06
CA GLN E 91 9.50 28.20 19.27
C GLN E 91 10.31 27.84 18.03
N ILE E 92 9.77 28.03 16.82
CA ILE E 92 10.38 27.48 15.63
C ILE E 92 11.82 28.00 15.49
N LEU E 93 12.00 29.31 15.53
CA LEU E 93 13.32 29.88 15.19
C LEU E 93 14.39 29.42 16.17
N GLU E 94 14.04 29.37 17.47
CA GLU E 94 14.91 28.75 18.47
C GLU E 94 15.25 27.33 18.03
N ALA E 95 14.25 26.55 17.62
CA ALA E 95 14.42 25.15 17.21
C ALA E 95 15.44 25.05 16.05
N LEU E 96 15.37 25.96 15.07
CA LEU E 96 16.44 26.00 14.07
C LEU E 96 17.80 26.26 14.71
N LYS E 97 17.89 27.21 15.64
CA LYS E 97 19.19 27.62 16.20
C LYS E 97 19.90 26.39 16.78
N GLU E 98 19.09 25.42 17.23
CA GLU E 98 19.59 24.27 18.00
C GLU E 98 19.98 23.09 17.11
N ILE E 99 20.09 23.30 15.79
CA ILE E 99 20.36 22.21 14.87
C ILE E 99 21.84 22.23 14.49
N LYS E 100 22.59 21.29 15.08
CA LYS E 100 24.03 21.13 14.81
C LYS E 100 24.27 19.92 13.89
N ASP E 101 23.19 19.17 13.61
CA ASP E 101 23.31 17.73 13.38
C ASP E 101 22.26 17.31 12.36
N ARG E 102 22.60 16.30 11.55
CA ARG E 102 21.62 15.66 10.70
C ARG E 102 20.46 15.07 11.53
N GLU E 103 20.78 14.49 12.69
CA GLU E 103 19.76 13.94 13.60
C GLU E 103 18.80 15.07 13.99
N THR E 104 19.37 16.17 14.51
CA THR E 104 18.62 17.35 14.95
C THR E 104 17.83 17.92 13.76
N LEU E 105 18.47 18.04 12.60
CA LEU E 105 17.83 18.66 11.43
C LEU E 105 16.58 17.88 11.01
N GLN E 106 16.76 16.59 10.77
CA GLN E 106 15.66 15.71 10.39
C GLN E 106 14.56 15.81 11.46
N ARG E 107 14.94 15.93 12.74
CA ARG E 107 13.95 16.05 13.77
C ARG E 107 13.11 17.32 13.58
N PHE E 108 13.74 18.43 13.17
CA PHE E 108 13.03 19.67 12.96
C PHE E 108 12.06 19.56 11.79
N CYS E 109 12.53 19.03 10.66
CA CYS E 109 11.67 18.79 9.52
C CYS E 109 10.42 18.01 9.96
N ARG E 110 10.64 16.92 10.69
CA ARG E 110 9.54 16.10 11.22
C ARG E 110 8.67 16.96 12.12
N TYR E 111 9.28 17.86 12.90
CA TYR E 111 8.55 18.74 13.80
C TYR E 111 7.53 19.57 13.00
N MET E 112 8.00 20.13 11.88
CA MET E 112 7.09 20.90 11.06
C MET E 112 5.94 19.97 10.62
N GLU E 113 6.26 18.76 10.15
CA GLU E 113 5.29 17.79 9.69
C GLU E 113 4.22 17.65 10.77
N ALA E 114 4.67 17.51 12.01
CA ALA E 114 3.78 17.23 13.14
C ALA E 114 2.84 18.40 13.39
N LEU E 115 3.43 19.60 13.42
CA LEU E 115 2.70 20.85 13.60
C LEU E 115 1.54 20.89 12.60
N VAL E 116 1.85 20.65 11.32
CA VAL E 116 0.91 20.81 10.22
C VAL E 116 -0.19 19.77 10.35
N ALA E 117 0.18 18.54 10.70
CA ALA E 117 -0.77 17.46 10.84
C ALA E 117 -1.81 17.84 11.86
N TYR E 118 -1.35 18.27 13.03
CA TYR E 118 -2.25 18.57 14.14
C TYR E 118 -3.00 19.88 13.88
N PHE E 119 -2.44 20.76 13.04
CA PHE E 119 -3.13 21.98 12.58
C PHE E 119 -4.37 21.59 11.79
N LYS E 120 -4.17 20.78 10.76
CA LYS E 120 -5.27 20.34 9.92
C LYS E 120 -6.28 19.54 10.76
N PHE E 121 -5.78 18.76 11.72
CA PHE E 121 -6.62 17.86 12.46
C PHE E 121 -7.62 18.68 13.29
N TYR E 122 -7.11 19.72 13.95
CA TYR E 122 -7.88 20.47 14.94
C TYR E 122 -8.59 21.67 14.28
N GLY E 123 -8.88 21.56 12.97
CA GLY E 123 -9.43 22.66 12.12
C GLY E 123 -8.34 23.31 11.28
N GLY E 124 -8.50 23.32 9.96
CA GLY E 124 -7.43 23.68 9.04
C GLY E 124 -7.86 24.71 8.01
N LYS E 125 -6.98 25.00 7.05
CA LYS E 125 -7.31 25.84 5.90
C LYS E 125 -8.59 25.32 5.25
N LEU F 4 34.91 39.82 7.02
CA LEU F 4 33.96 40.82 6.59
C LEU F 4 32.54 40.54 7.07
N THR F 5 31.77 39.82 6.26
CA THR F 5 30.41 39.46 6.61
C THR F 5 30.01 38.00 6.48
N ASP F 6 30.60 37.37 5.48
CA ASP F 6 30.16 36.08 5.01
C ASP F 6 30.04 34.86 5.87
N GLU F 7 29.01 34.11 5.52
CA GLU F 7 28.63 32.82 6.06
C GLU F 7 28.08 32.75 7.47
N ASN F 8 28.26 33.83 8.21
CA ASN F 8 27.47 34.09 9.45
C ASN F 8 27.07 35.57 9.37
N TYR F 9 26.03 35.83 8.57
CA TYR F 9 25.65 37.15 8.07
C TYR F 9 24.19 37.44 8.42
N VAL F 10 23.40 36.39 8.63
CA VAL F 10 22.05 36.55 9.13
C VAL F 10 22.12 37.20 10.52
N ASP F 11 22.96 36.65 11.41
CA ASP F 11 23.16 37.20 12.73
C ASP F 11 23.60 38.67 12.61
N ILE F 12 24.49 38.96 11.65
CA ILE F 12 24.92 40.34 11.40
C ILE F 12 23.73 41.18 10.94
N ALA F 13 22.98 40.69 9.95
CA ALA F 13 21.85 41.44 9.39
C ALA F 13 20.89 41.81 10.53
N GLU F 14 20.57 40.83 11.39
CA GLU F 14 19.67 41.07 12.52
C GLU F 14 20.28 42.15 13.42
N LYS F 15 21.53 41.92 13.87
CA LYS F 15 22.26 42.82 14.79
C LYS F 15 22.21 44.27 14.27
N ALA F 16 22.32 44.44 12.94
CA ALA F 16 22.11 45.73 12.32
C ALA F 16 20.66 46.19 12.55
N ILE F 17 19.70 45.37 12.15
CA ILE F 17 18.33 45.84 12.03
C ILE F 17 17.77 46.25 13.40
N LEU F 18 18.13 45.54 14.47
CA LEU F 18 17.62 45.92 15.81
C LEU F 18 18.18 47.28 16.25
N LYS F 19 19.33 47.66 15.69
CA LYS F 19 19.99 48.92 15.97
C LYS F 19 19.30 50.07 15.19
N LEU F 20 18.38 49.77 14.26
CA LEU F 20 17.89 50.72 13.22
C LEU F 20 17.07 51.86 13.85
N GLU F 21 16.93 52.98 13.14
CA GLU F 21 16.35 54.24 13.66
C GLU F 21 14.85 54.10 13.88
N ARG F 22 14.38 54.79 14.91
CA ARG F 22 13.04 54.63 15.45
C ARG F 22 12.35 55.99 15.56
N ASN F 23 11.08 56.09 15.11
CA ASN F 23 10.21 57.27 15.37
C ASN F 23 9.51 57.03 16.71
N THR F 24 10.18 57.43 17.80
CA THR F 24 9.80 57.15 19.19
C THR F 24 8.67 58.07 19.64
N ARG F 25 8.40 59.14 18.86
CA ARG F 25 7.31 60.07 19.12
C ARG F 25 5.94 59.37 19.10
N ASN F 26 5.75 58.38 18.22
CA ASN F 26 4.39 57.81 17.96
C ASN F 26 3.78 57.24 19.25
N ARG F 27 2.46 57.42 19.43
CA ARG F 27 1.74 57.05 20.68
C ARG F 27 1.88 55.55 20.91
N LYS F 28 1.64 54.76 19.85
CA LYS F 28 2.23 53.42 19.73
C LYS F 28 3.46 53.55 18.83
N ASN F 29 4.58 54.04 19.39
CA ASN F 29 5.91 53.92 18.77
C ASN F 29 6.64 52.76 19.45
N PRO F 30 6.45 51.52 19.01
CA PRO F 30 7.13 50.41 19.66
C PRO F 30 8.55 50.80 19.26
N ASP F 31 9.20 49.93 18.48
CA ASP F 31 10.50 50.24 17.85
C ASP F 31 10.20 51.35 16.83
N ALA F 32 9.07 51.23 16.12
CA ALA F 32 8.57 52.26 15.20
C ALA F 32 9.63 52.63 14.18
N PHE F 33 9.96 51.70 13.29
CA PHE F 33 10.95 52.04 12.25
C PHE F 33 10.47 53.22 11.41
N PHE F 34 11.41 54.11 11.13
CA PHE F 34 11.27 55.27 10.27
C PHE F 34 11.18 54.85 8.80
N LEU F 35 11.50 53.60 8.51
CA LEU F 35 11.74 53.12 7.16
C LEU F 35 10.51 52.32 6.68
N THR F 36 10.33 52.33 5.36
CA THR F 36 9.23 51.68 4.71
C THR F 36 9.76 50.94 3.47
N THR F 37 9.29 49.71 3.26
CA THR F 37 9.72 48.87 2.14
C THR F 37 9.60 49.67 0.83
N SER F 38 8.56 50.51 0.75
CA SER F 38 8.36 51.44 -0.36
C SER F 38 9.65 52.19 -0.73
N LYS F 39 10.39 52.67 0.29
CA LYS F 39 11.62 53.47 0.10
C LYS F 39 12.69 52.60 -0.57
N LEU F 40 12.79 51.34 -0.13
CA LEU F 40 13.82 50.44 -0.62
C LEU F 40 13.52 49.98 -2.07
N ARG F 41 12.24 49.77 -2.39
CA ARG F 41 11.79 48.85 -3.44
C ARG F 41 12.78 48.77 -4.61
N ASN F 42 13.12 49.91 -5.21
CA ASN F 42 13.75 49.88 -6.51
C ASN F 42 15.08 49.12 -6.40
N LEU F 43 15.85 49.43 -5.35
CA LEU F 43 17.17 48.87 -5.24
C LEU F 43 17.10 47.39 -4.84
N LEU F 44 15.95 46.92 -4.32
CA LEU F 44 15.77 45.49 -4.06
C LEU F 44 15.44 44.74 -5.34
N SER F 45 14.59 45.34 -6.18
CA SER F 45 14.35 44.75 -7.49
C SER F 45 15.68 44.67 -8.25
N LEU F 46 16.51 45.71 -8.13
CA LEU F 46 17.85 45.72 -8.71
C LEU F 46 18.72 44.58 -8.15
N THR F 47 18.82 44.48 -6.81
CA THR F 47 19.70 43.47 -6.18
C THR F 47 19.28 42.06 -6.63
N SER F 48 17.98 41.78 -6.61
CA SER F 48 17.46 40.49 -7.02
C SER F 48 17.76 40.25 -8.52
N THR F 49 17.56 41.24 -9.39
CA THR F 49 17.87 41.07 -10.81
C THR F 49 19.37 40.78 -10.99
N LEU F 50 20.21 41.32 -10.10
CA LEU F 50 21.65 41.07 -10.13
C LEU F 50 21.95 39.59 -9.80
N PHE F 51 21.36 39.09 -8.70
CA PHE F 51 21.48 37.67 -8.32
C PHE F 51 20.99 36.79 -9.47
N ASP F 52 19.76 37.03 -9.93
CA ASP F 52 19.15 36.27 -11.03
C ASP F 52 20.07 36.26 -12.24
N GLU F 53 20.79 37.36 -12.48
CA GLU F 53 21.63 37.54 -13.65
C GLU F 53 23.00 36.86 -13.47
N SER F 54 23.51 36.77 -12.24
CA SER F 54 24.90 36.31 -12.06
C SER F 54 24.99 34.80 -12.29
N LYS F 55 23.83 34.14 -12.40
CA LYS F 55 23.81 32.68 -12.54
C LYS F 55 24.31 32.26 -13.94
N VAL F 56 23.81 32.90 -15.02
CA VAL F 56 24.24 32.53 -16.39
C VAL F 56 25.18 33.62 -16.96
N LYS F 57 25.69 34.55 -16.14
CA LYS F 57 26.79 35.47 -16.59
C LYS F 57 27.93 35.44 -15.55
N GLU F 58 29.01 36.17 -15.86
CA GLU F 58 30.31 36.00 -15.24
C GLU F 58 30.64 37.23 -14.40
N TYR F 59 31.26 37.03 -13.23
CA TYR F 59 31.55 38.14 -12.33
C TYR F 59 32.33 39.26 -13.05
N ASP F 60 33.28 38.89 -13.91
CA ASP F 60 34.12 39.85 -14.62
C ASP F 60 33.26 40.87 -15.39
N ALA F 61 32.17 40.40 -16.03
CA ALA F 61 31.51 41.21 -17.08
C ALA F 61 30.19 41.82 -16.60
N LEU F 62 29.92 41.82 -15.29
CA LEU F 62 28.62 42.32 -14.79
C LEU F 62 28.72 43.75 -14.24
N LEU F 63 29.95 44.22 -14.00
CA LEU F 63 30.22 45.20 -12.92
C LEU F 63 29.56 46.56 -13.18
N ASP F 64 29.12 46.82 -14.43
CA ASP F 64 28.31 48.00 -14.76
C ASP F 64 27.11 48.04 -13.80
N ARG F 65 26.38 46.93 -13.74
CA ARG F 65 25.15 46.83 -12.98
C ARG F 65 25.46 47.00 -11.49
N ILE F 66 26.67 46.63 -11.05
CA ILE F 66 27.07 46.79 -9.65
C ILE F 66 27.39 48.27 -9.35
N ALA F 67 27.93 48.98 -10.35
CA ALA F 67 28.06 50.44 -10.25
C ALA F 67 26.66 51.03 -10.03
N TYR F 68 25.73 50.76 -10.96
CA TYR F 68 24.33 51.23 -10.93
C TYR F 68 23.71 50.94 -9.54
N LEU F 69 24.01 49.78 -8.96
CA LEU F 69 23.48 49.42 -7.64
C LEU F 69 24.04 50.39 -6.59
N ARG F 70 25.36 50.53 -6.53
CA ARG F 70 25.99 51.47 -5.59
C ARG F 70 25.39 52.87 -5.78
N VAL F 71 25.25 53.27 -7.06
CA VAL F 71 24.75 54.60 -7.41
C VAL F 71 23.40 54.81 -6.71
N GLN F 72 22.41 53.99 -7.08
CA GLN F 72 21.06 54.15 -6.54
C GLN F 72 21.07 54.01 -5.03
N PHE F 73 22.00 53.22 -4.47
CA PHE F 73 22.16 53.18 -3.01
C PHE F 73 22.40 54.61 -2.50
N VAL F 74 23.41 55.29 -3.06
CA VAL F 74 23.80 56.61 -2.59
C VAL F 74 22.64 57.60 -2.88
N TYR F 75 22.14 57.60 -4.12
CA TYR F 75 21.05 58.51 -4.53
C TYR F 75 19.90 58.42 -3.51
N GLN F 76 19.42 57.19 -3.29
CA GLN F 76 18.32 56.94 -2.36
C GLN F 76 18.75 57.26 -0.94
N ALA F 77 20.03 57.11 -0.63
CA ALA F 77 20.56 57.47 0.68
C ALA F 77 20.37 58.98 0.88
N GLY F 78 20.55 59.74 -0.19
CA GLY F 78 20.31 61.17 -0.17
C GLY F 78 18.82 61.49 -0.03
N ARG F 79 18.00 60.81 -0.82
CA ARG F 79 16.61 61.19 -1.02
C ARG F 79 15.75 60.96 0.23
N GLU F 80 16.18 60.05 1.13
CA GLU F 80 15.44 59.70 2.36
C GLU F 80 16.47 59.39 3.45
N ILE F 81 16.17 59.77 4.70
CA ILE F 81 17.14 59.74 5.78
C ILE F 81 17.27 58.31 6.32
N ALA F 82 16.14 57.60 6.47
CA ALA F 82 16.09 56.25 7.11
C ALA F 82 16.83 55.22 6.25
N VAL F 83 16.82 55.39 4.92
CA VAL F 83 17.62 54.56 4.01
C VAL F 83 19.12 54.74 4.34
N LYS F 84 19.60 55.99 4.33
CA LYS F 84 21.03 56.27 4.61
C LYS F 84 21.39 55.63 5.96
N ASP F 85 20.48 55.77 6.93
CA ASP F 85 20.66 55.21 8.25
C ASP F 85 20.85 53.68 8.16
N LEU F 86 19.97 53.01 7.40
CA LEU F 86 20.05 51.58 7.20
C LEU F 86 21.41 51.21 6.62
N ILE F 87 21.78 51.86 5.52
CA ILE F 87 23.05 51.59 4.84
C ILE F 87 24.23 51.74 5.82
N GLU F 88 24.08 52.62 6.83
CA GLU F 88 25.14 52.78 7.83
C GLU F 88 25.12 51.56 8.75
N LYS F 89 24.03 51.42 9.51
CA LYS F 89 23.95 50.49 10.61
C LYS F 89 24.14 49.04 10.12
N ALA F 90 23.86 48.78 8.84
CA ALA F 90 24.11 47.46 8.24
C ALA F 90 25.36 47.48 7.35
N GLN F 91 26.15 48.55 7.39
CA GLN F 91 27.47 48.65 6.71
C GLN F 91 27.40 48.19 5.24
N ILE F 92 26.27 48.43 4.56
CA ILE F 92 26.07 47.99 3.19
C ILE F 92 27.12 48.59 2.25
N LEU F 93 27.41 49.89 2.41
CA LEU F 93 28.29 50.53 1.44
C LEU F 93 29.71 49.99 1.58
N GLU F 94 30.18 49.79 2.82
CA GLU F 94 31.42 49.06 3.06
C GLU F 94 31.36 47.69 2.32
N ALA F 95 30.26 46.96 2.50
CA ALA F 95 30.10 45.61 1.92
C ALA F 95 30.23 45.63 0.39
N LEU F 96 29.63 46.61 -0.28
CA LEU F 96 29.56 46.59 -1.74
C LEU F 96 30.99 46.55 -2.34
N LYS F 97 31.82 47.50 -1.91
CA LYS F 97 33.16 47.69 -2.44
C LYS F 97 33.98 46.40 -2.27
N GLU F 98 33.56 45.55 -1.31
CA GLU F 98 34.25 44.32 -0.89
C GLU F 98 33.96 43.12 -1.82
N ILE F 99 33.28 43.30 -2.95
CA ILE F 99 32.81 42.16 -3.74
C ILE F 99 33.79 41.85 -4.87
N LYS F 100 34.63 40.82 -4.70
CA LYS F 100 35.68 40.40 -5.67
C LYS F 100 35.24 39.19 -6.52
N ASP F 101 34.59 38.22 -5.86
CA ASP F 101 34.17 36.97 -6.49
C ASP F 101 32.67 37.06 -6.84
N ARG F 102 32.20 36.12 -7.66
CA ARG F 102 30.78 35.84 -7.79
C ARG F 102 30.25 35.26 -6.46
N GLU F 103 31.09 34.49 -5.75
CA GLU F 103 30.77 34.00 -4.41
C GLU F 103 30.44 35.19 -3.50
N THR F 104 31.30 36.22 -3.48
CA THR F 104 31.11 37.43 -2.65
C THR F 104 29.79 38.13 -3.03
N LEU F 105 29.56 38.28 -4.34
CA LEU F 105 28.39 38.99 -4.84
C LEU F 105 27.10 38.30 -4.38
N GLN F 106 27.00 36.99 -4.67
CA GLN F 106 25.85 36.21 -4.26
C GLN F 106 25.66 36.34 -2.74
N ARG F 107 26.76 36.39 -1.99
CA ARG F 107 26.66 36.54 -0.54
C ARG F 107 25.93 37.84 -0.18
N PHE F 108 26.27 38.92 -0.90
CA PHE F 108 25.68 40.23 -0.65
C PHE F 108 24.18 40.23 -0.97
N CYS F 109 23.81 39.72 -2.15
CA CYS F 109 22.41 39.56 -2.51
C CYS F 109 21.65 38.88 -1.39
N ARG F 110 22.17 37.74 -0.91
CA ARG F 110 21.54 37.00 0.20
C ARG F 110 21.40 37.93 1.41
N TYR F 111 22.45 38.73 1.64
CA TYR F 111 22.48 39.63 2.79
C TYR F 111 21.30 40.60 2.70
N MET F 112 21.06 41.15 1.52
CA MET F 112 19.96 42.06 1.36
C MET F 112 18.67 41.34 1.75
N GLU F 113 18.49 40.12 1.20
CA GLU F 113 17.30 39.32 1.44
C GLU F 113 17.07 39.25 2.96
N ALA F 114 18.16 39.00 3.68
CA ALA F 114 18.09 38.74 5.12
C ALA F 114 17.65 40.00 5.85
N LEU F 115 18.28 41.12 5.50
CA LEU F 115 17.99 42.41 6.10
C LEU F 115 16.48 42.68 6.00
N VAL F 116 15.93 42.47 4.80
CA VAL F 116 14.53 42.81 4.50
C VAL F 116 13.61 41.90 5.33
N ALA F 117 13.96 40.61 5.40
CA ALA F 117 13.18 39.64 6.12
C ALA F 117 13.05 40.07 7.58
N TYR F 118 14.19 40.38 8.20
CA TYR F 118 14.21 40.73 9.61
C TYR F 118 13.59 42.13 9.85
N PHE F 119 13.60 42.97 8.81
CA PHE F 119 12.91 44.27 8.86
C PHE F 119 11.40 44.03 9.00
N LYS F 120 10.83 43.25 8.08
CA LYS F 120 9.42 42.97 8.09
C LYS F 120 9.03 42.24 9.38
N PHE F 121 9.93 41.39 9.89
CA PHE F 121 9.63 40.59 11.06
C PHE F 121 9.42 41.52 12.26
N TYR F 122 10.33 42.49 12.41
CA TYR F 122 10.45 43.27 13.62
C TYR F 122 9.53 44.51 13.59
N GLY F 123 8.57 44.55 12.66
CA GLY F 123 7.46 45.50 12.70
C GLY F 123 7.60 46.59 11.66
N GLY F 124 8.47 46.40 10.66
CA GLY F 124 8.55 47.28 9.50
C GLY F 124 7.25 47.26 8.72
N LYS F 125 6.96 48.39 8.05
CA LYS F 125 5.66 48.62 7.41
C LYS F 125 5.88 48.64 5.89
N ASP F 126 5.35 47.61 5.22
CA ASP F 126 5.43 47.45 3.74
C ASP F 126 4.07 47.80 3.12
N MET G 1 -6.31 9.40 -44.03
CA MET G 1 -4.93 9.99 -44.16
C MET G 1 -4.01 9.37 -43.09
N THR G 2 -3.00 8.62 -43.53
CA THR G 2 -2.07 7.91 -42.63
C THR G 2 -1.36 8.92 -41.73
N PHE G 3 -0.94 8.43 -40.55
CA PHE G 3 -0.59 9.27 -39.42
C PHE G 3 0.50 10.28 -39.76
N ALA G 4 0.33 11.50 -39.24
CA ALA G 4 1.30 12.57 -39.43
C ALA G 4 1.11 13.65 -38.36
N LYS G 5 2.21 14.39 -38.11
CA LYS G 5 2.26 15.46 -37.13
C LYS G 5 2.74 16.75 -37.80
N ILE G 6 1.89 17.78 -37.74
CA ILE G 6 2.19 19.13 -38.25
C ILE G 6 2.45 20.06 -37.06
N LYS G 7 3.58 20.77 -37.11
CA LYS G 7 4.04 21.62 -36.03
C LYS G 7 3.84 23.08 -36.46
N PHE G 8 2.92 23.77 -35.76
CA PHE G 8 2.72 25.19 -35.95
C PHE G 8 3.70 25.94 -35.05
N SER G 9 4.59 26.73 -35.66
CA SER G 9 5.54 27.49 -34.88
C SER G 9 5.35 28.97 -35.20
N ALA G 10 5.59 29.80 -34.19
CA ALA G 10 5.63 31.22 -34.37
C ALA G 10 6.47 31.85 -33.26
N GLN G 11 6.62 33.17 -33.30
CA GLN G 11 7.07 33.93 -32.16
C GLN G 11 5.93 34.81 -31.69
N ILE G 12 5.56 34.67 -30.42
CA ILE G 12 4.61 35.57 -29.80
C ILE G 12 5.36 36.84 -29.45
N ARG G 13 4.97 37.98 -30.03
CA ARG G 13 5.50 39.28 -29.61
C ARG G 13 4.45 39.98 -28.77
N LEU G 14 4.86 40.49 -27.61
CA LEU G 14 3.97 41.19 -26.71
C LEU G 14 3.88 42.65 -27.19
N GLU G 15 2.68 43.05 -27.64
CA GLU G 15 2.45 44.41 -28.14
C GLU G 15 2.19 45.36 -26.96
N THR G 16 1.62 44.83 -25.87
CA THR G 16 1.55 45.54 -24.61
C THR G 16 2.11 44.64 -23.49
N GLY G 17 2.30 45.22 -22.30
CA GLY G 17 2.71 44.46 -21.13
C GLY G 17 1.73 43.32 -20.85
N LEU G 18 2.28 42.17 -20.49
CA LEU G 18 1.51 40.95 -20.25
C LEU G 18 1.67 40.56 -18.78
N HIS G 19 0.57 40.13 -18.14
CA HIS G 19 0.63 39.60 -16.77
C HIS G 19 -0.21 38.33 -16.69
N ILE G 20 0.41 37.18 -16.36
CA ILE G 20 -0.35 35.95 -16.15
C ILE G 20 -0.38 35.53 -14.67
N GLY G 21 0.63 34.82 -14.22
CA GLY G 21 0.39 33.87 -13.12
C GLY G 21 1.19 34.18 -11.88
N GLY G 22 1.46 33.12 -11.11
CA GLY G 22 2.49 33.08 -10.09
C GLY G 22 1.91 33.08 -8.69
N SER G 23 2.80 32.88 -7.71
CA SER G 23 2.38 32.87 -6.32
C SER G 23 3.54 33.38 -5.45
N ASP G 24 3.27 33.51 -4.14
CA ASP G 24 4.22 33.93 -3.10
C ASP G 24 5.37 32.92 -2.88
N ALA G 25 5.38 31.80 -3.62
CA ALA G 25 6.60 30.96 -3.73
C ALA G 25 7.65 31.67 -4.61
N PHE G 26 7.32 31.92 -5.88
CA PHE G 26 8.29 32.46 -6.83
C PHE G 26 8.71 33.89 -6.42
N ALA G 27 8.09 34.45 -5.37
CA ALA G 27 8.20 35.87 -5.00
C ALA G 27 9.64 36.24 -4.60
N ALA G 28 9.99 37.51 -4.79
CA ALA G 28 11.26 38.11 -4.29
C ALA G 28 11.00 38.71 -2.90
N ILE G 29 12.00 38.67 -2.02
CA ILE G 29 11.79 39.05 -0.61
C ILE G 29 11.72 40.59 -0.55
N GLY G 30 10.51 41.10 -0.34
CA GLY G 30 10.18 42.53 -0.38
C GLY G 30 9.56 42.98 -1.71
N ALA G 31 9.18 42.02 -2.56
CA ALA G 31 8.29 42.31 -3.68
C ALA G 31 6.93 42.69 -3.11
N ILE G 32 6.36 43.81 -3.59
CA ILE G 32 5.04 44.30 -3.12
C ILE G 32 3.98 44.14 -4.24
N ASP G 33 4.36 43.55 -5.37
CA ASP G 33 3.50 43.53 -6.54
C ASP G 33 2.79 42.18 -6.67
N SER G 34 1.89 42.06 -7.66
CA SER G 34 1.36 40.78 -8.11
C SER G 34 2.33 40.15 -9.11
N PRO G 35 3.11 39.12 -8.73
CA PRO G 35 4.20 38.65 -9.57
C PRO G 35 3.66 37.84 -10.74
N VAL G 36 4.55 37.45 -11.66
CA VAL G 36 4.16 36.77 -12.88
C VAL G 36 4.70 35.33 -12.82
N ILE G 37 4.02 34.44 -13.56
CA ILE G 37 4.47 33.07 -13.73
C ILE G 37 5.84 33.08 -14.44
N LYS G 38 6.78 32.35 -13.86
CA LYS G 38 8.16 32.37 -14.30
C LYS G 38 8.70 30.94 -14.37
N ASP G 39 9.62 30.71 -15.31
CA ASP G 39 10.40 29.49 -15.34
C ASP G 39 11.30 29.46 -14.11
N PRO G 40 11.22 28.41 -13.26
CA PRO G 40 11.87 28.42 -11.95
C PRO G 40 13.40 28.52 -12.04
N ILE G 41 14.00 27.94 -13.08
CA ILE G 41 15.44 27.84 -13.14
C ILE G 41 16.06 29.17 -13.58
N THR G 42 15.45 29.85 -14.56
CA THR G 42 15.99 31.10 -15.10
C THR G 42 15.32 32.34 -14.50
N ASN G 43 14.20 32.14 -13.77
CA ASN G 43 13.44 33.23 -13.16
C ASN G 43 12.97 34.23 -14.24
N LEU G 44 12.87 33.77 -15.50
CA LEU G 44 12.34 34.58 -16.58
C LEU G 44 10.84 34.35 -16.70
N PRO G 45 10.07 35.32 -17.22
CA PRO G 45 8.66 35.04 -17.55
C PRO G 45 8.52 33.95 -18.60
N ILE G 46 7.45 33.17 -18.46
CA ILE G 46 7.09 32.08 -19.35
C ILE G 46 5.59 32.24 -19.66
N ILE G 47 5.18 31.87 -20.87
CA ILE G 47 3.77 31.89 -21.22
C ILE G 47 3.24 30.46 -21.16
N PRO G 48 2.47 30.10 -20.12
CA PRO G 48 2.11 28.70 -19.90
C PRO G 48 1.13 28.26 -20.98
N GLY G 49 1.36 27.07 -21.53
CA GLY G 49 0.48 26.52 -22.53
C GLY G 49 -0.94 26.38 -22.03
N SER G 50 -1.11 26.17 -20.72
CA SER G 50 -2.46 26.07 -20.16
C SER G 50 -3.26 27.33 -20.47
N SER G 51 -2.59 28.48 -20.28
CA SER G 51 -3.16 29.79 -20.55
C SER G 51 -3.58 29.91 -22.03
N LEU G 52 -2.65 29.66 -22.95
CA LEU G 52 -2.92 29.78 -24.37
C LEU G 52 -4.10 28.90 -24.78
N LYS G 53 -4.06 27.64 -24.36
CA LYS G 53 -5.11 26.70 -24.70
C LYS G 53 -6.44 27.22 -24.15
N GLY G 54 -6.45 27.58 -22.86
CA GLY G 54 -7.65 28.07 -22.21
C GLY G 54 -8.31 29.18 -22.99
N LYS G 55 -7.55 30.26 -23.21
CA LYS G 55 -8.09 31.48 -23.80
C LYS G 55 -8.58 31.16 -25.22
N MET G 56 -7.74 30.50 -26.01
CA MET G 56 -8.10 30.19 -27.39
C MET G 56 -9.39 29.36 -27.43
N ARG G 57 -9.53 28.44 -26.48
CA ARG G 57 -10.69 27.56 -26.49
C ARG G 57 -11.96 28.35 -26.17
N THR G 58 -11.92 29.15 -25.10
CA THR G 58 -13.13 29.85 -24.64
C THR G 58 -13.55 30.91 -25.66
N LEU G 59 -12.57 31.47 -26.39
CA LEU G 59 -12.91 32.42 -27.41
C LEU G 59 -13.57 31.67 -28.57
N LEU G 60 -13.00 30.52 -28.94
CA LEU G 60 -13.47 29.74 -30.07
C LEU G 60 -14.85 29.15 -29.79
N ALA G 61 -15.23 28.97 -28.51
CA ALA G 61 -16.54 28.45 -28.19
C ALA G 61 -17.63 29.44 -28.64
N LYS G 62 -17.29 30.74 -28.60
CA LYS G 62 -18.24 31.81 -28.95
C LYS G 62 -18.50 31.76 -30.46
N VAL G 63 -17.51 31.33 -31.24
CA VAL G 63 -17.64 31.27 -32.66
C VAL G 63 -18.26 29.93 -33.10
N TYR G 64 -17.71 28.81 -32.64
CA TYR G 64 -17.91 27.53 -33.32
C TYR G 64 -18.96 26.63 -32.67
N ASN G 65 -19.56 27.03 -31.54
CA ASN G 65 -20.49 26.11 -30.87
C ASN G 65 -21.90 26.27 -31.43
N GLU G 66 -22.39 27.51 -31.54
CA GLU G 66 -23.83 27.78 -31.80
C GLU G 66 -24.68 26.99 -30.79
N LYS G 67 -24.24 27.05 -29.53
CA LYS G 67 -24.87 26.35 -28.42
C LYS G 67 -24.48 27.07 -27.13
N VAL G 68 -25.31 26.89 -26.11
CA VAL G 68 -25.12 27.49 -24.78
C VAL G 68 -23.68 27.23 -24.30
N ALA G 69 -23.32 25.95 -24.14
CA ALA G 69 -21.99 25.47 -23.69
C ALA G 69 -21.67 25.87 -22.25
N GLU G 70 -22.51 25.41 -21.33
CA GLU G 70 -22.42 25.69 -19.88
C GLU G 70 -21.07 25.23 -19.30
N LYS G 71 -20.64 24.02 -19.65
CA LYS G 71 -19.33 23.45 -19.28
C LYS G 71 -18.60 23.02 -20.55
N PRO G 72 -17.24 22.98 -20.56
CA PRO G 72 -16.47 22.53 -21.72
C PRO G 72 -16.78 21.12 -22.25
N SER G 73 -17.37 20.25 -21.40
CA SER G 73 -17.89 18.93 -21.80
C SER G 73 -18.97 19.07 -22.88
N ASP G 74 -19.62 20.24 -22.92
CA ASP G 74 -20.82 20.44 -23.70
C ASP G 74 -20.47 21.12 -25.03
N ASP G 75 -19.19 21.41 -25.28
CA ASP G 75 -18.76 22.04 -26.52
C ASP G 75 -19.08 21.12 -27.72
N SER G 76 -19.08 21.71 -28.91
CA SER G 76 -19.37 21.00 -30.15
C SER G 76 -18.25 20.01 -30.46
N ASP G 77 -18.60 19.00 -31.26
CA ASP G 77 -17.70 17.95 -31.67
C ASP G 77 -16.44 18.53 -32.32
N ILE G 78 -16.55 19.69 -32.98
CA ILE G 78 -15.40 20.20 -33.71
C ILE G 78 -14.38 20.76 -32.72
N LEU G 79 -14.85 21.37 -31.64
CA LEU G 79 -13.92 21.88 -30.63
C LEU G 79 -13.43 20.75 -29.74
N SER G 80 -14.34 19.85 -29.35
CA SER G 80 -13.97 18.69 -28.53
C SER G 80 -12.92 17.86 -29.26
N ARG G 81 -13.06 17.76 -30.57
CA ARG G 81 -12.16 17.03 -31.43
C ARG G 81 -10.74 17.57 -31.29
N LEU G 82 -10.61 18.89 -31.09
CA LEU G 82 -9.29 19.53 -31.12
C LEU G 82 -8.70 19.67 -29.73
N PHE G 83 -9.52 20.10 -28.77
CA PHE G 83 -9.01 20.43 -27.44
C PHE G 83 -9.22 19.28 -26.46
N GLY G 84 -10.09 18.33 -26.82
CA GLY G 84 -10.34 17.15 -26.03
C GLY G 84 -11.48 17.35 -25.05
N ASN G 85 -12.18 16.26 -24.76
CA ASN G 85 -13.39 16.28 -23.95
C ASN G 85 -13.34 15.06 -23.04
N SER G 86 -13.36 15.31 -21.73
CA SER G 86 -13.18 14.28 -20.72
C SER G 86 -14.38 13.32 -20.67
N LYS G 87 -15.57 13.77 -21.10
CA LYS G 87 -16.82 13.05 -20.92
C LYS G 87 -17.32 12.45 -22.25
N ASP G 88 -16.51 12.46 -23.31
CA ASP G 88 -16.89 11.85 -24.61
C ASP G 88 -15.86 10.77 -24.97
N LYS G 89 -16.32 9.54 -25.20
CA LYS G 89 -15.41 8.39 -25.48
C LYS G 89 -14.53 8.70 -26.69
N ARG G 90 -15.08 9.44 -27.67
CA ARG G 90 -14.46 9.61 -28.96
C ARG G 90 -13.31 10.62 -28.86
N PHE G 91 -13.49 11.65 -28.03
CA PHE G 91 -12.58 12.80 -27.99
C PHE G 91 -11.74 12.84 -26.71
N LYS G 92 -11.69 11.72 -25.96
CA LYS G 92 -10.98 11.74 -24.70
C LYS G 92 -9.55 12.24 -24.91
N MET G 93 -8.98 12.04 -26.10
CA MET G 93 -7.63 12.51 -26.36
C MET G 93 -7.60 13.45 -27.56
N GLY G 94 -7.08 14.65 -27.32
CA GLY G 94 -7.26 15.74 -28.27
C GLY G 94 -6.14 15.78 -29.30
N ARG G 95 -6.37 16.47 -30.41
CA ARG G 95 -5.42 16.43 -31.51
C ARG G 95 -4.42 17.60 -31.42
N LEU G 96 -4.59 18.48 -30.43
CA LEU G 96 -3.70 19.63 -30.29
C LEU G 96 -2.87 19.52 -29.01
N ILE G 97 -1.58 19.87 -29.12
CA ILE G 97 -0.71 19.96 -27.98
C ILE G 97 -0.11 21.35 -27.94
N PHE G 98 -0.54 22.18 -26.99
CA PHE G 98 0.05 23.50 -26.71
C PHE G 98 1.31 23.31 -25.87
N ARG G 99 2.23 24.27 -25.98
CA ARG G 99 3.52 24.16 -25.29
C ARG G 99 3.82 25.44 -24.52
N ASP G 100 4.35 25.29 -23.31
CA ASP G 100 4.88 26.43 -22.57
C ASP G 100 5.84 27.17 -23.51
N ALA G 101 5.63 28.49 -23.65
CA ALA G 101 6.44 29.31 -24.53
C ALA G 101 7.45 30.08 -23.70
N PHE G 102 8.69 30.17 -24.20
CA PHE G 102 9.80 30.74 -23.43
C PHE G 102 10.38 31.97 -24.13
N LEU G 103 10.98 32.87 -23.35
CA LEU G 103 11.37 34.15 -23.87
C LEU G 103 12.60 33.95 -24.78
N SER G 104 12.46 34.35 -26.05
CA SER G 104 13.56 34.32 -27.01
C SER G 104 14.55 35.48 -26.81
N ASN G 105 14.05 36.73 -26.83
CA ASN G 105 14.84 37.90 -27.29
C ASN G 105 15.55 38.65 -26.14
N ALA G 106 15.78 37.97 -25.01
CA ALA G 106 16.47 38.56 -23.85
C ALA G 106 17.67 39.41 -24.29
N ASP G 107 18.43 38.94 -25.29
CA ASP G 107 19.61 39.65 -25.76
C ASP G 107 19.21 40.90 -26.53
N GLU G 108 18.22 40.80 -27.41
CA GLU G 108 17.67 41.99 -28.09
C GLU G 108 17.35 43.08 -27.05
N LEU G 109 16.69 42.68 -25.95
CA LEU G 109 16.22 43.62 -24.94
C LEU G 109 17.40 44.17 -24.13
N ASP G 110 18.36 43.30 -23.80
CA ASP G 110 19.54 43.74 -23.09
C ASP G 110 20.25 44.82 -23.91
N SER G 111 20.24 44.65 -25.24
CA SER G 111 20.80 45.65 -26.17
C SER G 111 19.99 46.96 -26.12
N LEU G 112 18.66 46.84 -26.10
CA LEU G 112 17.77 48.02 -26.05
C LEU G 112 17.83 48.70 -24.67
N GLY G 113 18.58 48.14 -23.72
CA GLY G 113 19.01 48.84 -22.50
C GLY G 113 18.06 48.69 -21.33
N VAL G 114 17.37 47.54 -21.25
CA VAL G 114 16.46 47.24 -20.13
C VAL G 114 17.29 46.85 -18.90
N ARG G 115 16.79 47.17 -17.71
CA ARG G 115 17.47 46.87 -16.44
C ARG G 115 16.80 45.71 -15.71
N SER G 116 15.86 45.05 -16.40
CA SER G 116 15.09 43.89 -15.93
C SER G 116 14.23 43.41 -17.11
N TYR G 117 13.76 42.16 -17.05
CA TYR G 117 12.94 41.57 -18.13
C TYR G 117 11.47 41.64 -17.76
N THR G 118 11.17 42.24 -16.60
CA THR G 118 9.80 42.51 -16.16
C THR G 118 9.71 43.93 -15.60
N GLU G 119 8.61 44.61 -15.96
CA GLU G 119 8.33 45.96 -15.48
C GLU G 119 7.34 45.83 -14.34
N VAL G 120 7.45 46.69 -13.33
CA VAL G 120 6.39 46.79 -12.31
C VAL G 120 5.64 48.09 -12.54
N LYS G 121 4.37 47.97 -12.91
CA LYS G 121 3.50 49.08 -13.20
C LYS G 121 2.81 49.52 -11.91
N PHE G 122 2.91 50.83 -11.62
CA PHE G 122 2.07 51.47 -10.60
C PHE G 122 0.75 51.95 -11.23
N GLU G 123 -0.35 51.56 -10.59
CA GLU G 123 -1.68 52.02 -10.92
C GLU G 123 -2.36 52.46 -9.61
N ASN G 124 -3.50 53.12 -9.72
CA ASN G 124 -4.31 53.39 -8.57
C ASN G 124 -5.77 53.42 -8.98
N THR G 125 -6.62 53.59 -7.96
CA THR G 125 -8.01 53.84 -8.13
C THR G 125 -8.37 55.06 -7.28
N ILE G 126 -9.21 55.93 -7.83
CA ILE G 126 -9.55 57.15 -7.15
C ILE G 126 -11.03 57.09 -6.80
N ASP G 127 -11.31 57.12 -5.50
CA ASP G 127 -12.68 57.14 -5.05
C ASP G 127 -13.38 58.34 -5.67
N ARG G 128 -14.58 58.14 -6.21
CA ARG G 128 -15.27 59.18 -6.95
C ARG G 128 -16.10 60.07 -6.01
N ILE G 129 -16.30 59.68 -4.75
CA ILE G 129 -16.98 60.53 -3.78
C ILE G 129 -15.94 61.22 -2.87
N THR G 130 -14.93 60.49 -2.38
CA THR G 130 -14.01 61.06 -1.39
C THR G 130 -12.74 61.59 -2.08
N ALA G 131 -12.52 61.24 -3.35
CA ALA G 131 -11.32 61.61 -4.10
C ALA G 131 -10.06 60.94 -3.54
N GLU G 132 -10.23 59.99 -2.62
CA GLU G 132 -9.08 59.29 -2.02
C GLU G 132 -8.52 58.30 -3.03
N ALA G 133 -7.19 58.17 -3.08
CA ALA G 133 -6.50 57.32 -4.05
C ALA G 133 -5.89 56.11 -3.34
N ASN G 134 -6.15 54.92 -3.88
CA ASN G 134 -5.57 53.71 -3.31
C ASN G 134 -4.67 53.08 -4.36
N PRO G 135 -3.34 53.07 -4.16
CA PRO G 135 -2.41 52.62 -5.18
C PRO G 135 -2.12 51.11 -5.12
N ARG G 136 -1.59 50.60 -6.23
CA ARG G 136 -1.30 49.22 -6.36
C ARG G 136 -0.20 49.04 -7.39
N GLN G 137 0.68 48.08 -7.13
CA GLN G 137 1.76 47.75 -8.06
C GLN G 137 1.51 46.34 -8.60
N ILE G 138 1.79 46.14 -9.89
CA ILE G 138 1.67 44.84 -10.48
C ILE G 138 2.77 44.66 -11.55
N GLU G 139 3.36 43.47 -11.55
CA GLU G 139 4.40 43.05 -12.47
C GLU G 139 3.78 42.63 -13.80
N ARG G 140 4.47 42.98 -14.87
CA ARG G 140 4.13 42.66 -16.23
C ARG G 140 5.40 42.20 -16.92
N ALA G 141 5.23 41.26 -17.86
CA ALA G 141 6.27 40.88 -18.79
C ALA G 141 6.39 42.02 -19.80
N ILE G 142 7.64 42.46 -20.06
CA ILE G 142 7.84 43.75 -20.68
C ILE G 142 7.35 43.68 -22.12
N ARG G 143 7.01 44.85 -22.64
CA ARG G 143 6.51 45.03 -23.97
C ARG G 143 7.61 44.65 -24.98
N ASN G 144 7.19 44.15 -26.14
CA ASN G 144 8.07 43.77 -27.26
C ASN G 144 8.98 42.59 -26.88
N SER G 145 8.62 41.85 -25.81
CA SER G 145 9.21 40.57 -25.55
C SER G 145 8.69 39.58 -26.61
N THR G 146 9.53 38.59 -26.96
CA THR G 146 9.13 37.51 -27.83
C THR G 146 9.30 36.17 -27.13
N PHE G 147 8.38 35.27 -27.43
CA PHE G 147 8.31 33.93 -26.87
C PHE G 147 8.14 32.92 -28.01
N ASP G 148 8.98 31.86 -28.00
CA ASP G 148 8.93 30.84 -29.04
C ASP G 148 7.70 29.97 -28.82
N PHE G 149 6.87 29.88 -29.87
CA PHE G 149 5.56 29.28 -29.78
C PHE G 149 5.50 28.02 -30.63
N GLU G 150 4.86 26.99 -30.08
CA GLU G 150 4.77 25.68 -30.69
C GLU G 150 3.38 25.10 -30.39
N LEU G 151 2.73 24.59 -31.43
CA LEU G 151 1.47 23.90 -31.30
C LEU G 151 1.47 22.68 -32.24
N ILE G 152 1.11 21.51 -31.72
CA ILE G 152 1.27 20.26 -32.45
C ILE G 152 -0.08 19.70 -32.83
N TYR G 153 -0.23 19.35 -34.12
CA TYR G 153 -1.51 18.84 -34.64
C TYR G 153 -1.27 17.44 -35.18
N GLU G 154 -2.20 16.53 -34.86
CA GLU G 154 -2.05 15.11 -35.06
C GLU G 154 -3.15 14.64 -36.03
N ILE G 155 -2.73 14.09 -37.17
CA ILE G 155 -3.65 13.51 -38.11
C ILE G 155 -3.60 12.00 -37.95
N THR G 156 -4.74 11.41 -37.56
CA THR G 156 -4.82 9.97 -37.25
C THR G 156 -5.95 9.31 -38.07
N ASP G 157 -7.22 9.43 -37.64
CA ASP G 157 -8.34 8.79 -38.34
C ASP G 157 -9.18 9.84 -39.06
N GLU G 158 -8.72 11.09 -39.14
CA GLU G 158 -9.54 12.17 -39.73
C GLU G 158 -9.10 12.37 -41.19
N ASN G 159 -9.92 11.91 -42.14
CA ASN G 159 -9.42 11.59 -43.48
C ASN G 159 -9.13 12.87 -44.27
N GLU G 160 -10.17 13.50 -44.84
CA GLU G 160 -9.97 14.48 -45.92
C GLU G 160 -10.46 15.87 -45.51
N ASN G 161 -11.77 16.00 -45.29
CA ASN G 161 -12.43 17.29 -45.02
C ASN G 161 -11.98 17.83 -43.65
N GLN G 162 -11.82 16.89 -42.71
CA GLN G 162 -11.77 17.19 -41.28
C GLN G 162 -10.48 17.94 -40.97
N VAL G 163 -9.36 17.48 -41.52
CA VAL G 163 -8.06 18.14 -41.32
C VAL G 163 -8.15 19.59 -41.81
N GLU G 164 -8.82 19.81 -42.95
CA GLU G 164 -8.98 21.15 -43.52
C GLU G 164 -9.71 22.02 -42.50
N GLU G 165 -10.89 21.55 -42.06
CA GLU G 165 -11.73 22.30 -41.11
C GLU G 165 -10.90 22.61 -39.85
N ASP G 166 -10.18 21.62 -39.33
CA ASP G 166 -9.35 21.77 -38.13
C ASP G 166 -8.35 22.91 -38.33
N PHE G 167 -7.67 22.93 -39.49
CA PHE G 167 -6.72 23.99 -39.83
C PHE G 167 -7.43 25.34 -39.76
N LYS G 168 -8.64 25.41 -40.35
CA LYS G 168 -9.41 26.65 -40.30
C LYS G 168 -9.61 27.06 -38.83
N VAL G 169 -9.98 26.09 -37.98
CA VAL G 169 -10.30 26.38 -36.59
C VAL G 169 -9.05 26.92 -35.89
N ILE G 170 -7.88 26.35 -36.21
CA ILE G 170 -6.66 26.78 -35.56
C ILE G 170 -6.36 28.24 -35.93
N ARG G 171 -6.54 28.60 -37.21
CA ARG G 171 -6.22 29.94 -37.69
C ARG G 171 -7.20 30.96 -37.08
N ASP G 172 -8.48 30.59 -37.03
CA ASP G 172 -9.51 31.42 -36.44
C ASP G 172 -9.16 31.66 -34.97
N GLY G 173 -8.75 30.59 -34.27
CA GLY G 173 -8.38 30.65 -32.87
C GLY G 173 -7.29 31.67 -32.63
N LEU G 174 -6.20 31.57 -33.38
CA LEU G 174 -5.07 32.45 -33.17
C LEU G 174 -5.48 33.89 -33.48
N LYS G 175 -6.21 34.12 -34.58
CA LYS G 175 -6.61 35.48 -34.93
C LYS G 175 -7.48 36.04 -33.80
N LEU G 176 -8.38 35.22 -33.26
CA LEU G 176 -9.26 35.69 -32.20
C LEU G 176 -8.44 36.10 -30.97
N LEU G 177 -7.36 35.37 -30.69
CA LEU G 177 -6.51 35.74 -29.58
C LEU G 177 -5.77 37.05 -29.88
N GLU G 178 -5.44 37.29 -31.15
CA GLU G 178 -4.79 38.54 -31.58
C GLU G 178 -5.78 39.71 -31.40
N LEU G 179 -7.08 39.47 -31.62
CA LEU G 179 -8.13 40.48 -31.47
C LEU G 179 -8.66 40.48 -30.03
N ASP G 180 -7.95 39.83 -29.12
CA ASP G 180 -8.30 39.80 -27.71
C ASP G 180 -6.98 39.92 -26.94
N TYR G 181 -6.98 39.49 -25.67
CA TYR G 181 -5.77 39.51 -24.89
C TYR G 181 -5.51 38.14 -24.23
N LEU G 182 -4.23 37.95 -23.86
CA LEU G 182 -3.76 36.84 -23.07
C LEU G 182 -3.88 37.21 -21.58
N GLY G 183 -4.58 36.33 -20.86
CA GLY G 183 -5.22 36.63 -19.58
C GLY G 183 -4.32 37.44 -18.68
N GLY G 184 -4.84 38.59 -18.26
CA GLY G 184 -4.13 39.60 -17.50
C GLY G 184 -5.14 40.62 -17.03
N SER G 185 -4.76 41.88 -16.94
CA SER G 185 -5.77 42.87 -16.70
C SER G 185 -6.15 43.45 -18.06
N GLY G 186 -6.95 42.69 -18.80
CA GLY G 186 -7.10 42.88 -20.23
C GLY G 186 -7.93 44.11 -20.55
N SER G 187 -8.97 44.35 -19.75
CA SER G 187 -9.87 45.47 -19.92
C SER G 187 -9.11 46.79 -19.77
N ARG G 188 -7.98 46.78 -19.07
CA ARG G 188 -7.16 47.96 -18.86
C ARG G 188 -5.92 47.91 -19.77
N GLY G 189 -5.99 47.11 -20.84
CA GLY G 189 -5.08 47.15 -21.99
C GLY G 189 -3.91 46.17 -21.95
N TYR G 190 -4.00 45.12 -21.15
CA TYR G 190 -2.90 44.18 -21.01
C TYR G 190 -3.02 43.13 -22.12
N GLY G 191 -1.96 42.33 -22.24
CA GLY G 191 -1.98 41.03 -22.89
C GLY G 191 -2.30 41.08 -24.36
N LYS G 192 -2.10 42.23 -25.01
CA LYS G 192 -2.23 42.26 -26.46
C LYS G 192 -0.95 41.59 -26.98
N VAL G 193 -1.13 40.64 -27.91
CA VAL G 193 -0.02 39.85 -28.42
C VAL G 193 -0.26 39.50 -29.89
N ALA G 194 0.86 39.28 -30.59
CA ALA G 194 0.86 39.04 -32.02
C ALA G 194 1.77 37.85 -32.36
N PHE G 195 1.32 37.08 -33.36
CA PHE G 195 2.01 35.89 -33.84
C PHE G 195 2.82 36.23 -35.08
N GLU G 196 4.15 36.22 -34.95
CA GLU G 196 5.06 36.60 -36.03
C GLU G 196 5.73 35.34 -36.61
N ASN G 197 5.95 35.35 -37.92
CA ASN G 197 6.56 34.28 -38.65
C ASN G 197 5.77 32.99 -38.44
N LEU G 198 4.45 33.11 -38.42
CA LEU G 198 3.61 31.93 -38.25
C LEU G 198 3.71 31.04 -39.49
N LYS G 199 4.06 29.78 -39.25
CA LYS G 199 4.56 28.86 -40.27
C LYS G 199 4.23 27.43 -39.84
N ALA G 200 3.85 26.60 -40.82
CA ALA G 200 3.54 25.19 -40.60
C ALA G 200 4.68 24.32 -41.15
N THR G 201 4.95 23.21 -40.44
CA THR G 201 5.94 22.22 -40.84
C THR G 201 5.41 20.82 -40.53
N THR G 202 5.51 19.90 -41.49
CA THR G 202 5.20 18.50 -41.20
C THR G 202 6.47 17.89 -40.58
N VAL G 203 6.38 17.50 -39.31
CA VAL G 203 7.53 17.00 -38.55
C VAL G 203 7.43 15.47 -38.41
N PHE G 204 6.30 14.89 -38.84
CA PHE G 204 6.18 13.44 -38.95
C PHE G 204 5.13 13.08 -40.01
N GLY G 205 5.40 12.01 -40.75
CA GLY G 205 4.52 11.55 -41.80
C GLY G 205 4.69 12.44 -43.02
N ASN G 206 3.73 12.33 -43.94
CA ASN G 206 3.81 13.06 -45.21
C ASN G 206 2.48 13.80 -45.42
N TYR G 207 2.59 15.13 -45.55
CA TYR G 207 1.45 16.01 -45.77
C TYR G 207 1.93 17.26 -46.53
N ASP G 208 1.02 17.87 -47.28
CA ASP G 208 1.33 19.09 -48.04
C ASP G 208 0.91 20.34 -47.24
N VAL G 209 1.90 21.18 -46.93
CA VAL G 209 1.73 22.35 -46.07
C VAL G 209 1.78 23.65 -46.89
N LYS G 210 2.02 23.59 -48.19
CA LYS G 210 2.10 24.79 -49.05
C LYS G 210 0.84 25.62 -48.88
N THR G 211 -0.33 25.00 -49.04
CA THR G 211 -1.63 25.68 -48.99
C THR G 211 -1.82 26.35 -47.61
N LEU G 212 -1.51 25.60 -46.55
CA LEU G 212 -1.67 26.06 -45.15
C LEU G 212 -0.77 27.27 -44.92
N ASN G 213 0.51 27.17 -45.30
CA ASN G 213 1.46 28.25 -45.07
C ASN G 213 0.95 29.54 -45.72
N GLU G 214 0.47 29.44 -46.97
CA GLU G 214 -0.17 30.57 -47.65
C GLU G 214 -1.26 31.16 -46.75
N LEU G 215 -2.20 30.29 -46.35
CA LEU G 215 -3.39 30.71 -45.60
C LEU G 215 -3.01 31.27 -44.21
N LEU G 216 -1.89 30.83 -43.61
CA LEU G 216 -1.45 31.30 -42.28
C LEU G 216 -0.87 32.72 -42.37
N THR G 217 0.04 32.91 -43.33
CA THR G 217 0.83 34.14 -43.31
C THR G 217 -0.13 35.31 -43.52
N ALA G 218 -0.99 35.17 -44.54
CA ALA G 218 -1.88 36.28 -44.94
C ALA G 218 -3.11 36.38 -44.02
N GLU G 219 -3.83 35.26 -43.91
CA GLU G 219 -5.22 35.26 -43.43
C GLU G 219 -5.32 35.20 -41.90
N VAL G 220 -4.22 35.01 -41.17
CA VAL G 220 -4.21 35.11 -39.68
C VAL G 220 -3.52 36.41 -39.28
N ASN H 3 -15.14 39.99 -36.70
CA ASN H 3 -16.08 41.14 -36.86
C ASN H 3 -17.06 41.26 -35.69
N ASP H 4 -16.96 40.36 -34.71
CA ASP H 4 -18.05 40.11 -33.76
C ASP H 4 -18.03 41.13 -32.60
N TYR H 5 -16.84 41.61 -32.22
CA TYR H 5 -16.68 42.73 -31.28
C TYR H 5 -17.00 44.06 -31.99
N ARG H 6 -16.82 45.16 -31.28
CA ARG H 6 -16.67 46.45 -31.92
C ARG H 6 -15.33 47.06 -31.49
N THR H 7 -14.68 47.74 -32.43
CA THR H 7 -13.42 48.43 -32.21
C THR H 7 -13.59 49.93 -32.52
N PHE H 8 -13.03 50.80 -31.67
CA PHE H 8 -13.06 52.26 -31.84
C PHE H 8 -11.62 52.79 -31.75
N LYS H 9 -11.29 53.79 -32.58
CA LYS H 9 -9.93 54.39 -32.64
C LYS H 9 -10.03 55.85 -32.21
N LEU H 10 -9.49 56.15 -31.03
CA LEU H 10 -9.66 57.44 -30.37
C LEU H 10 -8.33 58.18 -30.42
N SER H 11 -8.36 59.40 -30.99
CA SER H 11 -7.19 60.21 -31.19
C SER H 11 -7.25 61.37 -30.18
N LEU H 12 -6.17 61.52 -29.40
CA LEU H 12 -6.10 62.47 -28.32
C LEU H 12 -5.16 63.62 -28.71
N LEU H 13 -5.70 64.84 -28.89
CA LEU H 13 -4.90 66.07 -29.05
C LEU H 13 -4.84 66.76 -27.69
N THR H 14 -3.62 66.96 -27.18
CA THR H 14 -3.40 67.60 -25.89
C THR H 14 -3.49 69.12 -26.05
N LEU H 15 -4.44 69.76 -25.36
CA LEU H 15 -4.61 71.22 -25.38
C LEU H 15 -3.87 71.87 -24.21
N ALA H 16 -3.14 71.07 -23.47
CA ALA H 16 -2.36 71.62 -22.34
C ALA H 16 -1.37 70.56 -21.87
N PRO H 17 -0.41 70.92 -21.01
CA PRO H 17 0.49 69.92 -20.49
C PRO H 17 -0.34 68.86 -19.78
N ILE H 18 -0.05 67.59 -20.08
CA ILE H 18 -0.76 66.44 -19.49
C ILE H 18 0.28 65.69 -18.68
N HIS H 19 0.04 65.44 -17.40
CA HIS H 19 1.09 64.67 -16.70
C HIS H 19 0.44 63.56 -15.91
N ILE H 20 0.53 62.31 -16.35
CA ILE H 20 -0.08 61.25 -15.49
C ILE H 20 1.01 60.86 -14.52
N GLY H 21 2.08 60.28 -15.04
CA GLY H 21 3.27 60.00 -14.23
C GLY H 21 3.23 58.75 -13.38
N ASN H 22 4.43 58.24 -13.13
CA ASN H 22 4.66 57.12 -12.21
C ASN H 22 4.96 57.71 -10.83
N GLY H 23 5.62 56.94 -9.95
CA GLY H 23 5.83 57.32 -8.56
C GLY H 23 7.12 58.11 -8.33
N GLU H 24 8.08 57.98 -9.24
CA GLU H 24 9.45 58.47 -9.01
C GLU H 24 9.52 59.96 -9.33
N LYS H 25 10.54 60.64 -8.79
CA LYS H 25 10.73 62.06 -9.07
C LYS H 25 12.22 62.41 -9.04
N TYR H 26 12.69 63.08 -10.11
CA TYR H 26 14.08 63.60 -10.24
C TYR H 26 14.35 64.65 -9.17
N THR H 27 15.56 64.61 -8.60
CA THR H 27 16.00 65.56 -7.60
C THR H 27 17.05 66.50 -8.22
N SER H 28 17.19 67.69 -7.62
CA SER H 28 18.02 68.81 -8.14
C SER H 28 19.50 68.39 -8.34
N ARG H 29 19.87 67.19 -7.87
CA ARG H 29 21.24 66.68 -7.92
C ARG H 29 21.43 65.71 -9.09
N GLU H 30 20.34 65.36 -9.80
CA GLU H 30 20.40 64.35 -10.83
C GLU H 30 20.31 64.96 -12.23
N PHE H 31 20.37 66.30 -12.37
CA PHE H 31 20.22 66.95 -13.70
C PHE H 31 20.91 68.34 -13.73
N ILE H 32 20.97 68.95 -14.92
CA ILE H 32 21.70 70.20 -15.13
C ILE H 32 20.95 71.10 -16.12
N TYR H 33 20.59 72.31 -15.69
CA TYR H 33 20.13 73.38 -16.61
C TYR H 33 21.38 73.99 -17.26
N GLU H 34 21.55 73.84 -18.58
CA GLU H 34 22.80 74.32 -19.18
C GLU H 34 22.49 75.17 -20.41
N ASN H 35 21.87 74.61 -21.42
CA ASN H 35 21.58 75.42 -22.57
C ASN H 35 20.13 75.08 -22.72
N LYS H 36 19.53 75.49 -23.81
CA LYS H 36 18.09 75.57 -23.93
C LYS H 36 17.45 74.39 -23.25
N LYS H 37 18.02 73.21 -23.48
CA LYS H 37 17.56 71.92 -22.96
C LYS H 37 18.08 71.56 -21.56
N PHE H 38 17.21 70.98 -20.74
CA PHE H 38 17.59 70.26 -19.51
C PHE H 38 18.37 68.94 -19.69
N TYR H 39 19.33 68.73 -18.79
CA TYR H 39 20.21 67.57 -18.86
C TYR H 39 19.80 66.48 -17.92
N PHE H 40 19.42 65.37 -18.51
CA PHE H 40 18.97 64.23 -17.74
C PHE H 40 19.86 63.04 -18.05
N PRO H 41 20.82 62.75 -17.15
CA PRO H 41 21.81 61.71 -17.40
C PRO H 41 21.28 60.32 -17.02
N ASP H 42 22.11 59.31 -17.26
CA ASP H 42 21.92 58.00 -16.69
C ASP H 42 22.87 57.93 -15.49
N MET H 43 22.31 58.00 -14.28
CA MET H 43 23.09 58.02 -13.03
C MET H 43 24.19 56.94 -13.09
N GLY H 44 23.87 55.77 -13.65
CA GLY H 44 24.85 54.71 -13.98
C GLY H 44 26.03 55.24 -14.78
N LYS H 45 25.75 55.64 -16.02
CA LYS H 45 26.79 56.07 -16.97
C LYS H 45 27.62 57.21 -16.37
N PHE H 46 26.95 58.13 -15.66
CA PHE H 46 27.64 59.16 -14.86
C PHE H 46 28.68 58.48 -13.98
N TYR H 47 28.24 57.52 -13.17
CA TYR H 47 29.09 56.91 -12.16
C TYR H 47 30.36 56.32 -12.80
N ASN H 48 30.18 55.67 -13.96
CA ASN H 48 31.23 54.87 -14.55
C ASN H 48 32.17 55.75 -15.40
N LYS H 49 31.73 56.93 -15.83
CA LYS H 49 32.64 57.93 -16.42
C LYS H 49 33.38 58.69 -15.29
N MET H 50 32.78 58.80 -14.10
CA MET H 50 33.41 59.47 -12.95
C MET H 50 34.33 58.50 -12.21
N VAL H 51 34.17 57.20 -12.44
CA VAL H 51 35.15 56.20 -12.02
C VAL H 51 36.36 56.28 -12.97
N GLU H 52 36.06 56.44 -14.26
CA GLU H 52 37.05 56.59 -15.32
C GLU H 52 37.75 57.96 -15.21
N LYS H 53 37.17 58.89 -14.44
CA LYS H 53 37.79 60.21 -14.18
C LYS H 53 38.44 60.27 -12.79
N ARG H 54 38.44 59.17 -12.04
CA ARG H 54 38.91 59.11 -10.63
C ARG H 54 38.12 60.11 -9.77
N LEU H 55 36.85 60.36 -10.10
CA LEU H 55 36.01 61.36 -9.40
C LEU H 55 34.99 60.71 -8.46
N ALA H 56 34.86 59.38 -8.54
CA ALA H 56 33.75 58.62 -7.97
C ALA H 56 33.53 58.96 -6.48
N GLU H 57 34.59 58.94 -5.65
CA GLU H 57 34.46 59.09 -4.18
C GLU H 57 33.86 60.46 -3.84
N LYS H 58 34.22 61.47 -4.63
CA LYS H 58 33.61 62.81 -4.52
C LYS H 58 32.10 62.74 -4.83
N PHE H 59 31.74 62.10 -5.95
CA PHE H 59 30.35 62.01 -6.43
C PHE H 59 29.48 61.39 -5.35
N GLU H 60 29.98 60.30 -4.74
CA GLU H 60 29.28 59.61 -3.65
C GLU H 60 29.12 60.55 -2.44
N ALA H 61 30.24 61.04 -1.89
CA ALA H 61 30.18 61.89 -0.72
C ALA H 61 29.27 63.10 -0.99
N PHE H 62 29.15 63.52 -2.27
CA PHE H 62 28.24 64.61 -2.71
C PHE H 62 26.79 64.14 -2.69
N LEU H 63 26.52 62.94 -3.22
CA LEU H 63 25.17 62.41 -3.30
C LEU H 63 24.71 61.97 -1.90
N ILE H 64 25.54 61.23 -1.16
CA ILE H 64 25.18 60.74 0.19
C ILE H 64 25.13 61.91 1.17
N GLN H 65 25.59 63.10 0.73
CA GLN H 65 25.72 64.30 1.57
C GLN H 65 24.37 64.99 1.77
N THR H 66 23.32 64.42 1.20
CA THR H 66 22.00 64.95 1.45
C THR H 66 21.60 64.62 2.89
N ARG H 67 21.96 65.53 3.79
CA ARG H 67 21.10 65.93 4.85
C ARG H 67 20.61 67.33 4.45
N PRO H 68 19.48 67.38 3.73
CA PRO H 68 18.95 68.57 3.10
C PRO H 68 20.10 69.42 2.55
N ASN H 69 20.78 68.89 1.53
CA ASN H 69 21.93 69.55 0.89
C ASN H 69 21.53 70.96 0.43
N ASN H 72 22.85 74.76 1.25
CA ASN H 72 21.61 74.77 0.48
C ASN H 72 21.89 74.77 -1.03
N ASN H 73 23.11 74.35 -1.43
CA ASN H 73 23.42 74.20 -2.84
C ASN H 73 23.78 72.73 -3.14
N ARG H 74 22.89 72.09 -3.91
CA ARG H 74 23.01 70.72 -4.39
C ARG H 74 22.47 70.64 -5.82
N LEU H 75 23.37 70.58 -6.82
CA LEU H 75 22.97 70.71 -8.24
C LEU H 75 24.02 70.07 -9.18
N ILE H 76 24.06 70.52 -10.44
CA ILE H 76 25.21 70.35 -11.37
C ILE H 76 26.32 71.38 -11.05
N SER H 77 26.18 72.06 -9.90
CA SER H 77 27.23 72.87 -9.31
C SER H 77 28.44 71.99 -9.00
N PHE H 78 28.19 70.80 -8.46
CA PHE H 78 29.27 69.87 -8.07
C PHE H 78 30.14 69.55 -9.29
N LEU H 79 29.50 69.44 -10.47
CA LEU H 79 30.22 69.25 -11.70
C LEU H 79 31.27 70.37 -11.80
N ASN H 80 30.78 71.61 -11.95
CA ASN H 80 31.66 72.77 -12.15
C ASN H 80 32.75 72.88 -11.07
N ASP H 81 32.47 72.48 -9.82
CA ASP H 81 33.49 72.47 -8.74
C ASP H 81 34.65 71.54 -9.11
N ASN H 82 34.34 70.43 -9.80
CA ASN H 82 35.32 69.51 -10.40
C ASN H 82 35.61 69.99 -11.83
N ARG H 83 36.20 69.13 -12.67
CA ARG H 83 36.64 69.55 -14.01
C ARG H 83 35.40 69.61 -14.94
N ILE H 84 34.62 68.51 -14.96
CA ILE H 84 33.20 68.55 -15.31
C ILE H 84 32.95 69.02 -16.75
N ALA H 85 33.82 68.64 -17.69
CA ALA H 85 33.70 69.15 -19.07
C ALA H 85 33.07 68.10 -19.99
N GLU H 86 32.78 66.91 -19.48
CA GLU H 86 32.75 65.69 -20.34
C GLU H 86 31.36 65.57 -21.05
N ARG H 87 30.31 65.23 -20.29
CA ARG H 87 28.87 65.45 -20.62
C ARG H 87 28.35 64.64 -21.83
N SER H 88 28.73 63.38 -21.98
CA SER H 88 28.11 62.58 -23.08
C SER H 88 27.39 61.36 -22.50
N PHE H 89 27.25 61.30 -21.19
CA PHE H 89 26.62 60.10 -20.55
C PHE H 89 25.16 60.38 -20.19
N GLY H 90 24.29 59.42 -20.51
CA GLY H 90 22.85 59.57 -20.29
C GLY H 90 22.18 60.02 -21.57
N GLY H 91 20.86 59.86 -21.67
CA GLY H 91 20.17 60.23 -22.92
C GLY H 91 18.91 61.01 -22.67
N TYR H 92 18.45 61.74 -23.69
CA TYR H 92 17.23 62.57 -23.77
C TYR H 92 17.18 63.74 -22.77
N SER H 93 17.43 64.97 -23.24
CA SER H 93 17.33 66.15 -22.35
C SER H 93 16.11 67.00 -22.71
N ILE H 94 15.56 67.71 -21.73
CA ILE H 94 14.34 68.55 -21.94
C ILE H 94 14.77 70.01 -22.08
N SER H 95 14.12 70.71 -23.02
CA SER H 95 14.49 72.10 -23.45
C SER H 95 13.80 73.17 -22.57
N GLU H 96 14.55 74.23 -22.23
CA GLU H 96 14.11 75.33 -21.33
C GLU H 96 13.10 76.19 -22.07
N THR H 97 11.85 76.19 -21.58
CA THR H 97 10.74 76.94 -22.16
C THR H 97 10.82 78.40 -21.75
N GLY H 98 11.44 78.65 -20.58
CA GLY H 98 11.42 79.94 -19.90
C GLY H 98 10.33 80.00 -18.84
N LEU H 99 9.21 79.31 -19.09
CA LEU H 99 8.14 79.08 -18.10
C LEU H 99 8.62 78.08 -17.04
N GLU H 100 7.84 77.91 -15.97
CA GLU H 100 8.30 77.21 -14.76
C GLU H 100 9.56 77.92 -14.22
N SER H 101 9.41 79.21 -13.93
CA SER H 101 10.49 80.22 -13.97
C SER H 101 11.33 80.23 -12.69
N ASP H 102 12.13 81.31 -12.56
CA ASP H 102 12.98 81.68 -11.43
C ASP H 102 14.38 81.06 -11.62
N LYS H 103 14.63 80.40 -12.77
CA LYS H 103 15.82 79.53 -12.99
C LYS H 103 17.11 80.27 -12.60
N ASN H 104 18.05 79.53 -11.98
CA ASN H 104 19.37 80.02 -11.53
C ASN H 104 19.16 80.94 -10.31
N ALA H 110 15.55 78.10 -7.45
CA ALA H 110 14.92 77.66 -8.69
C ALA H 110 14.33 76.24 -8.48
N ILE H 111 14.19 75.50 -9.59
CA ILE H 111 13.76 74.09 -9.60
C ILE H 111 14.58 73.28 -8.58
N ASN H 112 13.92 72.70 -7.56
CA ASN H 112 14.59 71.84 -6.56
C ASN H 112 14.21 70.36 -6.77
N GLU H 113 13.13 70.10 -7.53
CA GLU H 113 12.43 68.79 -7.54
C GLU H 113 11.40 68.74 -8.68
N VAL H 114 11.38 67.61 -9.38
CA VAL H 114 10.55 67.41 -10.59
C VAL H 114 9.94 66.01 -10.56
N ASN H 115 8.71 65.89 -11.08
CA ASN H 115 7.97 64.62 -11.10
C ASN H 115 8.10 63.97 -12.48
N LYS H 116 8.67 62.75 -12.51
CA LYS H 116 8.91 61.99 -13.73
C LYS H 116 7.58 61.64 -14.38
N PHE H 117 7.53 61.70 -15.72
CA PHE H 117 6.39 61.13 -16.44
C PHE H 117 6.54 59.60 -16.47
N ILE H 118 5.41 58.88 -16.60
CA ILE H 118 5.42 57.39 -16.53
C ILE H 118 6.07 56.86 -17.81
N ARG H 119 7.16 56.10 -17.64
CA ARG H 119 7.94 55.58 -18.77
C ARG H 119 7.97 54.05 -18.66
N ASP H 120 7.97 53.42 -19.85
CA ASP H 120 7.86 51.99 -20.00
C ASP H 120 9.20 51.33 -19.63
N ALA H 121 9.30 50.04 -19.97
CA ALA H 121 10.49 49.22 -19.77
C ALA H 121 11.77 49.88 -20.33
N PHE H 122 11.63 50.48 -21.51
CA PHE H 122 12.74 50.88 -22.35
C PHE H 122 13.24 52.30 -22.05
N GLY H 123 12.46 53.12 -21.35
CA GLY H 123 12.85 54.51 -21.00
C GLY H 123 12.01 55.54 -21.74
N ASN H 124 11.29 55.12 -22.78
CA ASN H 124 10.27 55.92 -23.45
C ASN H 124 9.07 56.11 -22.51
N PRO H 125 8.33 57.25 -22.55
CA PRO H 125 7.06 57.40 -21.86
C PRO H 125 5.86 57.00 -22.74
N TYR H 126 4.69 56.80 -22.11
CA TYR H 126 3.47 56.33 -22.80
C TYR H 126 2.25 56.65 -21.93
N ILE H 127 1.06 56.61 -22.54
CA ILE H 127 -0.18 56.84 -21.81
C ILE H 127 -0.84 55.50 -21.52
N PRO H 128 -0.74 54.96 -20.28
CA PRO H 128 -1.36 53.69 -19.96
C PRO H 128 -2.89 53.77 -20.12
N GLY H 129 -3.43 52.84 -20.89
CA GLY H 129 -4.85 52.73 -21.11
C GLY H 129 -5.62 52.66 -19.81
N SER H 130 -4.94 52.28 -18.72
CA SER H 130 -5.58 52.24 -17.42
C SER H 130 -6.00 53.65 -17.02
N SER H 131 -5.10 54.62 -17.29
CA SER H 131 -5.34 55.99 -16.88
C SER H 131 -6.41 56.62 -17.79
N LEU H 132 -6.29 56.40 -19.11
CA LEU H 132 -7.33 56.92 -19.99
C LEU H 132 -8.68 56.32 -19.59
N LYS H 133 -8.72 55.02 -19.26
CA LYS H 133 -9.98 54.37 -18.93
C LYS H 133 -10.58 55.00 -17.66
N GLY H 134 -9.71 55.40 -16.74
CA GLY H 134 -10.16 56.11 -15.57
C GLY H 134 -11.00 57.32 -15.94
N ALA H 135 -10.47 58.12 -16.87
CA ALA H 135 -11.08 59.36 -17.25
C ALA H 135 -12.35 59.10 -18.07
N ILE H 136 -12.30 58.17 -19.02
CA ILE H 136 -13.50 57.75 -19.76
C ILE H 136 -14.58 57.36 -18.73
N ARG H 137 -14.15 56.71 -17.65
CA ARG H 137 -15.07 56.23 -16.64
C ARG H 137 -15.77 57.42 -15.98
N THR H 138 -15.03 58.45 -15.57
CA THR H 138 -15.69 59.48 -14.81
C THR H 138 -16.61 60.26 -15.73
N ILE H 139 -16.25 60.36 -17.01
CA ILE H 139 -17.17 60.91 -17.98
C ILE H 139 -18.45 60.06 -17.97
N LEU H 140 -18.33 58.76 -18.30
CA LEU H 140 -19.51 57.86 -18.43
C LEU H 140 -20.35 57.85 -17.14
N MET H 141 -19.68 57.96 -15.98
CA MET H 141 -20.36 57.87 -14.69
C MET H 141 -21.17 59.15 -14.48
N ASN H 142 -20.53 60.30 -14.71
CA ASN H 142 -21.10 61.60 -14.39
C ASN H 142 -22.36 61.85 -15.24
N THR H 143 -22.34 61.37 -16.48
CA THR H 143 -23.52 61.47 -17.31
C THR H 143 -24.66 60.59 -16.76
N THR H 144 -24.50 59.26 -16.80
CA THR H 144 -25.59 58.29 -16.66
C THR H 144 -26.36 58.46 -15.34
N PRO H 145 -27.64 58.84 -15.42
CA PRO H 145 -28.47 59.15 -14.26
C PRO H 145 -28.66 57.96 -13.33
N LYS H 146 -28.58 56.76 -13.87
CA LYS H 146 -28.79 55.56 -13.04
C LYS H 146 -27.76 55.52 -11.92
N TRP H 147 -26.49 55.87 -12.19
CA TRP H 147 -25.43 55.82 -11.16
C TRP H 147 -25.14 57.16 -10.47
N ASN H 148 -25.69 58.28 -10.89
CA ASN H 148 -25.35 59.60 -10.26
C ASN H 148 -26.23 59.93 -9.06
N ASN H 149 -26.15 59.19 -7.96
CA ASN H 149 -26.98 59.51 -6.77
C ASN H 149 -26.49 58.81 -5.50
N GLU H 150 -25.39 58.05 -5.56
CA GLU H 150 -25.08 57.21 -4.37
C GLU H 150 -23.61 57.02 -3.97
N ASN H 151 -23.46 56.89 -2.66
CA ASN H 151 -22.24 56.62 -1.86
C ASN H 151 -22.64 55.85 -0.59
N ALA H 152 -21.66 55.29 0.14
CA ALA H 152 -21.91 54.47 1.35
C ALA H 152 -21.65 55.27 2.62
N VAL H 153 -22.52 55.10 3.62
CA VAL H 153 -22.42 55.80 4.92
C VAL H 153 -22.14 54.80 6.05
N ASN H 154 -21.92 53.52 5.70
CA ASN H 154 -21.61 52.50 6.70
C ASN H 154 -20.92 51.30 6.03
N ARG H 158 -17.10 55.44 10.04
CA ARG H 158 -17.92 55.55 8.84
C ARG H 158 -18.00 57.03 8.40
N PHE H 159 -16.84 57.61 8.04
CA PHE H 159 -16.76 58.78 7.15
C PHE H 159 -17.04 58.31 5.73
N PRO H 160 -17.80 59.06 4.89
CA PRO H 160 -18.38 58.51 3.67
C PRO H 160 -17.37 57.98 2.63
N LYS H 161 -17.88 57.18 1.69
CA LYS H 161 -17.07 56.59 0.61
C LYS H 161 -17.97 56.21 -0.56
N GLU H 162 -17.36 55.85 -1.69
CA GLU H 162 -18.07 55.43 -2.92
C GLU H 162 -18.87 54.16 -2.63
N ASN H 163 -20.03 54.00 -3.24
CA ASN H 163 -20.88 52.83 -2.90
C ASN H 163 -20.15 51.52 -3.21
N LYS H 164 -19.50 51.45 -4.38
CA LYS H 164 -18.64 50.35 -4.89
C LYS H 164 -19.37 49.03 -5.19
N ASN H 165 -20.70 49.01 -5.12
CA ASN H 165 -21.64 48.02 -5.69
C ASN H 165 -22.55 48.77 -6.67
N LEU H 166 -22.22 50.03 -6.97
CA LEU H 166 -23.00 50.89 -7.87
C LEU H 166 -22.98 50.26 -9.25
N ILE H 167 -21.83 49.77 -9.67
CA ILE H 167 -21.82 49.05 -10.97
C ILE H 167 -21.38 47.63 -10.64
N PRO H 168 -22.21 46.61 -10.89
CA PRO H 168 -21.85 45.22 -10.62
C PRO H 168 -20.70 44.84 -11.54
N TRP H 169 -19.63 44.25 -11.02
CA TRP H 169 -18.49 43.95 -11.93
C TRP H 169 -17.88 42.57 -11.69
N GLY H 170 -18.23 41.91 -10.61
CA GLY H 170 -17.53 40.65 -10.33
C GLY H 170 -18.28 39.45 -10.82
N PRO H 171 -17.68 38.25 -10.75
CA PRO H 171 -18.39 37.03 -11.04
C PRO H 171 -19.29 36.83 -9.80
N LYS H 172 -20.56 36.49 -10.04
CA LYS H 172 -21.54 36.29 -8.96
C LYS H 172 -21.93 34.82 -8.99
N LYS H 173 -22.02 34.15 -7.85
CA LYS H 173 -22.32 32.71 -7.94
C LYS H 173 -23.70 32.45 -8.50
N GLY H 174 -23.77 31.69 -9.60
CA GLY H 174 -25.03 31.28 -10.23
C GLY H 174 -25.65 32.32 -11.13
N LYS H 175 -24.98 33.45 -11.31
CA LYS H 175 -25.53 34.54 -12.15
C LYS H 175 -24.75 34.57 -13.46
N GLU H 176 -25.32 35.16 -14.51
CA GLU H 176 -24.75 35.12 -15.89
C GLU H 176 -23.67 36.16 -16.14
N TYR H 177 -22.67 36.26 -15.27
CA TYR H 177 -21.51 37.17 -15.46
C TYR H 177 -21.87 38.58 -15.91
N ASP H 178 -22.54 39.35 -15.08
CA ASP H 178 -22.74 40.74 -15.54
C ASP H 178 -21.57 41.60 -15.03
N ASP H 179 -20.69 42.00 -15.94
CA ASP H 179 -19.63 42.98 -15.61
C ASP H 179 -19.49 43.87 -16.85
N LEU H 180 -20.00 45.09 -16.79
CA LEU H 180 -19.96 45.99 -17.97
C LEU H 180 -18.56 46.51 -18.29
N PHE H 181 -17.83 46.93 -17.28
CA PHE H 181 -16.53 47.57 -17.52
C PHE H 181 -15.43 46.55 -17.88
N ASN H 182 -15.71 45.25 -17.78
CA ASN H 182 -14.81 44.24 -18.33
C ASN H 182 -14.94 44.21 -19.85
N ALA H 183 -16.10 44.67 -20.35
CA ALA H 183 -16.41 44.70 -21.77
C ALA H 183 -15.95 46.00 -22.43
N ILE H 184 -15.34 46.92 -21.68
CA ILE H 184 -14.69 48.06 -22.26
C ILE H 184 -13.18 47.88 -22.05
N ARG H 185 -12.46 47.70 -23.16
CA ARG H 185 -11.02 47.51 -23.12
C ARG H 185 -10.34 48.75 -23.73
N VAL H 186 -9.47 49.39 -22.95
CA VAL H 186 -8.75 50.60 -23.36
C VAL H 186 -7.27 50.27 -23.58
N SER H 187 -6.81 50.39 -24.83
CA SER H 187 -5.44 50.10 -25.24
C SER H 187 -4.46 50.94 -24.43
N ASP H 188 -3.33 50.30 -24.06
CA ASP H 188 -2.15 51.06 -23.69
C ASP H 188 -1.76 51.85 -24.93
N SER H 189 -1.27 53.06 -24.72
CA SER H 189 -0.71 53.83 -25.81
C SER H 189 0.55 53.12 -26.33
N LYS H 190 0.97 53.48 -27.54
CA LYS H 190 2.33 53.26 -27.94
C LYS H 190 3.21 54.16 -27.07
N PRO H 191 4.53 53.91 -26.99
CA PRO H 191 5.45 54.90 -26.43
C PRO H 191 5.59 56.00 -27.49
N PHE H 192 5.83 57.23 -27.03
CA PHE H 192 6.08 58.35 -27.94
C PHE H 192 7.49 58.90 -27.69
N ASP H 193 7.99 59.64 -28.69
CA ASP H 193 9.30 60.26 -28.65
C ASP H 193 9.41 61.18 -27.43
N ASN H 194 10.40 60.94 -26.57
CA ASN H 194 10.57 61.66 -25.32
C ASN H 194 10.84 63.15 -25.57
N LYS H 195 10.91 63.57 -26.85
CA LYS H 195 11.22 64.96 -27.23
C LYS H 195 9.97 65.85 -27.18
N SER H 196 8.84 65.30 -26.76
CA SER H 196 7.62 66.13 -26.65
C SER H 196 7.33 66.44 -25.18
N LEU H 197 8.20 65.96 -24.28
CA LEU H 197 8.02 66.22 -22.84
C LEU H 197 8.33 67.69 -22.59
N ILE H 198 7.61 68.30 -21.65
CA ILE H 198 7.80 69.72 -21.21
C ILE H 198 7.93 69.72 -19.69
N LEU H 199 8.27 70.86 -19.09
CA LEU H 199 8.34 70.84 -17.61
C LEU H 199 7.44 71.96 -17.08
N VAL H 200 6.13 71.74 -17.15
CA VAL H 200 5.07 72.69 -16.70
C VAL H 200 5.04 72.81 -15.18
N GLN H 201 4.69 74.01 -14.69
CA GLN H 201 4.64 74.33 -13.24
C GLN H 201 3.18 74.53 -12.83
N LYS H 202 2.89 74.36 -11.54
CA LYS H 202 1.51 74.48 -11.00
C LYS H 202 1.28 75.89 -10.45
N TRP H 203 0.23 76.55 -10.95
CA TRP H 203 -0.19 77.89 -10.47
C TRP H 203 -1.65 77.75 -10.08
N ASP H 204 -2.04 78.22 -8.90
CA ASP H 204 -3.45 78.04 -8.49
C ASP H 204 -4.18 79.36 -8.56
N TYR H 205 -5.26 79.44 -9.35
CA TYR H 205 -6.00 80.72 -9.40
C TYR H 205 -7.17 80.63 -8.43
N SER H 206 -7.16 81.51 -7.43
CA SER H 206 -8.26 81.59 -6.44
C SER H 206 -9.04 82.85 -6.76
N ALA H 207 -10.31 82.70 -7.08
CA ALA H 207 -11.15 83.90 -7.37
C ALA H 207 -11.61 84.58 -6.08
N LYS H 208 -11.25 84.03 -4.91
CA LYS H 208 -11.35 84.79 -3.67
C LYS H 208 -10.27 85.88 -3.69
N THR H 209 -9.00 85.48 -3.84
CA THR H 209 -7.89 86.42 -4.04
C THR H 209 -8.02 87.13 -5.39
N ASN H 210 -8.62 86.46 -6.37
CA ASN H 210 -8.64 86.90 -7.76
C ASN H 210 -7.20 87.16 -8.26
N LYS H 211 -6.22 86.44 -7.72
CA LYS H 211 -4.84 86.40 -8.23
C LYS H 211 -4.43 84.93 -8.36
N ALA H 212 -3.29 84.66 -9.01
CA ALA H 212 -2.84 83.30 -9.31
C ALA H 212 -1.39 83.09 -8.88
N LYS H 213 -1.17 82.47 -7.71
CA LYS H 213 0.10 82.45 -6.95
C LYS H 213 0.82 81.12 -7.16
N PRO H 214 2.03 81.07 -7.79
CA PRO H 214 2.65 79.80 -8.20
C PRO H 214 3.24 79.00 -7.03
N LEU H 215 2.94 77.68 -7.02
CA LEU H 215 3.30 76.71 -5.96
C LEU H 215 4.59 76.01 -6.33
N PRO H 216 5.35 75.47 -5.32
CA PRO H 216 6.65 74.85 -5.55
C PRO H 216 6.62 73.37 -6.00
N LEU H 217 6.22 73.15 -7.25
CA LEU H 217 5.94 71.81 -7.75
C LEU H 217 6.12 71.83 -9.26
N TYR H 218 6.91 70.91 -9.82
CA TYR H 218 7.13 70.87 -11.26
C TYR H 218 6.75 69.47 -11.78
N ARG H 219 6.04 69.43 -12.91
CA ARG H 219 5.55 68.20 -13.49
C ARG H 219 6.04 68.15 -14.95
N GLU H 220 6.85 67.14 -15.25
CA GLU H 220 7.24 66.78 -16.62
C GLU H 220 5.98 66.27 -17.33
N SER H 221 5.53 67.01 -18.34
CA SER H 221 4.24 66.75 -18.97
C SER H 221 4.37 66.83 -20.49
N ILE H 222 3.32 66.35 -21.16
CA ILE H 222 3.28 66.33 -22.61
C ILE H 222 3.05 67.77 -23.10
N SER H 223 3.85 68.21 -24.08
CA SER H 223 3.66 69.54 -24.68
C SER H 223 2.35 69.54 -25.44
N PRO H 224 1.63 70.68 -25.44
CA PRO H 224 0.33 70.78 -26.10
C PRO H 224 0.45 70.56 -27.61
N LEU H 225 -0.71 70.39 -28.25
CA LEU H 225 -0.83 70.10 -29.67
C LEU H 225 -0.04 68.83 -30.04
N THR H 226 -0.07 67.81 -29.16
CA THR H 226 0.41 66.45 -29.51
C THR H 226 -0.78 65.58 -29.86
N LYS H 227 -0.60 64.73 -30.87
CA LYS H 227 -1.52 63.66 -31.16
C LYS H 227 -0.95 62.40 -30.51
N ILE H 228 -1.83 61.62 -29.88
CA ILE H 228 -1.51 60.33 -29.32
C ILE H 228 -2.73 59.45 -29.56
N GLU H 229 -2.49 58.23 -30.04
CA GLU H 229 -3.55 57.39 -30.54
C GLU H 229 -3.84 56.27 -29.54
N PHE H 230 -5.10 55.81 -29.56
CA PHE H 230 -5.59 54.69 -28.76
C PHE H 230 -6.61 53.89 -29.58
N GLU H 231 -6.73 52.60 -29.20
CA GLU H 231 -7.79 51.69 -29.67
C GLU H 231 -8.58 51.21 -28.44
N ILE H 232 -9.91 51.07 -28.60
CA ILE H 232 -10.84 50.69 -27.53
C ILE H 232 -11.81 49.66 -28.11
N THR H 233 -11.86 48.47 -27.49
CA THR H 233 -12.68 47.36 -27.98
C THR H 233 -13.80 47.09 -26.97
N THR H 234 -14.98 46.75 -27.52
CA THR H 234 -16.12 46.42 -26.74
C THR H 234 -16.58 45.02 -27.15
N THR H 235 -16.91 44.18 -26.15
CA THR H 235 -17.35 42.79 -26.36
C THR H 235 -18.83 42.62 -26.00
N THR H 236 -19.53 43.71 -25.70
CA THR H 236 -20.98 43.63 -25.41
C THR H 236 -21.71 44.80 -26.09
N ASP H 237 -23.00 44.57 -26.36
CA ASP H 237 -23.92 45.54 -26.94
C ASP H 237 -23.97 46.81 -26.06
N GLU H 238 -24.24 46.69 -24.76
CA GLU H 238 -24.37 47.89 -23.91
C GLU H 238 -23.08 48.72 -24.01
N ALA H 239 -21.92 48.04 -24.05
CA ALA H 239 -20.64 48.74 -24.09
C ALA H 239 -20.46 49.38 -25.47
N GLY H 240 -20.89 48.68 -26.52
CA GLY H 240 -20.86 49.23 -27.86
C GLY H 240 -21.58 50.57 -27.90
N ARG H 241 -22.84 50.54 -27.46
CA ARG H 241 -23.75 51.71 -27.54
C ARG H 241 -23.49 52.64 -26.34
N LEU H 242 -22.44 52.36 -25.56
CA LEU H 242 -21.97 53.30 -24.55
C LEU H 242 -20.81 54.11 -25.14
N ILE H 243 -19.75 53.42 -25.56
CA ILE H 243 -18.60 54.09 -26.11
C ILE H 243 -19.00 54.78 -27.41
N GLU H 244 -20.06 54.28 -28.09
CA GLU H 244 -20.61 54.99 -29.29
C GLU H 244 -20.77 56.48 -28.96
N GLU H 245 -21.47 56.80 -27.86
CA GLU H 245 -21.82 58.18 -27.53
C GLU H 245 -20.78 58.86 -26.65
N LEU H 246 -19.55 58.36 -26.63
CA LEU H 246 -18.53 59.01 -25.83
C LEU H 246 -18.35 60.49 -26.23
N GLY H 247 -18.63 60.83 -27.49
CA GLY H 247 -18.63 62.22 -27.92
C GLY H 247 -19.68 63.05 -27.21
N LYS H 248 -20.95 62.71 -27.42
CA LYS H 248 -22.05 63.37 -26.74
C LYS H 248 -21.70 63.53 -25.27
N ARG H 249 -21.38 62.41 -24.62
CA ARG H 249 -21.32 62.36 -23.19
C ARG H 249 -20.15 63.22 -22.70
N ALA H 250 -19.07 63.23 -23.50
CA ALA H 250 -17.89 64.00 -23.13
C ALA H 250 -18.23 65.48 -23.02
N GLN H 251 -18.89 65.99 -24.08
CA GLN H 251 -19.23 67.41 -24.18
C GLN H 251 -20.28 67.75 -23.11
N ALA H 252 -21.14 66.79 -22.78
CA ALA H 252 -22.12 66.97 -21.70
C ALA H 252 -21.43 67.11 -20.33
N PHE H 253 -20.46 66.25 -20.05
CA PHE H 253 -19.71 66.34 -18.79
C PHE H 253 -19.00 67.71 -18.69
N TYR H 254 -18.45 68.20 -19.80
CA TYR H 254 -17.78 69.51 -19.80
C TYR H 254 -18.83 70.61 -19.56
N LYS H 255 -20.03 70.43 -20.11
CA LYS H 255 -21.14 71.39 -19.89
C LYS H 255 -21.36 71.56 -18.38
N ASP H 256 -21.52 70.45 -17.67
CA ASP H 256 -21.81 70.47 -16.26
C ASP H 256 -20.62 71.00 -15.47
N TYR H 257 -19.39 70.65 -15.88
CA TYR H 257 -18.20 71.00 -15.12
C TYR H 257 -17.87 72.49 -15.29
N LYS H 258 -18.15 73.07 -16.47
CA LYS H 258 -18.08 74.54 -16.67
C LYS H 258 -19.14 75.23 -15.80
N ALA H 259 -20.41 74.87 -16.03
CA ALA H 259 -21.57 75.35 -15.28
C ALA H 259 -21.34 75.27 -13.77
N PHE H 260 -20.63 74.25 -13.31
CA PHE H 260 -20.40 74.02 -11.89
C PHE H 260 -19.21 74.82 -11.40
N PHE H 261 -18.15 74.96 -12.20
CA PHE H 261 -16.81 75.29 -11.65
C PHE H 261 -16.08 76.34 -12.49
N LEU H 262 -15.92 76.05 -13.78
CA LEU H 262 -15.14 76.90 -14.70
C LEU H 262 -15.85 78.24 -14.92
N SER H 263 -17.19 78.20 -15.00
CA SER H 263 -18.03 79.36 -15.25
C SER H 263 -18.16 80.21 -13.98
N GLU H 264 -17.36 79.97 -12.92
CA GLU H 264 -17.25 80.97 -11.83
C GLU H 264 -15.83 81.54 -11.72
N PHE H 265 -15.00 81.29 -12.76
CA PHE H 265 -13.64 81.83 -12.84
C PHE H 265 -13.48 82.67 -14.11
N PRO H 266 -12.62 83.71 -14.09
CA PRO H 266 -12.42 84.62 -15.22
C PRO H 266 -12.28 83.84 -16.54
N ASP H 267 -13.15 84.18 -17.49
CA ASP H 267 -13.23 83.53 -18.80
C ASP H 267 -11.88 83.59 -19.53
N ASP H 268 -10.97 84.49 -19.12
CA ASP H 268 -9.57 84.47 -19.56
C ASP H 268 -9.03 83.04 -19.45
N LYS H 269 -9.26 82.44 -18.27
CA LYS H 269 -8.58 81.24 -17.79
C LYS H 269 -9.17 79.96 -18.39
N ILE H 270 -10.49 79.95 -18.57
CA ILE H 270 -11.14 78.83 -19.23
C ILE H 270 -10.56 78.70 -20.64
N GLN H 271 -10.11 77.49 -20.94
CA GLN H 271 -9.63 77.17 -22.25
C GLN H 271 -10.81 76.95 -23.19
N ALA H 272 -10.59 77.27 -24.46
CA ALA H 272 -11.59 77.03 -25.48
C ALA H 272 -11.62 75.53 -25.81
N ASN H 273 -12.77 75.06 -26.26
CA ASN H 273 -13.06 73.63 -26.46
C ASN H 273 -13.04 73.35 -27.96
N LEU H 274 -12.21 72.42 -28.43
CA LEU H 274 -11.90 72.37 -29.86
C LEU H 274 -12.52 71.14 -30.54
N GLN H 275 -12.29 69.94 -30.00
CA GLN H 275 -12.93 68.71 -30.56
C GLN H 275 -13.99 68.15 -29.59
N TYR H 276 -13.54 67.30 -28.66
CA TYR H 276 -14.32 66.77 -27.53
C TYR H 276 -13.41 66.79 -26.32
N PRO H 277 -13.89 67.19 -25.12
CA PRO H 277 -13.00 67.41 -24.00
C PRO H 277 -12.76 66.15 -23.17
N ILE H 278 -11.57 66.12 -22.53
CA ILE H 278 -11.27 65.21 -21.43
C ILE H 278 -10.26 65.84 -20.47
N TYR H 279 -10.50 65.64 -19.18
CA TYR H 279 -9.51 65.90 -18.14
C TYR H 279 -8.78 64.59 -17.84
N LEU H 280 -7.45 64.57 -18.01
CA LEU H 280 -6.66 63.35 -18.00
C LEU H 280 -5.40 63.51 -17.16
N GLY H 281 -5.49 63.01 -15.92
CA GLY H 281 -4.37 62.50 -15.18
C GLY H 281 -3.67 63.53 -14.32
N ALA H 282 -3.66 64.80 -14.70
CA ALA H 282 -2.71 65.73 -14.08
C ALA H 282 -3.17 66.14 -12.68
N GLY H 283 -2.66 67.29 -12.22
CA GLY H 283 -3.26 68.11 -11.16
C GLY H 283 -4.37 68.98 -11.73
N SER H 284 -5.28 68.36 -12.49
CA SER H 284 -6.45 69.00 -13.07
C SER H 284 -7.55 69.20 -12.02
N GLY H 285 -7.36 68.63 -10.83
CA GLY H 285 -8.20 68.95 -9.65
C GLY H 285 -9.33 67.95 -9.40
N ALA H 286 -9.93 68.07 -8.22
CA ALA H 286 -10.78 67.04 -7.62
C ALA H 286 -12.02 66.77 -8.47
N TRP H 287 -12.66 67.81 -9.00
CA TRP H 287 -13.97 67.67 -9.69
C TRP H 287 -13.83 66.90 -11.00
N THR H 288 -12.61 66.84 -11.55
CA THR H 288 -12.39 66.12 -12.80
C THR H 288 -12.36 64.62 -12.49
N LYS H 289 -12.01 64.27 -11.25
CA LYS H 289 -11.76 62.90 -10.83
C LYS H 289 -12.84 62.40 -9.87
N THR H 290 -14.06 62.95 -9.92
CA THR H 290 -15.17 62.55 -9.05
C THR H 290 -16.51 62.56 -9.82
N LEU H 291 -17.56 62.14 -9.11
CA LEU H 291 -18.90 62.60 -9.37
C LEU H 291 -19.06 63.90 -8.59
N PHE H 292 -18.83 65.03 -9.25
CA PHE H 292 -18.63 66.24 -8.49
C PHE H 292 -19.95 66.62 -7.83
N LYS H 293 -21.07 66.42 -8.56
CA LYS H 293 -22.40 66.64 -8.03
C LYS H 293 -22.43 66.08 -6.59
N GLN H 294 -22.32 64.75 -6.44
CA GLN H 294 -22.46 64.05 -5.13
C GLN H 294 -21.20 64.20 -4.25
N ALA H 295 -20.08 64.62 -4.83
CA ALA H 295 -18.84 64.68 -4.07
C ALA H 295 -18.80 65.93 -3.20
N ASP H 296 -19.58 66.96 -3.54
CA ASP H 296 -19.39 68.34 -3.08
C ASP H 296 -19.16 68.44 -1.56
N GLY H 297 -20.23 68.29 -0.77
CA GLY H 297 -20.17 68.49 0.70
C GLY H 297 -19.02 67.71 1.35
N ILE H 298 -18.87 66.45 0.90
CA ILE H 298 -18.02 65.41 1.50
C ILE H 298 -16.53 65.73 1.24
N LEU H 299 -16.20 65.99 -0.01
CA LEU H 299 -14.84 66.29 -0.39
C LEU H 299 -14.31 67.45 0.45
N GLN H 300 -15.05 68.57 0.49
CA GLN H 300 -14.66 69.74 1.28
C GLN H 300 -14.33 69.28 2.70
N ARG H 301 -15.30 68.59 3.34
CA ARG H 301 -15.18 68.10 4.72
C ARG H 301 -13.85 67.35 4.90
N ARG H 302 -13.25 66.85 3.82
CA ARG H 302 -12.01 66.08 3.95
C ARG H 302 -10.86 67.01 4.37
N TYR H 303 -10.91 68.31 4.00
CA TYR H 303 -9.71 69.19 4.18
C TYR H 303 -9.87 70.23 5.32
N SER H 304 -10.89 70.08 6.16
CA SER H 304 -11.03 70.87 7.39
C SER H 304 -9.82 70.59 8.29
N ARG H 305 -9.23 71.67 8.82
CA ARG H 305 -8.24 71.62 9.91
C ARG H 305 -6.78 71.76 9.42
N MET H 306 -6.46 71.59 8.12
CA MET H 306 -5.04 71.66 7.63
C MET H 306 -4.87 72.84 6.64
N LYS H 307 -3.88 72.81 5.73
CA LYS H 307 -3.92 73.67 4.52
C LYS H 307 -5.27 73.45 3.84
N THR H 308 -6.19 74.42 3.94
CA THR H 308 -7.62 74.19 3.80
C THR H 308 -7.98 74.16 2.31
N LYS H 309 -9.03 73.40 1.99
CA LYS H 309 -9.75 73.53 0.74
C LYS H 309 -10.70 74.71 0.92
N MET H 310 -10.16 75.91 0.64
CA MET H 310 -10.56 77.18 1.30
C MET H 310 -11.84 77.74 0.68
N VAL H 311 -11.85 77.82 -0.64
CA VAL H 311 -13.03 78.19 -1.34
C VAL H 311 -14.09 77.12 -0.99
N LYS H 312 -15.37 77.49 -1.05
CA LYS H 312 -16.46 76.52 -0.85
C LYS H 312 -16.33 75.39 -1.89
N LYS H 313 -16.09 75.75 -3.16
CA LYS H 313 -15.58 74.80 -4.15
C LYS H 313 -14.05 74.82 -4.10
N GLY H 314 -13.38 74.40 -5.18
CA GLY H 314 -11.93 74.42 -5.23
C GLY H 314 -11.37 75.74 -5.74
N VAL H 315 -10.04 75.80 -5.73
CA VAL H 315 -9.21 76.64 -6.60
C VAL H 315 -9.27 76.05 -8.01
N LEU H 316 -8.97 76.85 -9.03
CA LEU H 316 -8.80 76.35 -10.39
C LEU H 316 -7.31 76.21 -10.69
N LYS H 317 -6.94 75.13 -11.40
CA LYS H 317 -5.54 74.73 -11.58
C LYS H 317 -5.05 75.23 -12.95
N LEU H 318 -3.94 75.97 -12.95
CA LEU H 318 -3.37 76.54 -14.16
C LEU H 318 -1.87 76.25 -14.24
N THR H 319 -1.32 76.32 -15.46
CA THR H 319 0.09 76.09 -15.71
C THR H 319 0.64 77.08 -16.76
N LYS H 320 1.87 77.54 -16.50
CA LYS H 320 2.69 78.28 -17.45
C LYS H 320 3.25 77.29 -18.49
N ALA H 321 2.86 77.47 -19.76
CA ALA H 321 3.46 76.75 -20.87
C ALA H 321 3.62 77.70 -22.04
N PRO H 322 4.63 77.53 -22.91
CA PRO H 322 4.70 78.24 -24.18
C PRO H 322 3.34 78.26 -24.89
N LEU H 323 2.87 79.46 -25.23
CA LEU H 323 1.67 79.65 -26.04
C LEU H 323 1.93 79.05 -27.43
N LYS H 324 1.46 77.82 -27.67
CA LYS H 324 1.68 77.17 -28.95
C LYS H 324 0.61 77.65 -29.94
N THR H 325 -0.66 77.41 -29.58
CA THR H 325 -1.78 78.18 -30.07
C THR H 325 -1.77 78.35 -31.60
N VAL H 326 -1.34 77.31 -32.32
CA VAL H 326 -1.11 77.40 -33.74
C VAL H 326 -2.29 76.85 -34.54
N LYS H 327 -3.27 76.23 -33.88
CA LYS H 327 -4.29 75.43 -34.58
C LYS H 327 -5.07 76.35 -35.53
N ILE H 328 -5.27 75.90 -36.78
CA ILE H 328 -5.73 76.75 -37.88
C ILE H 328 -7.13 76.34 -38.33
N PRO H 329 -8.19 77.08 -37.92
CA PRO H 329 -9.55 76.96 -38.43
C PRO H 329 -9.93 78.28 -39.13
N SER H 330 -9.28 78.53 -40.28
CA SER H 330 -9.37 79.78 -41.03
C SER H 330 -8.86 80.96 -40.20
N GLY H 331 -7.79 80.76 -39.42
CA GLY H 331 -7.09 81.86 -38.74
C GLY H 331 -6.30 81.41 -37.53
N ASN H 332 -6.01 82.35 -36.61
CA ASN H 332 -5.42 82.03 -35.32
C ASN H 332 -6.55 81.61 -34.37
N HIS H 333 -6.56 80.32 -34.00
CA HIS H 333 -7.54 79.73 -33.07
C HIS H 333 -6.96 79.71 -31.66
N SER H 334 -5.94 80.56 -31.43
CA SER H 334 -4.91 80.39 -30.39
C SER H 334 -5.47 79.70 -29.15
N LEU H 335 -4.91 78.52 -28.80
CA LEU H 335 -5.47 77.53 -27.85
C LEU H 335 -6.08 78.24 -26.65
N VAL H 336 -5.22 78.93 -25.90
CA VAL H 336 -5.62 79.67 -24.73
C VAL H 336 -6.11 81.06 -25.15
N LYS H 337 -7.08 81.60 -24.39
CA LYS H 337 -7.62 82.94 -24.60
C LYS H 337 -6.65 84.02 -24.09
N ASN H 338 -6.12 83.83 -22.87
CA ASN H 338 -5.43 84.85 -22.07
C ASN H 338 -4.06 85.23 -22.66
N HIS H 339 -3.33 86.12 -21.97
CA HIS H 339 -2.04 86.70 -22.45
C HIS H 339 -0.87 86.45 -21.48
N GLU H 340 -1.10 85.82 -20.32
CA GLU H 340 -0.02 85.57 -19.34
C GLU H 340 0.52 84.13 -19.46
N SER H 341 0.27 83.48 -20.62
CA SER H 341 0.68 82.10 -20.99
C SER H 341 0.02 81.08 -20.06
N PHE H 342 -1.30 81.11 -19.91
CA PHE H 342 -1.96 80.24 -18.91
C PHE H 342 -2.87 79.21 -19.58
N TYR H 343 -2.37 77.97 -19.69
CA TYR H 343 -3.21 76.82 -20.00
C TYR H 343 -3.80 76.27 -18.69
N GLU H 344 -4.89 75.50 -18.83
CA GLU H 344 -5.56 74.81 -17.70
C GLU H 344 -5.07 73.34 -17.64
N MET H 345 -4.33 72.99 -16.57
CA MET H 345 -3.50 71.78 -16.55
C MET H 345 -4.32 70.51 -16.75
N GLY H 346 -3.78 69.59 -17.55
CA GLY H 346 -4.38 68.29 -17.80
C GLY H 346 -5.68 68.42 -18.53
N LYS H 347 -5.74 69.42 -19.41
CA LYS H 347 -6.87 69.62 -20.28
C LYS H 347 -6.50 69.08 -21.64
N ALA H 348 -7.28 68.13 -22.15
CA ALA H 348 -7.08 67.70 -23.50
C ALA H 348 -8.41 67.42 -24.18
N ASN H 349 -8.38 67.24 -25.49
CA ASN H 349 -9.58 66.92 -26.25
C ASN H 349 -9.30 65.72 -27.16
N PHE H 350 -10.36 65.13 -27.74
CA PHE H 350 -10.21 63.88 -28.49
C PHE H 350 -11.27 63.75 -29.59
N MET H 351 -11.04 62.81 -30.51
CA MET H 351 -12.08 62.40 -31.47
C MET H 351 -12.08 60.87 -31.57
N ILE H 352 -13.27 60.25 -31.55
CA ILE H 352 -13.41 58.80 -31.52
C ILE H 352 -14.08 58.34 -32.83
N LYS H 353 -13.70 57.14 -33.26
CA LYS H 353 -14.05 56.59 -34.57
C LYS H 353 -14.66 55.20 -34.40
N GLU H 354 -15.02 54.58 -35.52
CA GLU H 354 -15.33 53.15 -35.58
C GLU H 354 -14.71 52.59 -36.85
N ILE H 355 -14.02 51.45 -36.71
CA ILE H 355 -13.16 50.95 -37.76
C ILE H 355 -13.96 50.01 -38.68
N ASP H 356 -14.12 48.75 -38.24
CA ASP H 356 -14.74 47.70 -39.02
C ASP H 356 -14.27 46.34 -38.48
N LYS H 357 -15.08 45.31 -38.76
CA LYS H 357 -14.79 43.91 -38.44
C LYS H 357 -14.18 43.77 -37.04
#